data_1HRP
# 
_entry.id   1HRP 
# 
_audit_conform.dict_name       mmcif_pdbx.dic 
_audit_conform.dict_version    5.398 
_audit_conform.dict_location   http://mmcif.pdb.org/dictionaries/ascii/mmcif_pdbx.dic 
# 
loop_
_database_2.database_id 
_database_2.database_code 
_database_2.pdbx_database_accession 
_database_2.pdbx_DOI 
PDB   1HRP         pdb_00001hrp 10.2210/pdb1hrp/pdb 
WWPDB D_1000173981 ?            ?                   
# 
loop_
_pdbx_audit_revision_history.ordinal 
_pdbx_audit_revision_history.data_content_type 
_pdbx_audit_revision_history.major_revision 
_pdbx_audit_revision_history.minor_revision 
_pdbx_audit_revision_history.revision_date 
1 'Structure model' 1 0 1994-11-01 
2 'Structure model' 1 1 2008-03-03 
3 'Structure model' 1 2 2011-07-13 
4 'Structure model' 2 0 2020-07-29 
5 'Structure model' 2 1 2024-10-30 
# 
loop_
_pdbx_audit_revision_details.ordinal 
_pdbx_audit_revision_details.revision_ordinal 
_pdbx_audit_revision_details.data_content_type 
_pdbx_audit_revision_details.provider 
_pdbx_audit_revision_details.type 
_pdbx_audit_revision_details.description 
_pdbx_audit_revision_details.details 
1 1 'Structure model' repository 'Initial release' ?                          ? 
2 4 'Structure model' repository Remediation       'Carbohydrate remediation' ? 
# 
loop_
_pdbx_audit_revision_group.ordinal 
_pdbx_audit_revision_group.revision_ordinal 
_pdbx_audit_revision_group.data_content_type 
_pdbx_audit_revision_group.group 
1  2 'Structure model' 'Version format compliance' 
2  3 'Structure model' 'Non-polymer description'   
3  3 'Structure model' 'Version format compliance' 
4  4 'Structure model' 'Atomic model'              
5  4 'Structure model' 'Data collection'           
6  4 'Structure model' 'Database references'       
7  4 'Structure model' 'Derived calculations'      
8  4 'Structure model' Other                       
9  4 'Structure model' 'Structure summary'         
10 5 'Structure model' 'Data collection'           
11 5 'Structure model' 'Database references'       
12 5 'Structure model' 'Structure summary'         
# 
loop_
_pdbx_audit_revision_category.ordinal 
_pdbx_audit_revision_category.revision_ordinal 
_pdbx_audit_revision_category.data_content_type 
_pdbx_audit_revision_category.category 
1  4 'Structure model' atom_site                     
2  4 'Structure model' chem_comp                     
3  4 'Structure model' entity                        
4  4 'Structure model' pdbx_branch_scheme            
5  4 'Structure model' pdbx_chem_comp_identifier     
6  4 'Structure model' pdbx_database_status          
7  4 'Structure model' pdbx_entity_branch            
8  4 'Structure model' pdbx_entity_branch_descriptor 
9  4 'Structure model' pdbx_entity_branch_link       
10 4 'Structure model' pdbx_entity_branch_list       
11 4 'Structure model' pdbx_entity_nonpoly           
12 4 'Structure model' pdbx_nonpoly_scheme           
13 4 'Structure model' pdbx_struct_assembly_gen      
14 4 'Structure model' struct_asym                   
15 4 'Structure model' struct_conn                   
16 4 'Structure model' struct_ref_seq_dif            
17 4 'Structure model' struct_site                   
18 4 'Structure model' struct_site_gen               
19 5 'Structure model' chem_comp                     
20 5 'Structure model' chem_comp_atom                
21 5 'Structure model' chem_comp_bond                
22 5 'Structure model' database_2                    
23 5 'Structure model' pdbx_entry_details            
24 5 'Structure model' pdbx_modification_feature     
# 
loop_
_pdbx_audit_revision_item.ordinal 
_pdbx_audit_revision_item.revision_ordinal 
_pdbx_audit_revision_item.data_content_type 
_pdbx_audit_revision_item.item 
1  4 'Structure model' '_atom_site.auth_asym_id'                
2  4 'Structure model' '_atom_site.auth_seq_id'                 
3  4 'Structure model' '_atom_site.label_asym_id'               
4  4 'Structure model' '_atom_site.label_entity_id'             
5  4 'Structure model' '_chem_comp.name'                        
6  4 'Structure model' '_chem_comp.type'                        
7  4 'Structure model' '_pdbx_database_status.process_site'     
8  4 'Structure model' '_pdbx_entity_nonpoly.entity_id'         
9  4 'Structure model' '_pdbx_entity_nonpoly.name'              
10 4 'Structure model' '_pdbx_struct_assembly_gen.asym_id_list' 
11 4 'Structure model' '_struct_conn.pdbx_leaving_atom_flag'    
12 4 'Structure model' '_struct_conn.pdbx_role'                 
13 4 'Structure model' '_struct_conn.ptnr1_auth_asym_id'        
14 4 'Structure model' '_struct_conn.ptnr1_auth_seq_id'         
15 4 'Structure model' '_struct_conn.ptnr1_label_asym_id'       
16 4 'Structure model' '_struct_conn.ptnr2_auth_asym_id'        
17 4 'Structure model' '_struct_conn.ptnr2_auth_seq_id'         
18 4 'Structure model' '_struct_conn.ptnr2_label_asym_id'       
19 4 'Structure model' '_struct_ref_seq_dif.details'            
20 5 'Structure model' '_chem_comp.pdbx_synonyms'               
21 5 'Structure model' '_database_2.pdbx_DOI'                   
22 5 'Structure model' '_database_2.pdbx_database_accession'    
# 
_pdbx_database_status.status_code                     REL 
_pdbx_database_status.entry_id                        1HRP 
_pdbx_database_status.recvd_initial_deposition_date   1994-08-15 
_pdbx_database_status.deposit_site                    ? 
_pdbx_database_status.process_site                    BNL 
_pdbx_database_status.SG_entry                        . 
_pdbx_database_status.pdb_format_compatible           Y 
_pdbx_database_status.status_code_mr                  ? 
_pdbx_database_status.status_code_sf                  ? 
_pdbx_database_status.status_code_cs                  ? 
_pdbx_database_status.status_code_nmr_data            ? 
_pdbx_database_status.methods_development_category    ? 
# 
loop_
_audit_author.name 
_audit_author.pdbx_ordinal 
'Lapthorn, A.J.' 1 
'Harris, D.C.'   2 
'Isaacs, N.W.'   3 
# 
loop_
_citation.id 
_citation.title 
_citation.journal_abbrev 
_citation.journal_volume 
_citation.page_first 
_citation.page_last 
_citation.year 
_citation.journal_id_ASTM 
_citation.country 
_citation.journal_id_ISSN 
_citation.journal_id_CSD 
_citation.book_publisher 
_citation.pdbx_database_id_PubMed 
_citation.pdbx_database_id_DOI 
primary 'Crystal structure of human chorionic gonadotropin.'                     Nature       369 455  461 1994 NATUAS UK 
0028-0836 0006 ? 8202136 10.1038/369455a0 
1       'Preliminary X-Ray Diffraction Analysis of Human Chorionic Gonadotropin' J.Biol.Chem. 264 6705 ?   1989 JBCHA3 US 
0021-9258 0071 ? ?       ?                
# 
loop_
_citation_author.citation_id 
_citation_author.name 
_citation_author.ordinal 
_citation_author.identifier_ORCID 
primary 'Lapthorn, A.J.'  1  ? 
primary 'Harris, D.C.'    2  ? 
primary 'Littlejohn, A.'  3  ? 
primary 'Lustbader, J.W.' 4  ? 
primary 'Canfield, R.E.'  5  ? 
primary 'Machin, K.J.'    6  ? 
primary 'Morgan, F.J.'    7  ? 
primary 'Isaacs, N.W.'    8  ? 
1       'Harris, D.C.'    9  ? 
1       'Machin, K.J.'    10 ? 
1       'Evin, G.M.'      11 ? 
1       'Morgan, F.J.'    12 ? 
1       'Isaacs, N.W.'    13 ? 
# 
loop_
_entity.id 
_entity.type 
_entity.src_method 
_entity.pdbx_description 
_entity.formula_weight 
_entity.pdbx_number_of_molecules 
_entity.pdbx_ec 
_entity.pdbx_mutation 
_entity.pdbx_fragment 
_entity.details 
1 polymer     man 'HUMAN CHORIONIC GONADOTROPIN'                                                            10219.741 1 ? ? ? ? 
2 polymer     man 'HUMAN CHORIONIC GONADOTROPIN'                                                            15548.979 1 ? ? ? ? 
3 branched    man '2-acetamido-2-deoxy-beta-D-glucopyranose-(1-4)-2-acetamido-2-deoxy-beta-D-glucopyranose' 424.401   2 ? ? ? ? 
4 non-polymer man 2-acetamido-2-deoxy-beta-D-glucopyranose                                                  221.208   2 ? ? ? ? 
# 
loop_
_entity_poly.entity_id 
_entity_poly.type 
_entity_poly.nstd_linkage 
_entity_poly.nstd_monomer 
_entity_poly.pdbx_seq_one_letter_code 
_entity_poly.pdbx_seq_one_letter_code_can 
_entity_poly.pdbx_strand_id 
_entity_poly.pdbx_target_identifier 
1 'polypeptide(L)' no no 
;APDTQDCPECTLQENPFFSQPGAPILQCMGCCFSRAYPTPLRSKKTMLVQKNVTSESTCCVAKSYNRVTVMGGFKVENHT
ACHCSTCYYHKS
;
;APDTQDCPECTLQENPFFSQPGAPILQCMGCCFSRAYPTPLRSKKTMLVQKNVTSESTCCVAKSYNRVTVMGGFKVENHT
ACHCSTCYYHKS
;
A ? 
2 'polypeptide(L)' no no 
;SKEPLRPRCRPINATLAVEKEGCPVCITVNTTICAGYCPTMTRVLQGVLPALPQVVCNYRDVRFESIRLPGCPRGVNPVV
SYAVALSCQCALCRRSTTDCGGPKDHPLTCDDPRFQDSSSSKAPPPSLPSPSRLPGPSDTPILPQ
;
;SKEPLRPRCRPINATLAVEKEGCPVCITVNTTICAGYCPTMTRVLQGVLPALPQVVCNYRDVRFESIRLPGCPRGVNPVV
SYAVALSCQCALCRRSTTDCGGPKDHPLTCDDPRFQDSSSSKAPPPSLPSPSRLPGPSDTPILPQ
;
B ? 
# 
_pdbx_entity_nonpoly.entity_id   4 
_pdbx_entity_nonpoly.name        2-acetamido-2-deoxy-beta-D-glucopyranose 
_pdbx_entity_nonpoly.comp_id     NAG 
# 
loop_
_entity_poly_seq.entity_id 
_entity_poly_seq.num 
_entity_poly_seq.mon_id 
_entity_poly_seq.hetero 
1 1   ALA n 
1 2   PRO n 
1 3   ASP n 
1 4   THR n 
1 5   GLN n 
1 6   ASP n 
1 7   CYS n 
1 8   PRO n 
1 9   GLU n 
1 10  CYS n 
1 11  THR n 
1 12  LEU n 
1 13  GLN n 
1 14  GLU n 
1 15  ASN n 
1 16  PRO n 
1 17  PHE n 
1 18  PHE n 
1 19  SER n 
1 20  GLN n 
1 21  PRO n 
1 22  GLY n 
1 23  ALA n 
1 24  PRO n 
1 25  ILE n 
1 26  LEU n 
1 27  GLN n 
1 28  CYS n 
1 29  MET n 
1 30  GLY n 
1 31  CYS n 
1 32  CYS n 
1 33  PHE n 
1 34  SER n 
1 35  ARG n 
1 36  ALA n 
1 37  TYR n 
1 38  PRO n 
1 39  THR n 
1 40  PRO n 
1 41  LEU n 
1 42  ARG n 
1 43  SER n 
1 44  LYS n 
1 45  LYS n 
1 46  THR n 
1 47  MET n 
1 48  LEU n 
1 49  VAL n 
1 50  GLN n 
1 51  LYS n 
1 52  ASN n 
1 53  VAL n 
1 54  THR n 
1 55  SER n 
1 56  GLU n 
1 57  SER n 
1 58  THR n 
1 59  CYS n 
1 60  CYS n 
1 61  VAL n 
1 62  ALA n 
1 63  LYS n 
1 64  SER n 
1 65  TYR n 
1 66  ASN n 
1 67  ARG n 
1 68  VAL n 
1 69  THR n 
1 70  VAL n 
1 71  MET n 
1 72  GLY n 
1 73  GLY n 
1 74  PHE n 
1 75  LYS n 
1 76  VAL n 
1 77  GLU n 
1 78  ASN n 
1 79  HIS n 
1 80  THR n 
1 81  ALA n 
1 82  CYS n 
1 83  HIS n 
1 84  CYS n 
1 85  SER n 
1 86  THR n 
1 87  CYS n 
1 88  TYR n 
1 89  TYR n 
1 90  HIS n 
1 91  LYS n 
1 92  SER n 
2 1   SER n 
2 2   LYS n 
2 3   GLU n 
2 4   PRO n 
2 5   LEU n 
2 6   ARG n 
2 7   PRO n 
2 8   ARG n 
2 9   CYS n 
2 10  ARG n 
2 11  PRO n 
2 12  ILE n 
2 13  ASN n 
2 14  ALA n 
2 15  THR n 
2 16  LEU n 
2 17  ALA n 
2 18  VAL n 
2 19  GLU n 
2 20  LYS n 
2 21  GLU n 
2 22  GLY n 
2 23  CYS n 
2 24  PRO n 
2 25  VAL n 
2 26  CYS n 
2 27  ILE n 
2 28  THR n 
2 29  VAL n 
2 30  ASN n 
2 31  THR n 
2 32  THR n 
2 33  ILE n 
2 34  CYS n 
2 35  ALA n 
2 36  GLY n 
2 37  TYR n 
2 38  CYS n 
2 39  PRO n 
2 40  THR n 
2 41  MET n 
2 42  THR n 
2 43  ARG n 
2 44  VAL n 
2 45  LEU n 
2 46  GLN n 
2 47  GLY n 
2 48  VAL n 
2 49  LEU n 
2 50  PRO n 
2 51  ALA n 
2 52  LEU n 
2 53  PRO n 
2 54  GLN n 
2 55  VAL n 
2 56  VAL n 
2 57  CYS n 
2 58  ASN n 
2 59  TYR n 
2 60  ARG n 
2 61  ASP n 
2 62  VAL n 
2 63  ARG n 
2 64  PHE n 
2 65  GLU n 
2 66  SER n 
2 67  ILE n 
2 68  ARG n 
2 69  LEU n 
2 70  PRO n 
2 71  GLY n 
2 72  CYS n 
2 73  PRO n 
2 74  ARG n 
2 75  GLY n 
2 76  VAL n 
2 77  ASN n 
2 78  PRO n 
2 79  VAL n 
2 80  VAL n 
2 81  SER n 
2 82  TYR n 
2 83  ALA n 
2 84  VAL n 
2 85  ALA n 
2 86  LEU n 
2 87  SER n 
2 88  CYS n 
2 89  GLN n 
2 90  CYS n 
2 91  ALA n 
2 92  LEU n 
2 93  CYS n 
2 94  ARG n 
2 95  ARG n 
2 96  SER n 
2 97  THR n 
2 98  THR n 
2 99  ASP n 
2 100 CYS n 
2 101 GLY n 
2 102 GLY n 
2 103 PRO n 
2 104 LYS n 
2 105 ASP n 
2 106 HIS n 
2 107 PRO n 
2 108 LEU n 
2 109 THR n 
2 110 CYS n 
2 111 ASP n 
2 112 ASP n 
2 113 PRO n 
2 114 ARG n 
2 115 PHE n 
2 116 GLN n 
2 117 ASP n 
2 118 SER n 
2 119 SER n 
2 120 SER n 
2 121 SER n 
2 122 LYS n 
2 123 ALA n 
2 124 PRO n 
2 125 PRO n 
2 126 PRO n 
2 127 SER n 
2 128 LEU n 
2 129 PRO n 
2 130 SER n 
2 131 PRO n 
2 132 SER n 
2 133 ARG n 
2 134 LEU n 
2 135 PRO n 
2 136 GLY n 
2 137 PRO n 
2 138 SER n 
2 139 ASP n 
2 140 THR n 
2 141 PRO n 
2 142 ILE n 
2 143 LEU n 
2 144 PRO n 
2 145 GLN n 
# 
_entity_src_gen.entity_id                          1 
_entity_src_gen.pdbx_src_id                        1 
_entity_src_gen.pdbx_alt_source_flag               sample 
_entity_src_gen.pdbx_seq_type                      ? 
_entity_src_gen.pdbx_beg_seq_num                   ? 
_entity_src_gen.pdbx_end_seq_num                   ? 
_entity_src_gen.gene_src_common_name               human 
_entity_src_gen.gene_src_genus                     ? 
_entity_src_gen.pdbx_gene_src_gene                 ? 
_entity_src_gen.gene_src_species                   ? 
_entity_src_gen.gene_src_strain                    ? 
_entity_src_gen.gene_src_tissue                    placenta 
_entity_src_gen.gene_src_tissue_fraction           ? 
_entity_src_gen.gene_src_details                   ? 
_entity_src_gen.pdbx_gene_src_fragment             ? 
_entity_src_gen.pdbx_gene_src_scientific_name      'Homo sapiens' 
_entity_src_gen.pdbx_gene_src_ncbi_taxonomy_id     9606 
_entity_src_gen.pdbx_gene_src_variant              ? 
_entity_src_gen.pdbx_gene_src_cell_line            ? 
_entity_src_gen.pdbx_gene_src_atcc                 ? 
_entity_src_gen.pdbx_gene_src_organ                ? 
_entity_src_gen.pdbx_gene_src_organelle            ? 
_entity_src_gen.pdbx_gene_src_cell                 ? 
_entity_src_gen.pdbx_gene_src_cellular_location    ? 
_entity_src_gen.host_org_common_name               ? 
_entity_src_gen.pdbx_host_org_scientific_name      ? 
_entity_src_gen.pdbx_host_org_ncbi_taxonomy_id     ? 
_entity_src_gen.host_org_genus                     ? 
_entity_src_gen.pdbx_host_org_gene                 ? 
_entity_src_gen.pdbx_host_org_organ                ? 
_entity_src_gen.host_org_species                   ? 
_entity_src_gen.pdbx_host_org_tissue               ? 
_entity_src_gen.pdbx_host_org_tissue_fraction      ? 
_entity_src_gen.pdbx_host_org_strain               ? 
_entity_src_gen.pdbx_host_org_variant              ? 
_entity_src_gen.pdbx_host_org_cell_line            ? 
_entity_src_gen.pdbx_host_org_atcc                 ? 
_entity_src_gen.pdbx_host_org_culture_collection   ? 
_entity_src_gen.pdbx_host_org_cell                 ? 
_entity_src_gen.pdbx_host_org_organelle            ? 
_entity_src_gen.pdbx_host_org_cellular_location    ? 
_entity_src_gen.pdbx_host_org_vector_type          ? 
_entity_src_gen.pdbx_host_org_vector               ? 
_entity_src_gen.host_org_details                   ? 
_entity_src_gen.expression_system_id               ? 
_entity_src_gen.plasmid_name                       ? 
_entity_src_gen.plasmid_details                    ? 
_entity_src_gen.pdbx_description                   ? 
# 
_pdbx_entity_branch.entity_id   3 
_pdbx_entity_branch.type        oligosaccharide 
# 
loop_
_pdbx_entity_branch_descriptor.ordinal 
_pdbx_entity_branch_descriptor.entity_id 
_pdbx_entity_branch_descriptor.descriptor 
_pdbx_entity_branch_descriptor.type 
_pdbx_entity_branch_descriptor.program 
_pdbx_entity_branch_descriptor.program_version 
1 3 DGlcpNAcb1-4DGlcpNAcb1-                               'Glycam Condensed Sequence' GMML       1.0   
2 3 'WURCS=2.0/1,2,1/[a2122h-1b_1-5_2*NCC/3=O]/1-1/a4-b1' WURCS                       PDB2Glycan 1.1.0 
3 3 '[]{[(4+1)][b-D-GlcpNAc]{[(4+1)][b-D-GlcpNAc]{}}}'    LINUCS                      PDB-CARE   ?     
# 
_pdbx_entity_branch_link.link_id                    1 
_pdbx_entity_branch_link.entity_id                  3 
_pdbx_entity_branch_link.entity_branch_list_num_1   2 
_pdbx_entity_branch_link.comp_id_1                  NAG 
_pdbx_entity_branch_link.atom_id_1                  C1 
_pdbx_entity_branch_link.leaving_atom_id_1          O1 
_pdbx_entity_branch_link.entity_branch_list_num_2   1 
_pdbx_entity_branch_link.comp_id_2                  NAG 
_pdbx_entity_branch_link.atom_id_2                  O4 
_pdbx_entity_branch_link.leaving_atom_id_2          HO4 
_pdbx_entity_branch_link.value_order                sing 
_pdbx_entity_branch_link.details                    ? 
# 
loop_
_chem_comp.id 
_chem_comp.type 
_chem_comp.mon_nstd_flag 
_chem_comp.name 
_chem_comp.pdbx_synonyms 
_chem_comp.formula 
_chem_comp.formula_weight 
ALA 'L-peptide linking'          y ALANINE                                  ? 'C3 H7 N O2'     89.093  
ARG 'L-peptide linking'          y ARGININE                                 ? 'C6 H15 N4 O2 1' 175.209 
ASN 'L-peptide linking'          y ASPARAGINE                               ? 'C4 H8 N2 O3'    132.118 
ASP 'L-peptide linking'          y 'ASPARTIC ACID'                          ? 'C4 H7 N O4'     133.103 
CYS 'L-peptide linking'          y CYSTEINE                                 ? 'C3 H7 N O2 S'   121.158 
GLN 'L-peptide linking'          y GLUTAMINE                                ? 'C5 H10 N2 O3'   146.144 
GLU 'L-peptide linking'          y 'GLUTAMIC ACID'                          ? 'C5 H9 N O4'     147.129 
GLY 'peptide linking'            y GLYCINE                                  ? 'C2 H5 N O2'     75.067  
HIS 'L-peptide linking'          y HISTIDINE                                ? 'C6 H10 N3 O2 1' 156.162 
ILE 'L-peptide linking'          y ISOLEUCINE                               ? 'C6 H13 N O2'    131.173 
LEU 'L-peptide linking'          y LEUCINE                                  ? 'C6 H13 N O2'    131.173 
LYS 'L-peptide linking'          y LYSINE                                   ? 'C6 H15 N2 O2 1' 147.195 
MET 'L-peptide linking'          y METHIONINE                               ? 'C5 H11 N O2 S'  149.211 
NAG 'D-saccharide, beta linking' . 2-acetamido-2-deoxy-beta-D-glucopyranose 
;N-acetyl-beta-D-glucosamine; 2-acetamido-2-deoxy-beta-D-glucose; 2-acetamido-2-deoxy-D-glucose; 2-acetamido-2-deoxy-glucose; N-ACETYL-D-GLUCOSAMINE
;
'C8 H15 N O6'    221.208 
PHE 'L-peptide linking'          y PHENYLALANINE                            ? 'C9 H11 N O2'    165.189 
PRO 'L-peptide linking'          y PROLINE                                  ? 'C5 H9 N O2'     115.130 
SER 'L-peptide linking'          y SERINE                                   ? 'C3 H7 N O3'     105.093 
THR 'L-peptide linking'          y THREONINE                                ? 'C4 H9 N O3'     119.119 
TYR 'L-peptide linking'          y TYROSINE                                 ? 'C9 H11 N O3'    181.189 
VAL 'L-peptide linking'          y VALINE                                   ? 'C5 H11 N O2'    117.146 
# 
loop_
_pdbx_chem_comp_identifier.comp_id 
_pdbx_chem_comp_identifier.type 
_pdbx_chem_comp_identifier.program 
_pdbx_chem_comp_identifier.program_version 
_pdbx_chem_comp_identifier.identifier 
NAG 'CONDENSED IUPAC CARBOHYDRATE SYMBOL' GMML     1.0 DGlcpNAcb                      
NAG 'COMMON NAME'                         GMML     1.0 N-acetyl-b-D-glucopyranosamine 
NAG 'IUPAC CARBOHYDRATE SYMBOL'           PDB-CARE 1.0 b-D-GlcpNAc                    
NAG 'SNFG CARBOHYDRATE SYMBOL'            GMML     1.0 GlcNAc                         
# 
loop_
_pdbx_poly_seq_scheme.asym_id 
_pdbx_poly_seq_scheme.entity_id 
_pdbx_poly_seq_scheme.seq_id 
_pdbx_poly_seq_scheme.mon_id 
_pdbx_poly_seq_scheme.ndb_seq_num 
_pdbx_poly_seq_scheme.pdb_seq_num 
_pdbx_poly_seq_scheme.auth_seq_num 
_pdbx_poly_seq_scheme.pdb_mon_id 
_pdbx_poly_seq_scheme.auth_mon_id 
_pdbx_poly_seq_scheme.pdb_strand_id 
_pdbx_poly_seq_scheme.pdb_ins_code 
_pdbx_poly_seq_scheme.hetero 
A 1 1   ALA 1   1   ?   ?   ?   A . n 
A 1 2   PRO 2   2   ?   ?   ?   A . n 
A 1 3   ASP 3   3   ?   ?   ?   A . n 
A 1 4   THR 4   4   4   THR THR A . n 
A 1 5   GLN 5   5   5   GLN GLN A . n 
A 1 6   ASP 6   6   6   ASP ASP A . n 
A 1 7   CYS 7   7   7   CYS CYS A . n 
A 1 8   PRO 8   8   8   PRO PRO A . n 
A 1 9   GLU 9   9   9   GLU GLU A . n 
A 1 10  CYS 10  10  10  CYS CYS A . n 
A 1 11  THR 11  11  11  THR THR A . n 
A 1 12  LEU 12  12  12  LEU LEU A . n 
A 1 13  GLN 13  13  13  GLN GLN A . n 
A 1 14  GLU 14  14  14  GLU GLU A . n 
A 1 15  ASN 15  15  15  ASN ASN A . n 
A 1 16  PRO 16  16  16  PRO PRO A . n 
A 1 17  PHE 17  17  17  PHE PHE A . n 
A 1 18  PHE 18  18  18  PHE PHE A . n 
A 1 19  SER 19  19  19  SER SER A . n 
A 1 20  GLN 20  20  20  GLN GLN A . n 
A 1 21  PRO 21  21  21  PRO PRO A . n 
A 1 22  GLY 22  22  22  GLY GLY A . n 
A 1 23  ALA 23  23  23  ALA ALA A . n 
A 1 24  PRO 24  24  24  PRO PRO A . n 
A 1 25  ILE 25  25  25  ILE ILE A . n 
A 1 26  LEU 26  26  26  LEU LEU A . n 
A 1 27  GLN 27  27  27  GLN GLN A . n 
A 1 28  CYS 28  28  28  CYS CYS A . n 
A 1 29  MET 29  29  29  MET MET A . n 
A 1 30  GLY 30  30  30  GLY GLY A . n 
A 1 31  CYS 31  31  31  CYS CYS A . n 
A 1 32  CYS 32  32  32  CYS CYS A . n 
A 1 33  PHE 33  33  33  PHE PHE A . n 
A 1 34  SER 34  34  34  SER SER A . n 
A 1 35  ARG 35  35  35  ARG ARG A . n 
A 1 36  ALA 36  36  36  ALA ALA A . n 
A 1 37  TYR 37  37  37  TYR TYR A . n 
A 1 38  PRO 38  38  38  PRO PRO A . n 
A 1 39  THR 39  39  39  THR THR A . n 
A 1 40  PRO 40  40  40  PRO PRO A . n 
A 1 41  LEU 41  41  41  LEU LEU A . n 
A 1 42  ARG 42  42  42  ARG ARG A . n 
A 1 43  SER 43  43  43  SER SER A . n 
A 1 44  LYS 44  44  44  LYS LYS A . n 
A 1 45  LYS 45  45  45  LYS LYS A . n 
A 1 46  THR 46  46  46  THR THR A . n 
A 1 47  MET 47  47  47  MET MET A . n 
A 1 48  LEU 48  48  48  LEU LEU A . n 
A 1 49  VAL 49  49  49  VAL VAL A . n 
A 1 50  GLN 50  50  50  GLN GLN A . n 
A 1 51  LYS 51  51  51  LYS LYS A . n 
A 1 52  ASN 52  52  52  ASN ASN A . n 
A 1 53  VAL 53  53  53  VAL VAL A . n 
A 1 54  THR 54  54  54  THR THR A . n 
A 1 55  SER 55  55  55  SER SER A . n 
A 1 56  GLU 56  56  56  GLU GLU A . n 
A 1 57  SER 57  57  57  SER SER A . n 
A 1 58  THR 58  58  58  THR THR A . n 
A 1 59  CYS 59  59  59  CYS CYS A . n 
A 1 60  CYS 60  60  60  CYS CYS A . n 
A 1 61  VAL 61  61  61  VAL VAL A . n 
A 1 62  ALA 62  62  62  ALA ALA A . n 
A 1 63  LYS 63  63  63  LYS LYS A . n 
A 1 64  SER 64  64  64  SER SER A . n 
A 1 65  TYR 65  65  65  TYR TYR A . n 
A 1 66  ASN 66  66  66  ASN ASN A . n 
A 1 67  ARG 67  67  67  ARG ARG A . n 
A 1 68  VAL 68  68  68  VAL VAL A . n 
A 1 69  THR 69  69  69  THR THR A . n 
A 1 70  VAL 70  70  70  VAL VAL A . n 
A 1 71  MET 71  71  71  MET MET A . n 
A 1 72  GLY 72  72  72  GLY GLY A . n 
A 1 73  GLY 73  73  73  GLY GLY A . n 
A 1 74  PHE 74  74  74  PHE PHE A . n 
A 1 75  LYS 75  75  75  LYS LYS A . n 
A 1 76  VAL 76  76  76  VAL VAL A . n 
A 1 77  GLU 77  77  77  GLU GLU A . n 
A 1 78  ASN 78  78  78  ASN ASN A . n 
A 1 79  HIS 79  79  79  HIS HIS A . n 
A 1 80  THR 80  80  80  THR THR A . n 
A 1 81  ALA 81  81  81  ALA ALA A . n 
A 1 82  CYS 82  82  82  CYS CYS A . n 
A 1 83  HIS 83  83  83  HIS HIS A . n 
A 1 84  CYS 84  84  84  CYS CYS A . n 
A 1 85  SER 85  85  85  SER SER A . n 
A 1 86  THR 86  86  86  THR THR A . n 
A 1 87  CYS 87  87  87  CYS CYS A . n 
A 1 88  TYR 88  88  88  TYR TYR A . n 
A 1 89  TYR 89  89  89  TYR TYR A . n 
A 1 90  HIS 90  90  ?   ?   ?   A . n 
A 1 91  LYS 91  91  ?   ?   ?   A . n 
A 1 92  SER 92  92  ?   ?   ?   A . n 
B 2 1   SER 1   1   ?   ?   ?   B . n 
B 2 2   LYS 2   2   2   LYS LYS B . n 
B 2 3   GLU 3   3   3   GLU GLU B . n 
B 2 4   PRO 4   4   4   PRO PRO B . n 
B 2 5   LEU 5   5   5   LEU LEU B . n 
B 2 6   ARG 6   6   6   ARG ARG B . n 
B 2 7   PRO 7   7   7   PRO PRO B . n 
B 2 8   ARG 8   8   8   ARG ARG B . n 
B 2 9   CYS 9   9   9   CYS CYS B . n 
B 2 10  ARG 10  10  10  ARG ARG B . n 
B 2 11  PRO 11  11  11  PRO PRO B . n 
B 2 12  ILE 12  12  12  ILE ILE B . n 
B 2 13  ASN 13  13  13  ASN ASN B . n 
B 2 14  ALA 14  14  14  ALA ALA B . n 
B 2 15  THR 15  15  15  THR THR B . n 
B 2 16  LEU 16  16  16  LEU LEU B . n 
B 2 17  ALA 17  17  17  ALA ALA B . n 
B 2 18  VAL 18  18  18  VAL VAL B . n 
B 2 19  GLU 19  19  19  GLU GLU B . n 
B 2 20  LYS 20  20  20  LYS LYS B . n 
B 2 21  GLU 21  21  21  GLU GLU B . n 
B 2 22  GLY 22  22  22  GLY GLY B . n 
B 2 23  CYS 23  23  23  CYS CYS B . n 
B 2 24  PRO 24  24  24  PRO PRO B . n 
B 2 25  VAL 25  25  25  VAL VAL B . n 
B 2 26  CYS 26  26  26  CYS CYS B . n 
B 2 27  ILE 27  27  27  ILE ILE B . n 
B 2 28  THR 28  28  28  THR THR B . n 
B 2 29  VAL 29  29  29  VAL VAL B . n 
B 2 30  ASN 30  30  30  ASN ASN B . n 
B 2 31  THR 31  31  31  THR THR B . n 
B 2 32  THR 32  32  32  THR THR B . n 
B 2 33  ILE 33  33  33  ILE ILE B . n 
B 2 34  CYS 34  34  34  CYS CYS B . n 
B 2 35  ALA 35  35  35  ALA ALA B . n 
B 2 36  GLY 36  36  36  GLY GLY B . n 
B 2 37  TYR 37  37  37  TYR TYR B . n 
B 2 38  CYS 38  38  38  CYS CYS B . n 
B 2 39  PRO 39  39  39  PRO PRO B . n 
B 2 40  THR 40  40  40  THR THR B . n 
B 2 41  MET 41  41  41  MET MET B . n 
B 2 42  THR 42  42  42  THR THR B . n 
B 2 43  ARG 43  43  43  ARG ARG B . n 
B 2 44  VAL 44  44  44  VAL VAL B . n 
B 2 45  LEU 45  45  45  LEU LEU B . n 
B 2 46  GLN 46  46  46  GLN GLN B . n 
B 2 47  GLY 47  47  47  GLY GLY B . n 
B 2 48  VAL 48  48  48  VAL VAL B . n 
B 2 49  LEU 49  49  49  LEU LEU B . n 
B 2 50  PRO 50  50  50  PRO PRO B . n 
B 2 51  ALA 51  51  51  ALA ALA B . n 
B 2 52  LEU 52  52  52  LEU LEU B . n 
B 2 53  PRO 53  53  53  PRO PRO B . n 
B 2 54  GLN 54  54  54  GLN GLN B . n 
B 2 55  VAL 55  55  55  VAL VAL B . n 
B 2 56  VAL 56  56  56  VAL VAL B . n 
B 2 57  CYS 57  57  57  CYS CYS B . n 
B 2 58  ASN 58  58  58  ASN ASN B . n 
B 2 59  TYR 59  59  59  TYR TYR B . n 
B 2 60  ARG 60  60  60  ARG ARG B . n 
B 2 61  ASP 61  61  61  ASP ASP B . n 
B 2 62  VAL 62  62  62  VAL VAL B . n 
B 2 63  ARG 63  63  63  ARG ARG B . n 
B 2 64  PHE 64  64  64  PHE PHE B . n 
B 2 65  GLU 65  65  65  GLU GLU B . n 
B 2 66  SER 66  66  66  SER SER B . n 
B 2 67  ILE 67  67  67  ILE ILE B . n 
B 2 68  ARG 68  68  68  ARG ARG B . n 
B 2 69  LEU 69  69  69  LEU LEU B . n 
B 2 70  PRO 70  70  70  PRO PRO B . n 
B 2 71  GLY 71  71  71  GLY GLY B . n 
B 2 72  CYS 72  72  72  CYS CYS B . n 
B 2 73  PRO 73  73  73  PRO PRO B . n 
B 2 74  ARG 74  74  74  ARG ARG B . n 
B 2 75  GLY 75  75  75  GLY GLY B . n 
B 2 76  VAL 76  76  76  VAL VAL B . n 
B 2 77  ASN 77  77  77  ASN ASN B . n 
B 2 78  PRO 78  78  78  PRO PRO B . n 
B 2 79  VAL 79  79  79  VAL VAL B . n 
B 2 80  VAL 80  80  80  VAL VAL B . n 
B 2 81  SER 81  81  81  SER SER B . n 
B 2 82  TYR 82  82  82  TYR TYR B . n 
B 2 83  ALA 83  83  83  ALA ALA B . n 
B 2 84  VAL 84  84  84  VAL VAL B . n 
B 2 85  ALA 85  85  85  ALA ALA B . n 
B 2 86  LEU 86  86  86  LEU LEU B . n 
B 2 87  SER 87  87  87  SER SER B . n 
B 2 88  CYS 88  88  88  CYS CYS B . n 
B 2 89  GLN 89  89  89  GLN GLN B . n 
B 2 90  CYS 90  90  90  CYS CYS B . n 
B 2 91  ALA 91  91  91  ALA ALA B . n 
B 2 92  LEU 92  92  92  LEU LEU B . n 
B 2 93  CYS 93  93  93  CYS CYS B . n 
B 2 94  ARG 94  94  94  ARG ARG B . n 
B 2 95  ARG 95  95  95  ARG ARG B . n 
B 2 96  SER 96  96  96  SER SER B . n 
B 2 97  THR 97  97  97  THR THR B . n 
B 2 98  THR 98  98  98  THR THR B . n 
B 2 99  ASP 99  99  99  ASP ASP B . n 
B 2 100 CYS 100 100 100 CYS CYS B . n 
B 2 101 GLY 101 101 101 GLY GLY B . n 
B 2 102 GLY 102 102 102 GLY GLY B . n 
B 2 103 PRO 103 103 103 PRO PRO B . n 
B 2 104 LYS 104 104 104 LYS LYS B . n 
B 2 105 ASP 105 105 105 ASP ASP B . n 
B 2 106 HIS 106 106 106 HIS HIS B . n 
B 2 107 PRO 107 107 107 PRO PRO B . n 
B 2 108 LEU 108 108 108 LEU LEU B . n 
B 2 109 THR 109 109 109 THR THR B . n 
B 2 110 CYS 110 110 110 CYS CYS B . n 
B 2 111 ASP 111 111 111 ASP ASP B . n 
B 2 112 ASP 112 112 ?   ?   ?   B . n 
B 2 113 PRO 113 113 ?   ?   ?   B . n 
B 2 114 ARG 114 114 ?   ?   ?   B . n 
B 2 115 PHE 115 115 ?   ?   ?   B . n 
B 2 116 GLN 116 116 ?   ?   ?   B . n 
B 2 117 ASP 117 117 ?   ?   ?   B . n 
B 2 118 SER 118 118 ?   ?   ?   B . n 
B 2 119 SER 119 119 ?   ?   ?   B . n 
B 2 120 SER 120 120 ?   ?   ?   B . n 
B 2 121 SER 121 121 ?   ?   ?   B . n 
B 2 122 LYS 122 122 ?   ?   ?   B . n 
B 2 123 ALA 123 123 ?   ?   ?   B . n 
B 2 124 PRO 124 124 ?   ?   ?   B . n 
B 2 125 PRO 125 125 ?   ?   ?   B . n 
B 2 126 PRO 126 126 ?   ?   ?   B . n 
B 2 127 SER 127 127 ?   ?   ?   B . n 
B 2 128 LEU 128 128 ?   ?   ?   B . n 
B 2 129 PRO 129 129 ?   ?   ?   B . n 
B 2 130 SER 130 130 ?   ?   ?   B . n 
B 2 131 PRO 131 131 ?   ?   ?   B . n 
B 2 132 SER 132 132 ?   ?   ?   B . n 
B 2 133 ARG 133 133 ?   ?   ?   B . n 
B 2 134 LEU 134 134 ?   ?   ?   B . n 
B 2 135 PRO 135 135 ?   ?   ?   B . n 
B 2 136 GLY 136 136 ?   ?   ?   B . n 
B 2 137 PRO 137 137 ?   ?   ?   B . n 
B 2 138 SER 138 138 ?   ?   ?   B . n 
B 2 139 ASP 139 139 ?   ?   ?   B . n 
B 2 140 THR 140 140 ?   ?   ?   B . n 
B 2 141 PRO 141 141 ?   ?   ?   B . n 
B 2 142 ILE 142 142 ?   ?   ?   B . n 
B 2 143 LEU 143 143 ?   ?   ?   B . n 
B 2 144 PRO 144 144 ?   ?   ?   B . n 
B 2 145 GLN 145 145 ?   ?   ?   B . n 
# 
loop_
_pdbx_branch_scheme.asym_id 
_pdbx_branch_scheme.entity_id 
_pdbx_branch_scheme.mon_id 
_pdbx_branch_scheme.num 
_pdbx_branch_scheme.pdb_asym_id 
_pdbx_branch_scheme.pdb_mon_id 
_pdbx_branch_scheme.pdb_seq_num 
_pdbx_branch_scheme.auth_asym_id 
_pdbx_branch_scheme.auth_mon_id 
_pdbx_branch_scheme.auth_seq_num 
_pdbx_branch_scheme.hetero 
C 3 NAG 1 C NAG 1 A NAG 1  n 
C 3 NAG 2 C NAG 2 A NAG 2  n 
D 3 NAG 1 D NAG 1 A NAG 11 n 
D 3 NAG 2 D NAG 2 A NAG 12 n 
# 
loop_
_pdbx_nonpoly_scheme.asym_id 
_pdbx_nonpoly_scheme.entity_id 
_pdbx_nonpoly_scheme.mon_id 
_pdbx_nonpoly_scheme.ndb_seq_num 
_pdbx_nonpoly_scheme.pdb_seq_num 
_pdbx_nonpoly_scheme.auth_seq_num 
_pdbx_nonpoly_scheme.pdb_mon_id 
_pdbx_nonpoly_scheme.auth_mon_id 
_pdbx_nonpoly_scheme.pdb_strand_id 
_pdbx_nonpoly_scheme.pdb_ins_code 
E 4 NAG 1 146 1  NAG NAG B . 
F 4 NAG 1 147 11 NAG NAG B . 
# 
loop_
_pdbx_unobs_or_zero_occ_atoms.id 
_pdbx_unobs_or_zero_occ_atoms.PDB_model_num 
_pdbx_unobs_or_zero_occ_atoms.polymer_flag 
_pdbx_unobs_or_zero_occ_atoms.occupancy_flag 
_pdbx_unobs_or_zero_occ_atoms.auth_asym_id 
_pdbx_unobs_or_zero_occ_atoms.auth_comp_id 
_pdbx_unobs_or_zero_occ_atoms.auth_seq_id 
_pdbx_unobs_or_zero_occ_atoms.PDB_ins_code 
_pdbx_unobs_or_zero_occ_atoms.auth_atom_id 
_pdbx_unobs_or_zero_occ_atoms.label_alt_id 
_pdbx_unobs_or_zero_occ_atoms.label_asym_id 
_pdbx_unobs_or_zero_occ_atoms.label_comp_id 
_pdbx_unobs_or_zero_occ_atoms.label_seq_id 
_pdbx_unobs_or_zero_occ_atoms.label_atom_id 
1  1 Y 1 A THR 4  ? OG1 ? A THR 4  OG1 
2  1 Y 1 A THR 4  ? CG2 ? A THR 4  CG2 
3  1 Y 1 A GLN 5  ? CG  ? A GLN 5  CG  
4  1 Y 1 A GLN 5  ? CD  ? A GLN 5  CD  
5  1 Y 1 A GLN 5  ? OE1 ? A GLN 5  OE1 
6  1 Y 1 A GLN 5  ? NE2 ? A GLN 5  NE2 
7  1 Y 1 A TYR 89 ? CG  ? A TYR 89 CG  
8  1 Y 1 A TYR 89 ? CD1 ? A TYR 89 CD1 
9  1 Y 1 A TYR 89 ? CD2 ? A TYR 89 CD2 
10 1 Y 1 A TYR 89 ? CE1 ? A TYR 89 CE1 
11 1 Y 1 A TYR 89 ? CE2 ? A TYR 89 CE2 
12 1 Y 1 A TYR 89 ? CZ  ? A TYR 89 CZ  
13 1 Y 1 A TYR 89 ? OH  ? A TYR 89 OH  
14 1 Y 1 B LYS 2  ? CG  ? B LYS 2  CG  
15 1 Y 1 B LYS 2  ? CD  ? B LYS 2  CD  
16 1 Y 1 B LYS 2  ? CE  ? B LYS 2  CE  
17 1 Y 1 B LYS 2  ? NZ  ? B LYS 2  NZ  
# 
loop_
_software.name 
_software.classification 
_software.version 
_software.citation_id 
_software.pdbx_ordinal 
X-PLOR 'model building' . ? 1 
X-PLOR refinement       . ? 2 
X-PLOR phasing          . ? 3 
# 
_cell.entry_id           1HRP 
_cell.length_a           88.680 
_cell.length_b           88.680 
_cell.length_c           177.240 
_cell.angle_alpha        90.00 
_cell.angle_beta         90.00 
_cell.angle_gamma        120.00 
_cell.Z_PDB              12 
_cell.pdbx_unique_axis   ? 
# 
_symmetry.entry_id                         1HRP 
_symmetry.space_group_name_H-M             'P 65 2 2' 
_symmetry.pdbx_full_space_group_name_H-M   ? 
_symmetry.cell_setting                     ? 
_symmetry.Int_Tables_number                179 
# 
_exptl.entry_id          1HRP 
_exptl.method            'X-RAY DIFFRACTION' 
_exptl.crystals_number   ? 
# 
_exptl_crystal.id                    1 
_exptl_crystal.density_meas          ? 
_exptl_crystal.density_Matthews      3.90 
_exptl_crystal.density_percent_sol   68.46 
_exptl_crystal.description           ? 
# 
_diffrn.id                     1 
_diffrn.ambient_temp           ? 
_diffrn.ambient_temp_details   ? 
_diffrn.crystal_id             1 
# 
_diffrn_radiation.diffrn_id                        1 
_diffrn_radiation.wavelength_id                    1 
_diffrn_radiation.pdbx_monochromatic_or_laue_m_l   ? 
_diffrn_radiation.monochromator                    ? 
_diffrn_radiation.pdbx_diffrn_protocol             ? 
_diffrn_radiation.pdbx_scattering_type             x-ray 
# 
_diffrn_radiation_wavelength.id           1 
_diffrn_radiation_wavelength.wavelength   . 
_diffrn_radiation_wavelength.wt           1.0 
# 
_reflns.entry_id                     1HRP 
_reflns.observed_criterion_sigma_I   2. 
_reflns.observed_criterion_sigma_F   ? 
_reflns.d_resolution_low             ? 
_reflns.d_resolution_high            ? 
_reflns.number_obs                   8365 
_reflns.number_all                   ? 
_reflns.percent_possible_obs         94.9 
_reflns.pdbx_Rmerge_I_obs            ? 
_reflns.pdbx_Rsym_value              ? 
_reflns.pdbx_netI_over_sigmaI        ? 
_reflns.B_iso_Wilson_estimate        ? 
_reflns.pdbx_redundancy              ? 
_reflns.pdbx_ordinal                 1 
_reflns.pdbx_diffrn_id               1 
# 
_refine.entry_id                                 1HRP 
_refine.ls_number_reflns_obs                     7877 
_refine.ls_number_reflns_all                     ? 
_refine.pdbx_ls_sigma_I                          ? 
_refine.pdbx_ls_sigma_F                          2. 
_refine.pdbx_data_cutoff_high_absF               ? 
_refine.pdbx_data_cutoff_low_absF                ? 
_refine.pdbx_data_cutoff_high_rms_absF           ? 
_refine.ls_d_res_low                             10. 
_refine.ls_d_res_high                            3.0 
_refine.ls_percent_reflns_obs                    92.4 
_refine.ls_R_factor_obs                          0.218 
_refine.ls_R_factor_all                          ? 
_refine.ls_R_factor_R_work                       0.218 
_refine.ls_R_factor_R_free                       0.314 
_refine.ls_R_factor_R_free_error                 ? 
_refine.ls_R_factor_R_free_error_details         ? 
_refine.ls_percent_reflns_R_free                 ? 
_refine.ls_number_reflns_R_free                  ? 
_refine.ls_number_parameters                     ? 
_refine.ls_number_restraints                     ? 
_refine.occupancy_min                            ? 
_refine.occupancy_max                            ? 
_refine.B_iso_mean                               26.5 
_refine.aniso_B[1][1]                            ? 
_refine.aniso_B[2][2]                            ? 
_refine.aniso_B[3][3]                            ? 
_refine.aniso_B[1][2]                            ? 
_refine.aniso_B[1][3]                            ? 
_refine.aniso_B[2][3]                            ? 
_refine.solvent_model_details                    ? 
_refine.solvent_model_param_ksol                 ? 
_refine.solvent_model_param_bsol                 ? 
_refine.pdbx_ls_cross_valid_method               ? 
_refine.details                                  
;IN FINAL CYCLES OF REFINEMENT, 1/2 THE STANDARD X-PLOR
WEIGHT WAS APPLIED.
;
_refine.pdbx_starting_model                      ? 
_refine.pdbx_method_to_determine_struct          ? 
_refine.pdbx_isotropic_thermal_model             ? 
_refine.pdbx_stereochemistry_target_values       ? 
_refine.pdbx_stereochem_target_val_spec_case     ? 
_refine.pdbx_R_Free_selection_details            ? 
_refine.pdbx_overall_ESU_R                       ? 
_refine.pdbx_overall_ESU_R_Free                  ? 
_refine.overall_SU_ML                            ? 
_refine.overall_SU_B                             ? 
_refine.pdbx_refine_id                           'X-RAY DIFFRACTION' 
_refine.pdbx_diffrn_id                           1 
_refine.pdbx_TLS_residual_ADP_flag               ? 
_refine.correlation_coeff_Fo_to_Fc               ? 
_refine.correlation_coeff_Fo_to_Fc_free          ? 
_refine.pdbx_solvent_vdw_probe_radii             ? 
_refine.pdbx_solvent_ion_probe_radii             ? 
_refine.pdbx_solvent_shrinkage_radii             ? 
_refine.pdbx_overall_phase_error                 ? 
_refine.overall_SU_R_Cruickshank_DPI             ? 
_refine.pdbx_overall_SU_R_free_Cruickshank_DPI   ? 
_refine.pdbx_overall_SU_R_Blow_DPI               ? 
_refine.pdbx_overall_SU_R_free_Blow_DPI          ? 
# 
_refine_analyze.entry_id                        1HRP 
_refine_analyze.Luzzati_coordinate_error_obs    0.5 
_refine_analyze.Luzzati_sigma_a_obs             ? 
_refine_analyze.Luzzati_d_res_low_obs           ? 
_refine_analyze.Luzzati_coordinate_error_free   ? 
_refine_analyze.Luzzati_sigma_a_free            ? 
_refine_analyze.Luzzati_d_res_low_free          ? 
_refine_analyze.number_disordered_residues      ? 
_refine_analyze.occupancy_sum_hydrogen          ? 
_refine_analyze.occupancy_sum_non_hydrogen      ? 
_refine_analyze.pdbx_refine_id                  'X-RAY DIFFRACTION' 
# 
_refine_hist.pdbx_refine_id                   'X-RAY DIFFRACTION' 
_refine_hist.cycle_id                         LAST 
_refine_hist.pdbx_number_atoms_protein        1466 
_refine_hist.pdbx_number_atoms_nucleic_acid   0 
_refine_hist.pdbx_number_atoms_ligand         84 
_refine_hist.number_atoms_solvent             0 
_refine_hist.number_atoms_total               1550 
_refine_hist.d_res_high                       3.0 
_refine_hist.d_res_low                        10. 
# 
loop_
_refine_ls_restr.type 
_refine_ls_restr.dev_ideal 
_refine_ls_restr.dev_ideal_target 
_refine_ls_restr.weight 
_refine_ls_restr.number 
_refine_ls_restr.pdbx_refine_id 
_refine_ls_restr.pdbx_restraint_function 
x_bond_d                0.018 ? ? ? 'X-RAY DIFFRACTION' ? 
x_bond_d_na             ?     ? ? ? 'X-RAY DIFFRACTION' ? 
x_bond_d_prot           ?     ? ? ? 'X-RAY DIFFRACTION' ? 
x_angle_d               ?     ? ? ? 'X-RAY DIFFRACTION' ? 
x_angle_d_na            ?     ? ? ? 'X-RAY DIFFRACTION' ? 
x_angle_d_prot          ?     ? ? ? 'X-RAY DIFFRACTION' ? 
x_angle_deg             2.28  ? ? ? 'X-RAY DIFFRACTION' ? 
x_angle_deg_na          ?     ? ? ? 'X-RAY DIFFRACTION' ? 
x_angle_deg_prot        ?     ? ? ? 'X-RAY DIFFRACTION' ? 
x_dihedral_angle_d      ?     ? ? ? 'X-RAY DIFFRACTION' ? 
x_dihedral_angle_d_na   ?     ? ? ? 'X-RAY DIFFRACTION' ? 
x_dihedral_angle_d_prot ?     ? ? ? 'X-RAY DIFFRACTION' ? 
x_improper_angle_d      ?     ? ? ? 'X-RAY DIFFRACTION' ? 
x_improper_angle_d_na   ?     ? ? ? 'X-RAY DIFFRACTION' ? 
x_improper_angle_d_prot ?     ? ? ? 'X-RAY DIFFRACTION' ? 
x_mcbond_it             ?     ? ? ? 'X-RAY DIFFRACTION' ? 
x_mcangle_it            ?     ? ? ? 'X-RAY DIFFRACTION' ? 
x_scbond_it             ?     ? ? ? 'X-RAY DIFFRACTION' ? 
x_scangle_it            ?     ? ? ? 'X-RAY DIFFRACTION' ? 
# 
_struct.entry_id                  1HRP 
_struct.title                     'CRYSTAL STRUCTURE OF HUMAN CHORIONIC GONADOTROPIN' 
_struct.pdbx_model_details        ? 
_struct.pdbx_CASP_flag            ? 
_struct.pdbx_model_type_details   ? 
# 
_struct_keywords.entry_id        1HRP 
_struct_keywords.pdbx_keywords   HORMONE 
_struct_keywords.text            HORMONE 
# 
loop_
_struct_asym.id 
_struct_asym.pdbx_blank_PDB_chainid_flag 
_struct_asym.pdbx_modified 
_struct_asym.entity_id 
_struct_asym.details 
A N N 1 ? 
B N N 2 ? 
C N N 3 ? 
D N N 3 ? 
E N N 4 ? 
F N N 4 ? 
# 
loop_
_struct_ref.id 
_struct_ref.db_name 
_struct_ref.db_code 
_struct_ref.entity_id 
_struct_ref.pdbx_db_accession 
_struct_ref.pdbx_align_begin 
_struct_ref.pdbx_seq_one_letter_code 
_struct_ref.pdbx_db_isoform 
1 UNP GLHA_HUMAN 1 P01215 1 
;MDYYRKYAAIFLVTLSVFLHVLHSAPDVQDCPECTLQENPFFSQPGAPILQCMGCCFSRAYPTPLRSKKTMLVQKNVTSE
STCCVAKSYNRVTVMGGFKVENHTACHCSTCYYHKS
;
? 
2 UNP CGHB_HUMAN 2 P01233 1 
;MEMFQGLLLLLLLSMGGTWASKEPLRPRCRPINATLAVEKEGCPVCITVNTTICAGYCPTMTRVLQGVLPALPQVVCNYR
DVRFESIRLPGCPRGVNPVVSYAVALSCQCALCRRSTTDCGGPKDHPLTCDDPRFQDSSSSKAPPPSLPSPSRLPGPSDT
PILPQ
;
? 
# 
loop_
_struct_ref_seq.align_id 
_struct_ref_seq.ref_id 
_struct_ref_seq.pdbx_PDB_id_code 
_struct_ref_seq.pdbx_strand_id 
_struct_ref_seq.seq_align_beg 
_struct_ref_seq.pdbx_seq_align_beg_ins_code 
_struct_ref_seq.seq_align_end 
_struct_ref_seq.pdbx_seq_align_end_ins_code 
_struct_ref_seq.pdbx_db_accession 
_struct_ref_seq.db_align_beg 
_struct_ref_seq.pdbx_db_align_beg_ins_code 
_struct_ref_seq.db_align_end 
_struct_ref_seq.pdbx_db_align_end_ins_code 
_struct_ref_seq.pdbx_auth_seq_align_beg 
_struct_ref_seq.pdbx_auth_seq_align_end 
1 1 1HRP A 1 ? 92  ? P01215 25 ? 116 ? 1 92  
2 2 1HRP B 1 ? 145 ? P01233 21 ? 165 ? 1 145 
# 
_struct_ref_seq_dif.align_id                     1 
_struct_ref_seq_dif.pdbx_pdb_id_code             1HRP 
_struct_ref_seq_dif.mon_id                       THR 
_struct_ref_seq_dif.pdbx_pdb_strand_id           A 
_struct_ref_seq_dif.seq_num                      4 
_struct_ref_seq_dif.pdbx_pdb_ins_code            ? 
_struct_ref_seq_dif.pdbx_seq_db_name             UNP 
_struct_ref_seq_dif.pdbx_seq_db_accession_code   P01215 
_struct_ref_seq_dif.db_mon_id                    VAL 
_struct_ref_seq_dif.pdbx_seq_db_seq_num          28 
_struct_ref_seq_dif.details                      conflict 
_struct_ref_seq_dif.pdbx_auth_seq_num            4 
_struct_ref_seq_dif.pdbx_ordinal                 1 
# 
loop_
_pdbx_struct_assembly.id 
_pdbx_struct_assembly.details 
_pdbx_struct_assembly.method_details 
_pdbx_struct_assembly.oligomeric_details 
_pdbx_struct_assembly.oligomeric_count 
1 author_and_software_defined_assembly PISA dimeric    2 
2 software_defined_assembly            PISA tetrameric 4 
# 
loop_
_pdbx_struct_assembly_prop.biol_id 
_pdbx_struct_assembly_prop.type 
_pdbx_struct_assembly_prop.value 
_pdbx_struct_assembly_prop.details 
1 'ABSA (A^2)' 5790  ? 
1 MORE         1     ? 
1 'SSA (A^2)'  11460 ? 
2 'ABSA (A^2)' 13780 ? 
2 MORE         -19   ? 
2 'SSA (A^2)'  20720 ? 
# 
loop_
_pdbx_struct_assembly_gen.assembly_id 
_pdbx_struct_assembly_gen.oper_expression 
_pdbx_struct_assembly_gen.asym_id_list 
1 1   A,B,C,D,E,F 
2 1,2 A,B,C,D,E,F 
# 
loop_
_pdbx_struct_oper_list.id 
_pdbx_struct_oper_list.type 
_pdbx_struct_oper_list.name 
_pdbx_struct_oper_list.symmetry_operation 
_pdbx_struct_oper_list.matrix[1][1] 
_pdbx_struct_oper_list.matrix[1][2] 
_pdbx_struct_oper_list.matrix[1][3] 
_pdbx_struct_oper_list.vector[1] 
_pdbx_struct_oper_list.matrix[2][1] 
_pdbx_struct_oper_list.matrix[2][2] 
_pdbx_struct_oper_list.matrix[2][3] 
_pdbx_struct_oper_list.vector[2] 
_pdbx_struct_oper_list.matrix[3][1] 
_pdbx_struct_oper_list.matrix[3][2] 
_pdbx_struct_oper_list.matrix[3][3] 
_pdbx_struct_oper_list.vector[3] 
1 'identity operation'         1_555  x,y,z            1.0000000000 0.0000000000 0.0000000000  0.0000000000  0.0000000000 1.0000000000  0.0000000000  0.0000000000  0.0000000000  0.0000000000  1.0000000000  0.0000000000  
2 'crystal symmetry operation' 10_665 -y+1,-x+1,-z+1/6 0.9177305689 0.3926195833 -0.0601703062 -5.6800629761 0.3926195833 -0.9196184596 -0.0123187485 32.0625237100 -0.0601703062 -0.0123187485 -0.9981121093 28.1790869940 
# 
_struct_biol.id   1 
# 
_struct_conf.conf_type_id            HELX_P 
_struct_conf.id                      HELX_P1 
_struct_conf.pdbx_PDB_helix_id       1 
_struct_conf.beg_label_comp_id       PRO 
_struct_conf.beg_label_asym_id       A 
_struct_conf.beg_label_seq_id        40 
_struct_conf.pdbx_beg_PDB_ins_code   ? 
_struct_conf.end_label_comp_id       LYS 
_struct_conf.end_label_asym_id       A 
_struct_conf.end_label_seq_id        45 
_struct_conf.pdbx_end_PDB_ins_code   ? 
_struct_conf.beg_auth_comp_id        PRO 
_struct_conf.beg_auth_asym_id        A 
_struct_conf.beg_auth_seq_id         40 
_struct_conf.end_auth_comp_id        LYS 
_struct_conf.end_auth_asym_id        A 
_struct_conf.end_auth_seq_id         45 
_struct_conf.pdbx_PDB_helix_class    1 
_struct_conf.details                 ? 
_struct_conf.pdbx_PDB_helix_length   6 
# 
_struct_conf_type.id          HELX_P 
_struct_conf_type.criteria    ? 
_struct_conf_type.reference   ? 
# 
loop_
_struct_conn.id 
_struct_conn.conn_type_id 
_struct_conn.pdbx_leaving_atom_flag 
_struct_conn.pdbx_PDB_id 
_struct_conn.ptnr1_label_asym_id 
_struct_conn.ptnr1_label_comp_id 
_struct_conn.ptnr1_label_seq_id 
_struct_conn.ptnr1_label_atom_id 
_struct_conn.pdbx_ptnr1_label_alt_id 
_struct_conn.pdbx_ptnr1_PDB_ins_code 
_struct_conn.pdbx_ptnr1_standard_comp_id 
_struct_conn.ptnr1_symmetry 
_struct_conn.ptnr2_label_asym_id 
_struct_conn.ptnr2_label_comp_id 
_struct_conn.ptnr2_label_seq_id 
_struct_conn.ptnr2_label_atom_id 
_struct_conn.pdbx_ptnr2_label_alt_id 
_struct_conn.pdbx_ptnr2_PDB_ins_code 
_struct_conn.ptnr1_auth_asym_id 
_struct_conn.ptnr1_auth_comp_id 
_struct_conn.ptnr1_auth_seq_id 
_struct_conn.ptnr2_auth_asym_id 
_struct_conn.ptnr2_auth_comp_id 
_struct_conn.ptnr2_auth_seq_id 
_struct_conn.ptnr2_symmetry 
_struct_conn.pdbx_ptnr3_label_atom_id 
_struct_conn.pdbx_ptnr3_label_seq_id 
_struct_conn.pdbx_ptnr3_label_comp_id 
_struct_conn.pdbx_ptnr3_label_asym_id 
_struct_conn.pdbx_ptnr3_label_alt_id 
_struct_conn.pdbx_ptnr3_PDB_ins_code 
_struct_conn.details 
_struct_conn.pdbx_dist_value 
_struct_conn.pdbx_value_order 
_struct_conn.pdbx_role 
disulf1  disulf ?    ? A CYS 7  SG  ? ? ? 1_555 A CYS 31  SG ? ? A CYS 7  A CYS 31  1_555 ? ? ? ? ? ? ? 2.023 ? ?               
disulf2  disulf ?    ? A CYS 10 SG  ? ? ? 1_555 A CYS 60  SG ? ? A CYS 10 A CYS 60  1_555 ? ? ? ? ? ? ? 2.025 ? ?               
disulf3  disulf ?    ? A CYS 28 SG  ? ? ? 1_555 A CYS 82  SG ? ? A CYS 28 A CYS 82  1_555 ? ? ? ? ? ? ? 2.033 ? ?               
disulf4  disulf ?    ? A CYS 32 SG  ? ? ? 1_555 A CYS 84  SG ? ? A CYS 32 A CYS 84  1_555 ? ? ? ? ? ? ? 2.033 ? ?               
disulf5  disulf ?    ? A CYS 59 SG  ? ? ? 1_555 A CYS 87  SG ? ? A CYS 59 A CYS 87  1_555 ? ? ? ? ? ? ? 2.007 ? ?               
disulf6  disulf ?    ? B CYS 9  SG  ? ? ? 1_555 B CYS 57  SG ? ? B CYS 9  B CYS 57  1_555 ? ? ? ? ? ? ? 2.013 ? ?               
disulf7  disulf ?    ? B CYS 23 SG  ? ? ? 1_555 B CYS 72  SG ? ? B CYS 23 B CYS 72  1_555 ? ? ? ? ? ? ? 2.021 ? ?               
disulf8  disulf ?    ? B CYS 26 SG  ? ? ? 1_555 B CYS 110 SG ? ? B CYS 26 B CYS 110 1_555 ? ? ? ? ? ? ? 2.029 ? ?               
disulf9  disulf ?    ? B CYS 34 SG  ? ? ? 1_555 B CYS 88  SG ? ? B CYS 34 B CYS 88  1_555 ? ? ? ? ? ? ? 2.021 ? ?               
disulf10 disulf ?    ? B CYS 38 SG  ? ? ? 1_555 B CYS 90  SG ? ? B CYS 38 B CYS 90  1_555 ? ? ? ? ? ? ? 2.004 ? ?               
disulf11 disulf ?    ? B CYS 93 SG  ? ? ? 1_555 B CYS 100 SG ? ? B CYS 93 B CYS 100 1_555 ? ? ? ? ? ? ? 2.008 ? ?               
covale1  covale one  ? A ASN 52 ND2 ? ? ? 1_555 D NAG .   C1 ? ? A ASN 52 D NAG 1   1_555 ? ? ? ? ? ? ? 1.442 ? N-Glycosylation 
covale2  covale one  ? A ASN 78 ND2 ? ? ? 1_555 C NAG .   C1 ? ? A ASN 78 C NAG 1   1_555 ? ? ? ? ? ? ? 1.448 ? N-Glycosylation 
covale3  covale one  ? B ASN 13 ND2 ? ? ? 1_555 E NAG .   C1 ? ? B ASN 13 B NAG 146 1_555 ? ? ? ? ? ? ? 1.466 ? N-Glycosylation 
covale4  covale one  ? B ASN 30 ND2 ? ? ? 1_555 F NAG .   C1 ? ? B ASN 30 B NAG 147 1_555 ? ? ? ? ? ? ? 1.469 ? N-Glycosylation 
covale5  covale both ? C NAG .  O4  ? ? ? 1_555 C NAG .   C1 ? ? C NAG 1  C NAG 2   1_555 ? ? ? ? ? ? ? 1.378 ? ?               
covale6  covale both ? D NAG .  O4  ? ? ? 1_555 D NAG .   C1 ? ? D NAG 1  D NAG 2   1_555 ? ? ? ? ? ? ? 1.376 ? ?               
# 
loop_
_struct_conn_type.id 
_struct_conn_type.criteria 
_struct_conn_type.reference 
disulf ? ? 
covale ? ? 
# 
loop_
_pdbx_modification_feature.ordinal 
_pdbx_modification_feature.label_comp_id 
_pdbx_modification_feature.label_asym_id 
_pdbx_modification_feature.label_seq_id 
_pdbx_modification_feature.label_alt_id 
_pdbx_modification_feature.modified_residue_label_comp_id 
_pdbx_modification_feature.modified_residue_label_asym_id 
_pdbx_modification_feature.modified_residue_label_seq_id 
_pdbx_modification_feature.modified_residue_label_alt_id 
_pdbx_modification_feature.auth_comp_id 
_pdbx_modification_feature.auth_asym_id 
_pdbx_modification_feature.auth_seq_id 
_pdbx_modification_feature.PDB_ins_code 
_pdbx_modification_feature.symmetry 
_pdbx_modification_feature.modified_residue_auth_comp_id 
_pdbx_modification_feature.modified_residue_auth_asym_id 
_pdbx_modification_feature.modified_residue_auth_seq_id 
_pdbx_modification_feature.modified_residue_PDB_ins_code 
_pdbx_modification_feature.modified_residue_symmetry 
_pdbx_modification_feature.comp_id_linking_atom 
_pdbx_modification_feature.modified_residue_id_linking_atom 
_pdbx_modification_feature.modified_residue_id 
_pdbx_modification_feature.ref_pcm_id 
_pdbx_modification_feature.ref_comp_id 
_pdbx_modification_feature.type 
_pdbx_modification_feature.category 
1  NAG C .  ? ASN A 78  ? NAG C 1   ? 1_555 ASN A 78  ? 1_555 C1 ND2 ASN 1 NAG N-Glycosylation Carbohydrate       
2  NAG D .  ? ASN A 52  ? NAG D 1   ? 1_555 ASN A 52  ? 1_555 C1 ND2 ASN 1 NAG N-Glycosylation Carbohydrate       
3  NAG E .  ? ASN B 13  ? NAG B 146 ? 1_555 ASN B 13  ? 1_555 C1 ND2 ASN 1 NAG N-Glycosylation Carbohydrate       
4  NAG F .  ? ASN B 30  ? NAG B 147 ? 1_555 ASN B 30  ? 1_555 C1 ND2 ASN 1 NAG N-Glycosylation Carbohydrate       
5  CYS A 7  ? CYS A 31  ? CYS A 7   ? 1_555 CYS A 31  ? 1_555 SG SG  .   . .   None            'Disulfide bridge' 
6  CYS A 10 ? CYS A 60  ? CYS A 10  ? 1_555 CYS A 60  ? 1_555 SG SG  .   . .   None            'Disulfide bridge' 
7  CYS A 28 ? CYS A 82  ? CYS A 28  ? 1_555 CYS A 82  ? 1_555 SG SG  .   . .   None            'Disulfide bridge' 
8  CYS A 32 ? CYS A 84  ? CYS A 32  ? 1_555 CYS A 84  ? 1_555 SG SG  .   . .   None            'Disulfide bridge' 
9  CYS A 59 ? CYS A 87  ? CYS A 59  ? 1_555 CYS A 87  ? 1_555 SG SG  .   . .   None            'Disulfide bridge' 
10 CYS B 9  ? CYS B 57  ? CYS B 9   ? 1_555 CYS B 57  ? 1_555 SG SG  .   . .   None            'Disulfide bridge' 
11 CYS B 23 ? CYS B 72  ? CYS B 23  ? 1_555 CYS B 72  ? 1_555 SG SG  .   . .   None            'Disulfide bridge' 
12 CYS B 26 ? CYS B 110 ? CYS B 26  ? 1_555 CYS B 110 ? 1_555 SG SG  .   . .   None            'Disulfide bridge' 
13 CYS B 34 ? CYS B 88  ? CYS B 34  ? 1_555 CYS B 88  ? 1_555 SG SG  .   . .   None            'Disulfide bridge' 
14 CYS B 38 ? CYS B 90  ? CYS B 38  ? 1_555 CYS B 90  ? 1_555 SG SG  .   . .   None            'Disulfide bridge' 
15 CYS B 93 ? CYS B 100 ? CYS B 93  ? 1_555 CYS B 100 ? 1_555 SG SG  .   . .   None            'Disulfide bridge' 
# 
loop_
_struct_sheet.id 
_struct_sheet.type 
_struct_sheet.number_strands 
_struct_sheet.details 
A ? 2 ? 
B ? 2 ? 
C ? 2 ? 
# 
loop_
_struct_sheet_order.sheet_id 
_struct_sheet_order.range_id_1 
_struct_sheet_order.range_id_2 
_struct_sheet_order.offset 
_struct_sheet_order.sense 
A 1 2 ? anti-parallel 
B 1 2 ? anti-parallel 
C 1 2 ? anti-parallel 
# 
loop_
_struct_sheet_range.sheet_id 
_struct_sheet_range.id 
_struct_sheet_range.beg_label_comp_id 
_struct_sheet_range.beg_label_asym_id 
_struct_sheet_range.beg_label_seq_id 
_struct_sheet_range.pdbx_beg_PDB_ins_code 
_struct_sheet_range.end_label_comp_id 
_struct_sheet_range.end_label_asym_id 
_struct_sheet_range.end_label_seq_id 
_struct_sheet_range.pdbx_end_PDB_ins_code 
_struct_sheet_range.beg_auth_comp_id 
_struct_sheet_range.beg_auth_asym_id 
_struct_sheet_range.beg_auth_seq_id 
_struct_sheet_range.end_auth_comp_id 
_struct_sheet_range.end_auth_asym_id 
_struct_sheet_range.end_auth_seq_id 
A 1 TYR A 65 ? ARG A 67 ? TYR A 65 ARG A 67 
A 2 GLU A 77 ? HIS A 79 ? GLU A 77 HIS A 79 
B 1 VAL B 55 ? TYR B 59 ? VAL B 55 TYR B 59 
B 2 CYS B 88 ? LEU B 92 ? CYS B 88 LEU B 92 
C 1 VAL B 62 ? GLU B 65 ? VAL B 62 GLU B 65 
C 2 TYR B 82 ? ALA B 85 ? TYR B 82 ALA B 85 
# 
loop_
_pdbx_struct_sheet_hbond.sheet_id 
_pdbx_struct_sheet_hbond.range_id_1 
_pdbx_struct_sheet_hbond.range_id_2 
_pdbx_struct_sheet_hbond.range_1_label_atom_id 
_pdbx_struct_sheet_hbond.range_1_label_comp_id 
_pdbx_struct_sheet_hbond.range_1_label_asym_id 
_pdbx_struct_sheet_hbond.range_1_label_seq_id 
_pdbx_struct_sheet_hbond.range_1_PDB_ins_code 
_pdbx_struct_sheet_hbond.range_1_auth_atom_id 
_pdbx_struct_sheet_hbond.range_1_auth_comp_id 
_pdbx_struct_sheet_hbond.range_1_auth_asym_id 
_pdbx_struct_sheet_hbond.range_1_auth_seq_id 
_pdbx_struct_sheet_hbond.range_2_label_atom_id 
_pdbx_struct_sheet_hbond.range_2_label_comp_id 
_pdbx_struct_sheet_hbond.range_2_label_asym_id 
_pdbx_struct_sheet_hbond.range_2_label_seq_id 
_pdbx_struct_sheet_hbond.range_2_PDB_ins_code 
_pdbx_struct_sheet_hbond.range_2_auth_atom_id 
_pdbx_struct_sheet_hbond.range_2_auth_comp_id 
_pdbx_struct_sheet_hbond.range_2_auth_asym_id 
_pdbx_struct_sheet_hbond.range_2_auth_seq_id 
A 1 2 O ASN A 66 ? O ASN A 66 N ASN A 78 ? N ASN A 78 
B 1 2 N ASN B 58 ? N ASN B 58 O GLN B 89 ? O GLN B 89 
C 1 2 O GLU B 65 ? O GLU B 65 N TYR B 82 ? N TYR B 82 
# 
_pdbx_entry_details.entry_id                   1HRP 
_pdbx_entry_details.compound_details           ? 
_pdbx_entry_details.source_details             ? 
_pdbx_entry_details.nonpolymer_details         ? 
_pdbx_entry_details.sequence_details           ? 
_pdbx_entry_details.has_ligand_of_interest     ? 
_pdbx_entry_details.has_protein_modification   Y 
# 
loop_
_pdbx_validate_rmsd_angle.id 
_pdbx_validate_rmsd_angle.PDB_model_num 
_pdbx_validate_rmsd_angle.auth_atom_id_1 
_pdbx_validate_rmsd_angle.auth_asym_id_1 
_pdbx_validate_rmsd_angle.auth_comp_id_1 
_pdbx_validate_rmsd_angle.auth_seq_id_1 
_pdbx_validate_rmsd_angle.PDB_ins_code_1 
_pdbx_validate_rmsd_angle.label_alt_id_1 
_pdbx_validate_rmsd_angle.auth_atom_id_2 
_pdbx_validate_rmsd_angle.auth_asym_id_2 
_pdbx_validate_rmsd_angle.auth_comp_id_2 
_pdbx_validate_rmsd_angle.auth_seq_id_2 
_pdbx_validate_rmsd_angle.PDB_ins_code_2 
_pdbx_validate_rmsd_angle.label_alt_id_2 
_pdbx_validate_rmsd_angle.auth_atom_id_3 
_pdbx_validate_rmsd_angle.auth_asym_id_3 
_pdbx_validate_rmsd_angle.auth_comp_id_3 
_pdbx_validate_rmsd_angle.auth_seq_id_3 
_pdbx_validate_rmsd_angle.PDB_ins_code_3 
_pdbx_validate_rmsd_angle.label_alt_id_3 
_pdbx_validate_rmsd_angle.angle_value 
_pdbx_validate_rmsd_angle.angle_target_value 
_pdbx_validate_rmsd_angle.angle_deviation 
_pdbx_validate_rmsd_angle.angle_standard_deviation 
_pdbx_validate_rmsd_angle.linker_flag 
1 1 C B ARG 6   ? ? N B PRO 7   ? ? CA B PRO 7   ? ? 128.47 119.30 9.17  1.50 Y 
2 1 C B GLY 102 ? ? N B PRO 103 ? ? CA B PRO 103 ? ? 129.87 119.30 10.57 1.50 Y 
# 
loop_
_pdbx_validate_torsion.id 
_pdbx_validate_torsion.PDB_model_num 
_pdbx_validate_torsion.auth_comp_id 
_pdbx_validate_torsion.auth_asym_id 
_pdbx_validate_torsion.auth_seq_id 
_pdbx_validate_torsion.PDB_ins_code 
_pdbx_validate_torsion.label_alt_id 
_pdbx_validate_torsion.phi 
_pdbx_validate_torsion.psi 
1  1 ALA A 23  ? ? -171.41 62.77   
2  1 LYS A 45  ? ? -76.25  22.40   
3  1 LYS A 75  ? ? -112.69 78.14   
4  1 THR A 80  ? ? -143.43 26.26   
5  1 ALA A 81  ? ? 169.36  131.17  
6  1 THR A 86  ? ? -39.25  132.22  
7  1 CYS B 9   ? ? -35.89  116.91  
8  1 GLN B 46  ? ? -84.71  -148.96 
9  1 VAL B 48  ? ? -32.17  76.54   
10 1 PRO B 50  ? ? 0.90    63.30   
11 1 ALA B 51  ? ? -14.77  124.53  
12 1 ARG B 60  ? ? -119.62 -80.57  
13 1 HIS B 106 ? ? 43.63   74.51   
# 
_pdbx_validate_planes.id              1 
_pdbx_validate_planes.PDB_model_num   1 
_pdbx_validate_planes.auth_comp_id    TYR 
_pdbx_validate_planes.auth_asym_id    A 
_pdbx_validate_planes.auth_seq_id     88 
_pdbx_validate_planes.PDB_ins_code    ? 
_pdbx_validate_planes.label_alt_id    ? 
_pdbx_validate_planes.rmsd            0.066 
_pdbx_validate_planes.type            'SIDE CHAIN' 
# 
loop_
_pdbx_struct_mod_residue.id 
_pdbx_struct_mod_residue.label_asym_id 
_pdbx_struct_mod_residue.label_comp_id 
_pdbx_struct_mod_residue.label_seq_id 
_pdbx_struct_mod_residue.auth_asym_id 
_pdbx_struct_mod_residue.auth_comp_id 
_pdbx_struct_mod_residue.auth_seq_id 
_pdbx_struct_mod_residue.PDB_ins_code 
_pdbx_struct_mod_residue.parent_comp_id 
_pdbx_struct_mod_residue.details 
1 A ASN 52 A ASN 52 ? ASN 'GLYCOSYLATION SITE' 
2 A ASN 78 A ASN 78 ? ASN 'GLYCOSYLATION SITE' 
3 B ASN 13 B ASN 13 ? ASN 'GLYCOSYLATION SITE' 
4 B ASN 30 B ASN 30 ? ASN 'GLYCOSYLATION SITE' 
# 
loop_
_pdbx_unobs_or_zero_occ_residues.id 
_pdbx_unobs_or_zero_occ_residues.PDB_model_num 
_pdbx_unobs_or_zero_occ_residues.polymer_flag 
_pdbx_unobs_or_zero_occ_residues.occupancy_flag 
_pdbx_unobs_or_zero_occ_residues.auth_asym_id 
_pdbx_unobs_or_zero_occ_residues.auth_comp_id 
_pdbx_unobs_or_zero_occ_residues.auth_seq_id 
_pdbx_unobs_or_zero_occ_residues.PDB_ins_code 
_pdbx_unobs_or_zero_occ_residues.label_asym_id 
_pdbx_unobs_or_zero_occ_residues.label_comp_id 
_pdbx_unobs_or_zero_occ_residues.label_seq_id 
1  1 Y 1 A ALA 1   ? A ALA 1   
2  1 Y 1 A PRO 2   ? A PRO 2   
3  1 Y 1 A ASP 3   ? A ASP 3   
4  1 Y 1 A HIS 90  ? A HIS 90  
5  1 Y 1 A LYS 91  ? A LYS 91  
6  1 Y 1 A SER 92  ? A SER 92  
7  1 Y 1 B SER 1   ? B SER 1   
8  1 Y 1 B ASP 112 ? B ASP 112 
9  1 Y 1 B PRO 113 ? B PRO 113 
10 1 Y 1 B ARG 114 ? B ARG 114 
11 1 Y 1 B PHE 115 ? B PHE 115 
12 1 Y 1 B GLN 116 ? B GLN 116 
13 1 Y 1 B ASP 117 ? B ASP 117 
14 1 Y 1 B SER 118 ? B SER 118 
15 1 Y 1 B SER 119 ? B SER 119 
16 1 Y 1 B SER 120 ? B SER 120 
17 1 Y 1 B SER 121 ? B SER 121 
18 1 Y 1 B LYS 122 ? B LYS 122 
19 1 Y 1 B ALA 123 ? B ALA 123 
20 1 Y 1 B PRO 124 ? B PRO 124 
21 1 Y 1 B PRO 125 ? B PRO 125 
22 1 Y 1 B PRO 126 ? B PRO 126 
23 1 Y 1 B SER 127 ? B SER 127 
24 1 Y 1 B LEU 128 ? B LEU 128 
25 1 Y 1 B PRO 129 ? B PRO 129 
26 1 Y 1 B SER 130 ? B SER 130 
27 1 Y 1 B PRO 131 ? B PRO 131 
28 1 Y 1 B SER 132 ? B SER 132 
29 1 Y 1 B ARG 133 ? B ARG 133 
30 1 Y 1 B LEU 134 ? B LEU 134 
31 1 Y 1 B PRO 135 ? B PRO 135 
32 1 Y 1 B GLY 136 ? B GLY 136 
33 1 Y 1 B PRO 137 ? B PRO 137 
34 1 Y 1 B SER 138 ? B SER 138 
35 1 Y 1 B ASP 139 ? B ASP 139 
36 1 Y 1 B THR 140 ? B THR 140 
37 1 Y 1 B PRO 141 ? B PRO 141 
38 1 Y 1 B ILE 142 ? B ILE 142 
39 1 Y 1 B LEU 143 ? B LEU 143 
40 1 Y 1 B PRO 144 ? B PRO 144 
41 1 Y 1 B GLN 145 ? B GLN 145 
# 
loop_
_chem_comp_atom.comp_id 
_chem_comp_atom.atom_id 
_chem_comp_atom.type_symbol 
_chem_comp_atom.pdbx_aromatic_flag 
_chem_comp_atom.pdbx_stereo_config 
_chem_comp_atom.pdbx_ordinal 
ALA N    N N N 1   
ALA CA   C N S 2   
ALA C    C N N 3   
ALA O    O N N 4   
ALA CB   C N N 5   
ALA OXT  O N N 6   
ALA H    H N N 7   
ALA H2   H N N 8   
ALA HA   H N N 9   
ALA HB1  H N N 10  
ALA HB2  H N N 11  
ALA HB3  H N N 12  
ALA HXT  H N N 13  
ARG N    N N N 14  
ARG CA   C N S 15  
ARG C    C N N 16  
ARG O    O N N 17  
ARG CB   C N N 18  
ARG CG   C N N 19  
ARG CD   C N N 20  
ARG NE   N N N 21  
ARG CZ   C N N 22  
ARG NH1  N N N 23  
ARG NH2  N N N 24  
ARG OXT  O N N 25  
ARG H    H N N 26  
ARG H2   H N N 27  
ARG HA   H N N 28  
ARG HB2  H N N 29  
ARG HB3  H N N 30  
ARG HG2  H N N 31  
ARG HG3  H N N 32  
ARG HD2  H N N 33  
ARG HD3  H N N 34  
ARG HE   H N N 35  
ARG HH11 H N N 36  
ARG HH12 H N N 37  
ARG HH21 H N N 38  
ARG HH22 H N N 39  
ARG HXT  H N N 40  
ASN N    N N N 41  
ASN CA   C N S 42  
ASN C    C N N 43  
ASN O    O N N 44  
ASN CB   C N N 45  
ASN CG   C N N 46  
ASN OD1  O N N 47  
ASN ND2  N N N 48  
ASN OXT  O N N 49  
ASN H    H N N 50  
ASN H2   H N N 51  
ASN HA   H N N 52  
ASN HB2  H N N 53  
ASN HB3  H N N 54  
ASN HD21 H N N 55  
ASN HD22 H N N 56  
ASN HXT  H N N 57  
ASP N    N N N 58  
ASP CA   C N S 59  
ASP C    C N N 60  
ASP O    O N N 61  
ASP CB   C N N 62  
ASP CG   C N N 63  
ASP OD1  O N N 64  
ASP OD2  O N N 65  
ASP OXT  O N N 66  
ASP H    H N N 67  
ASP H2   H N N 68  
ASP HA   H N N 69  
ASP HB2  H N N 70  
ASP HB3  H N N 71  
ASP HD2  H N N 72  
ASP HXT  H N N 73  
CYS N    N N N 74  
CYS CA   C N R 75  
CYS C    C N N 76  
CYS O    O N N 77  
CYS CB   C N N 78  
CYS SG   S N N 79  
CYS OXT  O N N 80  
CYS H    H N N 81  
CYS H2   H N N 82  
CYS HA   H N N 83  
CYS HB2  H N N 84  
CYS HB3  H N N 85  
CYS HG   H N N 86  
CYS HXT  H N N 87  
GLN N    N N N 88  
GLN CA   C N S 89  
GLN C    C N N 90  
GLN O    O N N 91  
GLN CB   C N N 92  
GLN CG   C N N 93  
GLN CD   C N N 94  
GLN OE1  O N N 95  
GLN NE2  N N N 96  
GLN OXT  O N N 97  
GLN H    H N N 98  
GLN H2   H N N 99  
GLN HA   H N N 100 
GLN HB2  H N N 101 
GLN HB3  H N N 102 
GLN HG2  H N N 103 
GLN HG3  H N N 104 
GLN HE21 H N N 105 
GLN HE22 H N N 106 
GLN HXT  H N N 107 
GLU N    N N N 108 
GLU CA   C N S 109 
GLU C    C N N 110 
GLU O    O N N 111 
GLU CB   C N N 112 
GLU CG   C N N 113 
GLU CD   C N N 114 
GLU OE1  O N N 115 
GLU OE2  O N N 116 
GLU OXT  O N N 117 
GLU H    H N N 118 
GLU H2   H N N 119 
GLU HA   H N N 120 
GLU HB2  H N N 121 
GLU HB3  H N N 122 
GLU HG2  H N N 123 
GLU HG3  H N N 124 
GLU HE2  H N N 125 
GLU HXT  H N N 126 
GLY N    N N N 127 
GLY CA   C N N 128 
GLY C    C N N 129 
GLY O    O N N 130 
GLY OXT  O N N 131 
GLY H    H N N 132 
GLY H2   H N N 133 
GLY HA2  H N N 134 
GLY HA3  H N N 135 
GLY HXT  H N N 136 
HIS N    N N N 137 
HIS CA   C N S 138 
HIS C    C N N 139 
HIS O    O N N 140 
HIS CB   C N N 141 
HIS CG   C Y N 142 
HIS ND1  N Y N 143 
HIS CD2  C Y N 144 
HIS CE1  C Y N 145 
HIS NE2  N Y N 146 
HIS OXT  O N N 147 
HIS H    H N N 148 
HIS H2   H N N 149 
HIS HA   H N N 150 
HIS HB2  H N N 151 
HIS HB3  H N N 152 
HIS HD1  H N N 153 
HIS HD2  H N N 154 
HIS HE1  H N N 155 
HIS HE2  H N N 156 
HIS HXT  H N N 157 
ILE N    N N N 158 
ILE CA   C N S 159 
ILE C    C N N 160 
ILE O    O N N 161 
ILE CB   C N S 162 
ILE CG1  C N N 163 
ILE CG2  C N N 164 
ILE CD1  C N N 165 
ILE OXT  O N N 166 
ILE H    H N N 167 
ILE H2   H N N 168 
ILE HA   H N N 169 
ILE HB   H N N 170 
ILE HG12 H N N 171 
ILE HG13 H N N 172 
ILE HG21 H N N 173 
ILE HG22 H N N 174 
ILE HG23 H N N 175 
ILE HD11 H N N 176 
ILE HD12 H N N 177 
ILE HD13 H N N 178 
ILE HXT  H N N 179 
LEU N    N N N 180 
LEU CA   C N S 181 
LEU C    C N N 182 
LEU O    O N N 183 
LEU CB   C N N 184 
LEU CG   C N N 185 
LEU CD1  C N N 186 
LEU CD2  C N N 187 
LEU OXT  O N N 188 
LEU H    H N N 189 
LEU H2   H N N 190 
LEU HA   H N N 191 
LEU HB2  H N N 192 
LEU HB3  H N N 193 
LEU HG   H N N 194 
LEU HD11 H N N 195 
LEU HD12 H N N 196 
LEU HD13 H N N 197 
LEU HD21 H N N 198 
LEU HD22 H N N 199 
LEU HD23 H N N 200 
LEU HXT  H N N 201 
LYS N    N N N 202 
LYS CA   C N S 203 
LYS C    C N N 204 
LYS O    O N N 205 
LYS CB   C N N 206 
LYS CG   C N N 207 
LYS CD   C N N 208 
LYS CE   C N N 209 
LYS NZ   N N N 210 
LYS OXT  O N N 211 
LYS H    H N N 212 
LYS H2   H N N 213 
LYS HA   H N N 214 
LYS HB2  H N N 215 
LYS HB3  H N N 216 
LYS HG2  H N N 217 
LYS HG3  H N N 218 
LYS HD2  H N N 219 
LYS HD3  H N N 220 
LYS HE2  H N N 221 
LYS HE3  H N N 222 
LYS HZ1  H N N 223 
LYS HZ2  H N N 224 
LYS HZ3  H N N 225 
LYS HXT  H N N 226 
MET N    N N N 227 
MET CA   C N S 228 
MET C    C N N 229 
MET O    O N N 230 
MET CB   C N N 231 
MET CG   C N N 232 
MET SD   S N N 233 
MET CE   C N N 234 
MET OXT  O N N 235 
MET H    H N N 236 
MET H2   H N N 237 
MET HA   H N N 238 
MET HB2  H N N 239 
MET HB3  H N N 240 
MET HG2  H N N 241 
MET HG3  H N N 242 
MET HE1  H N N 243 
MET HE2  H N N 244 
MET HE3  H N N 245 
MET HXT  H N N 246 
NAG C1   C N R 247 
NAG C2   C N R 248 
NAG C3   C N R 249 
NAG C4   C N S 250 
NAG C5   C N R 251 
NAG C6   C N N 252 
NAG C7   C N N 253 
NAG C8   C N N 254 
NAG N2   N N N 255 
NAG O1   O N N 256 
NAG O3   O N N 257 
NAG O4   O N N 258 
NAG O5   O N N 259 
NAG O6   O N N 260 
NAG O7   O N N 261 
NAG H1   H N N 262 
NAG H2   H N N 263 
NAG H3   H N N 264 
NAG H4   H N N 265 
NAG H5   H N N 266 
NAG H61  H N N 267 
NAG H62  H N N 268 
NAG H81  H N N 269 
NAG H82  H N N 270 
NAG H83  H N N 271 
NAG HN2  H N N 272 
NAG HO1  H N N 273 
NAG HO3  H N N 274 
NAG HO4  H N N 275 
NAG HO6  H N N 276 
PHE N    N N N 277 
PHE CA   C N S 278 
PHE C    C N N 279 
PHE O    O N N 280 
PHE CB   C N N 281 
PHE CG   C Y N 282 
PHE CD1  C Y N 283 
PHE CD2  C Y N 284 
PHE CE1  C Y N 285 
PHE CE2  C Y N 286 
PHE CZ   C Y N 287 
PHE OXT  O N N 288 
PHE H    H N N 289 
PHE H2   H N N 290 
PHE HA   H N N 291 
PHE HB2  H N N 292 
PHE HB3  H N N 293 
PHE HD1  H N N 294 
PHE HD2  H N N 295 
PHE HE1  H N N 296 
PHE HE2  H N N 297 
PHE HZ   H N N 298 
PHE HXT  H N N 299 
PRO N    N N N 300 
PRO CA   C N S 301 
PRO C    C N N 302 
PRO O    O N N 303 
PRO CB   C N N 304 
PRO CG   C N N 305 
PRO CD   C N N 306 
PRO OXT  O N N 307 
PRO H    H N N 308 
PRO HA   H N N 309 
PRO HB2  H N N 310 
PRO HB3  H N N 311 
PRO HG2  H N N 312 
PRO HG3  H N N 313 
PRO HD2  H N N 314 
PRO HD3  H N N 315 
PRO HXT  H N N 316 
SER N    N N N 317 
SER CA   C N S 318 
SER C    C N N 319 
SER O    O N N 320 
SER CB   C N N 321 
SER OG   O N N 322 
SER OXT  O N N 323 
SER H    H N N 324 
SER H2   H N N 325 
SER HA   H N N 326 
SER HB2  H N N 327 
SER HB3  H N N 328 
SER HG   H N N 329 
SER HXT  H N N 330 
THR N    N N N 331 
THR CA   C N S 332 
THR C    C N N 333 
THR O    O N N 334 
THR CB   C N R 335 
THR OG1  O N N 336 
THR CG2  C N N 337 
THR OXT  O N N 338 
THR H    H N N 339 
THR H2   H N N 340 
THR HA   H N N 341 
THR HB   H N N 342 
THR HG1  H N N 343 
THR HG21 H N N 344 
THR HG22 H N N 345 
THR HG23 H N N 346 
THR HXT  H N N 347 
TYR N    N N N 348 
TYR CA   C N S 349 
TYR C    C N N 350 
TYR O    O N N 351 
TYR CB   C N N 352 
TYR CG   C Y N 353 
TYR CD1  C Y N 354 
TYR CD2  C Y N 355 
TYR CE1  C Y N 356 
TYR CE2  C Y N 357 
TYR CZ   C Y N 358 
TYR OH   O N N 359 
TYR OXT  O N N 360 
TYR H    H N N 361 
TYR H2   H N N 362 
TYR HA   H N N 363 
TYR HB2  H N N 364 
TYR HB3  H N N 365 
TYR HD1  H N N 366 
TYR HD2  H N N 367 
TYR HE1  H N N 368 
TYR HE2  H N N 369 
TYR HH   H N N 370 
TYR HXT  H N N 371 
VAL N    N N N 372 
VAL CA   C N S 373 
VAL C    C N N 374 
VAL O    O N N 375 
VAL CB   C N N 376 
VAL CG1  C N N 377 
VAL CG2  C N N 378 
VAL OXT  O N N 379 
VAL H    H N N 380 
VAL H2   H N N 381 
VAL HA   H N N 382 
VAL HB   H N N 383 
VAL HG11 H N N 384 
VAL HG12 H N N 385 
VAL HG13 H N N 386 
VAL HG21 H N N 387 
VAL HG22 H N N 388 
VAL HG23 H N N 389 
VAL HXT  H N N 390 
# 
loop_
_chem_comp_bond.comp_id 
_chem_comp_bond.atom_id_1 
_chem_comp_bond.atom_id_2 
_chem_comp_bond.value_order 
_chem_comp_bond.pdbx_aromatic_flag 
_chem_comp_bond.pdbx_stereo_config 
_chem_comp_bond.pdbx_ordinal 
ALA N   CA   sing N N 1   
ALA N   H    sing N N 2   
ALA N   H2   sing N N 3   
ALA CA  C    sing N N 4   
ALA CA  CB   sing N N 5   
ALA CA  HA   sing N N 6   
ALA C   O    doub N N 7   
ALA C   OXT  sing N N 8   
ALA CB  HB1  sing N N 9   
ALA CB  HB2  sing N N 10  
ALA CB  HB3  sing N N 11  
ALA OXT HXT  sing N N 12  
ARG N   CA   sing N N 13  
ARG N   H    sing N N 14  
ARG N   H2   sing N N 15  
ARG CA  C    sing N N 16  
ARG CA  CB   sing N N 17  
ARG CA  HA   sing N N 18  
ARG C   O    doub N N 19  
ARG C   OXT  sing N N 20  
ARG CB  CG   sing N N 21  
ARG CB  HB2  sing N N 22  
ARG CB  HB3  sing N N 23  
ARG CG  CD   sing N N 24  
ARG CG  HG2  sing N N 25  
ARG CG  HG3  sing N N 26  
ARG CD  NE   sing N N 27  
ARG CD  HD2  sing N N 28  
ARG CD  HD3  sing N N 29  
ARG NE  CZ   sing N N 30  
ARG NE  HE   sing N N 31  
ARG CZ  NH1  sing N N 32  
ARG CZ  NH2  doub N N 33  
ARG NH1 HH11 sing N N 34  
ARG NH1 HH12 sing N N 35  
ARG NH2 HH21 sing N N 36  
ARG NH2 HH22 sing N N 37  
ARG OXT HXT  sing N N 38  
ASN N   CA   sing N N 39  
ASN N   H    sing N N 40  
ASN N   H2   sing N N 41  
ASN CA  C    sing N N 42  
ASN CA  CB   sing N N 43  
ASN CA  HA   sing N N 44  
ASN C   O    doub N N 45  
ASN C   OXT  sing N N 46  
ASN CB  CG   sing N N 47  
ASN CB  HB2  sing N N 48  
ASN CB  HB3  sing N N 49  
ASN CG  OD1  doub N N 50  
ASN CG  ND2  sing N N 51  
ASN ND2 HD21 sing N N 52  
ASN ND2 HD22 sing N N 53  
ASN OXT HXT  sing N N 54  
ASP N   CA   sing N N 55  
ASP N   H    sing N N 56  
ASP N   H2   sing N N 57  
ASP CA  C    sing N N 58  
ASP CA  CB   sing N N 59  
ASP CA  HA   sing N N 60  
ASP C   O    doub N N 61  
ASP C   OXT  sing N N 62  
ASP CB  CG   sing N N 63  
ASP CB  HB2  sing N N 64  
ASP CB  HB3  sing N N 65  
ASP CG  OD1  doub N N 66  
ASP CG  OD2  sing N N 67  
ASP OD2 HD2  sing N N 68  
ASP OXT HXT  sing N N 69  
CYS N   CA   sing N N 70  
CYS N   H    sing N N 71  
CYS N   H2   sing N N 72  
CYS CA  C    sing N N 73  
CYS CA  CB   sing N N 74  
CYS CA  HA   sing N N 75  
CYS C   O    doub N N 76  
CYS C   OXT  sing N N 77  
CYS CB  SG   sing N N 78  
CYS CB  HB2  sing N N 79  
CYS CB  HB3  sing N N 80  
CYS SG  HG   sing N N 81  
CYS OXT HXT  sing N N 82  
GLN N   CA   sing N N 83  
GLN N   H    sing N N 84  
GLN N   H2   sing N N 85  
GLN CA  C    sing N N 86  
GLN CA  CB   sing N N 87  
GLN CA  HA   sing N N 88  
GLN C   O    doub N N 89  
GLN C   OXT  sing N N 90  
GLN CB  CG   sing N N 91  
GLN CB  HB2  sing N N 92  
GLN CB  HB3  sing N N 93  
GLN CG  CD   sing N N 94  
GLN CG  HG2  sing N N 95  
GLN CG  HG3  sing N N 96  
GLN CD  OE1  doub N N 97  
GLN CD  NE2  sing N N 98  
GLN NE2 HE21 sing N N 99  
GLN NE2 HE22 sing N N 100 
GLN OXT HXT  sing N N 101 
GLU N   CA   sing N N 102 
GLU N   H    sing N N 103 
GLU N   H2   sing N N 104 
GLU CA  C    sing N N 105 
GLU CA  CB   sing N N 106 
GLU CA  HA   sing N N 107 
GLU C   O    doub N N 108 
GLU C   OXT  sing N N 109 
GLU CB  CG   sing N N 110 
GLU CB  HB2  sing N N 111 
GLU CB  HB3  sing N N 112 
GLU CG  CD   sing N N 113 
GLU CG  HG2  sing N N 114 
GLU CG  HG3  sing N N 115 
GLU CD  OE1  doub N N 116 
GLU CD  OE2  sing N N 117 
GLU OE2 HE2  sing N N 118 
GLU OXT HXT  sing N N 119 
GLY N   CA   sing N N 120 
GLY N   H    sing N N 121 
GLY N   H2   sing N N 122 
GLY CA  C    sing N N 123 
GLY CA  HA2  sing N N 124 
GLY CA  HA3  sing N N 125 
GLY C   O    doub N N 126 
GLY C   OXT  sing N N 127 
GLY OXT HXT  sing N N 128 
HIS N   CA   sing N N 129 
HIS N   H    sing N N 130 
HIS N   H2   sing N N 131 
HIS CA  C    sing N N 132 
HIS CA  CB   sing N N 133 
HIS CA  HA   sing N N 134 
HIS C   O    doub N N 135 
HIS C   OXT  sing N N 136 
HIS CB  CG   sing N N 137 
HIS CB  HB2  sing N N 138 
HIS CB  HB3  sing N N 139 
HIS CG  ND1  sing Y N 140 
HIS CG  CD2  doub Y N 141 
HIS ND1 CE1  doub Y N 142 
HIS ND1 HD1  sing N N 143 
HIS CD2 NE2  sing Y N 144 
HIS CD2 HD2  sing N N 145 
HIS CE1 NE2  sing Y N 146 
HIS CE1 HE1  sing N N 147 
HIS NE2 HE2  sing N N 148 
HIS OXT HXT  sing N N 149 
ILE N   CA   sing N N 150 
ILE N   H    sing N N 151 
ILE N   H2   sing N N 152 
ILE CA  C    sing N N 153 
ILE CA  CB   sing N N 154 
ILE CA  HA   sing N N 155 
ILE C   O    doub N N 156 
ILE C   OXT  sing N N 157 
ILE CB  CG1  sing N N 158 
ILE CB  CG2  sing N N 159 
ILE CB  HB   sing N N 160 
ILE CG1 CD1  sing N N 161 
ILE CG1 HG12 sing N N 162 
ILE CG1 HG13 sing N N 163 
ILE CG2 HG21 sing N N 164 
ILE CG2 HG22 sing N N 165 
ILE CG2 HG23 sing N N 166 
ILE CD1 HD11 sing N N 167 
ILE CD1 HD12 sing N N 168 
ILE CD1 HD13 sing N N 169 
ILE OXT HXT  sing N N 170 
LEU N   CA   sing N N 171 
LEU N   H    sing N N 172 
LEU N   H2   sing N N 173 
LEU CA  C    sing N N 174 
LEU CA  CB   sing N N 175 
LEU CA  HA   sing N N 176 
LEU C   O    doub N N 177 
LEU C   OXT  sing N N 178 
LEU CB  CG   sing N N 179 
LEU CB  HB2  sing N N 180 
LEU CB  HB3  sing N N 181 
LEU CG  CD1  sing N N 182 
LEU CG  CD2  sing N N 183 
LEU CG  HG   sing N N 184 
LEU CD1 HD11 sing N N 185 
LEU CD1 HD12 sing N N 186 
LEU CD1 HD13 sing N N 187 
LEU CD2 HD21 sing N N 188 
LEU CD2 HD22 sing N N 189 
LEU CD2 HD23 sing N N 190 
LEU OXT HXT  sing N N 191 
LYS N   CA   sing N N 192 
LYS N   H    sing N N 193 
LYS N   H2   sing N N 194 
LYS CA  C    sing N N 195 
LYS CA  CB   sing N N 196 
LYS CA  HA   sing N N 197 
LYS C   O    doub N N 198 
LYS C   OXT  sing N N 199 
LYS CB  CG   sing N N 200 
LYS CB  HB2  sing N N 201 
LYS CB  HB3  sing N N 202 
LYS CG  CD   sing N N 203 
LYS CG  HG2  sing N N 204 
LYS CG  HG3  sing N N 205 
LYS CD  CE   sing N N 206 
LYS CD  HD2  sing N N 207 
LYS CD  HD3  sing N N 208 
LYS CE  NZ   sing N N 209 
LYS CE  HE2  sing N N 210 
LYS CE  HE3  sing N N 211 
LYS NZ  HZ1  sing N N 212 
LYS NZ  HZ2  sing N N 213 
LYS NZ  HZ3  sing N N 214 
LYS OXT HXT  sing N N 215 
MET N   CA   sing N N 216 
MET N   H    sing N N 217 
MET N   H2   sing N N 218 
MET CA  C    sing N N 219 
MET CA  CB   sing N N 220 
MET CA  HA   sing N N 221 
MET C   O    doub N N 222 
MET C   OXT  sing N N 223 
MET CB  CG   sing N N 224 
MET CB  HB2  sing N N 225 
MET CB  HB3  sing N N 226 
MET CG  SD   sing N N 227 
MET CG  HG2  sing N N 228 
MET CG  HG3  sing N N 229 
MET SD  CE   sing N N 230 
MET CE  HE1  sing N N 231 
MET CE  HE2  sing N N 232 
MET CE  HE3  sing N N 233 
MET OXT HXT  sing N N 234 
NAG C1  C2   sing N N 235 
NAG C1  O1   sing N N 236 
NAG C1  O5   sing N N 237 
NAG C1  H1   sing N N 238 
NAG C2  C3   sing N N 239 
NAG C2  N2   sing N N 240 
NAG C2  H2   sing N N 241 
NAG C3  C4   sing N N 242 
NAG C3  O3   sing N N 243 
NAG C3  H3   sing N N 244 
NAG C4  C5   sing N N 245 
NAG C4  O4   sing N N 246 
NAG C4  H4   sing N N 247 
NAG C5  C6   sing N N 248 
NAG C5  O5   sing N N 249 
NAG C5  H5   sing N N 250 
NAG C6  O6   sing N N 251 
NAG C6  H61  sing N N 252 
NAG C6  H62  sing N N 253 
NAG C7  C8   sing N N 254 
NAG C7  N2   sing N N 255 
NAG C7  O7   doub N N 256 
NAG C8  H81  sing N N 257 
NAG C8  H82  sing N N 258 
NAG C8  H83  sing N N 259 
NAG N2  HN2  sing N N 260 
NAG O1  HO1  sing N N 261 
NAG O3  HO3  sing N N 262 
NAG O4  HO4  sing N N 263 
NAG O6  HO6  sing N N 264 
PHE N   CA   sing N N 265 
PHE N   H    sing N N 266 
PHE N   H2   sing N N 267 
PHE CA  C    sing N N 268 
PHE CA  CB   sing N N 269 
PHE CA  HA   sing N N 270 
PHE C   O    doub N N 271 
PHE C   OXT  sing N N 272 
PHE CB  CG   sing N N 273 
PHE CB  HB2  sing N N 274 
PHE CB  HB3  sing N N 275 
PHE CG  CD1  doub Y N 276 
PHE CG  CD2  sing Y N 277 
PHE CD1 CE1  sing Y N 278 
PHE CD1 HD1  sing N N 279 
PHE CD2 CE2  doub Y N 280 
PHE CD2 HD2  sing N N 281 
PHE CE1 CZ   doub Y N 282 
PHE CE1 HE1  sing N N 283 
PHE CE2 CZ   sing Y N 284 
PHE CE2 HE2  sing N N 285 
PHE CZ  HZ   sing N N 286 
PHE OXT HXT  sing N N 287 
PRO N   CA   sing N N 288 
PRO N   CD   sing N N 289 
PRO N   H    sing N N 290 
PRO CA  C    sing N N 291 
PRO CA  CB   sing N N 292 
PRO CA  HA   sing N N 293 
PRO C   O    doub N N 294 
PRO C   OXT  sing N N 295 
PRO CB  CG   sing N N 296 
PRO CB  HB2  sing N N 297 
PRO CB  HB3  sing N N 298 
PRO CG  CD   sing N N 299 
PRO CG  HG2  sing N N 300 
PRO CG  HG3  sing N N 301 
PRO CD  HD2  sing N N 302 
PRO CD  HD3  sing N N 303 
PRO OXT HXT  sing N N 304 
SER N   CA   sing N N 305 
SER N   H    sing N N 306 
SER N   H2   sing N N 307 
SER CA  C    sing N N 308 
SER CA  CB   sing N N 309 
SER CA  HA   sing N N 310 
SER C   O    doub N N 311 
SER C   OXT  sing N N 312 
SER CB  OG   sing N N 313 
SER CB  HB2  sing N N 314 
SER CB  HB3  sing N N 315 
SER OG  HG   sing N N 316 
SER OXT HXT  sing N N 317 
THR N   CA   sing N N 318 
THR N   H    sing N N 319 
THR N   H2   sing N N 320 
THR CA  C    sing N N 321 
THR CA  CB   sing N N 322 
THR CA  HA   sing N N 323 
THR C   O    doub N N 324 
THR C   OXT  sing N N 325 
THR CB  OG1  sing N N 326 
THR CB  CG2  sing N N 327 
THR CB  HB   sing N N 328 
THR OG1 HG1  sing N N 329 
THR CG2 HG21 sing N N 330 
THR CG2 HG22 sing N N 331 
THR CG2 HG23 sing N N 332 
THR OXT HXT  sing N N 333 
TYR N   CA   sing N N 334 
TYR N   H    sing N N 335 
TYR N   H2   sing N N 336 
TYR CA  C    sing N N 337 
TYR CA  CB   sing N N 338 
TYR CA  HA   sing N N 339 
TYR C   O    doub N N 340 
TYR C   OXT  sing N N 341 
TYR CB  CG   sing N N 342 
TYR CB  HB2  sing N N 343 
TYR CB  HB3  sing N N 344 
TYR CG  CD1  doub Y N 345 
TYR CG  CD2  sing Y N 346 
TYR CD1 CE1  sing Y N 347 
TYR CD1 HD1  sing N N 348 
TYR CD2 CE2  doub Y N 349 
TYR CD2 HD2  sing N N 350 
TYR CE1 CZ   doub Y N 351 
TYR CE1 HE1  sing N N 352 
TYR CE2 CZ   sing Y N 353 
TYR CE2 HE2  sing N N 354 
TYR CZ  OH   sing N N 355 
TYR OH  HH   sing N N 356 
TYR OXT HXT  sing N N 357 
VAL N   CA   sing N N 358 
VAL N   H    sing N N 359 
VAL N   H2   sing N N 360 
VAL CA  C    sing N N 361 
VAL CA  CB   sing N N 362 
VAL CA  HA   sing N N 363 
VAL C   O    doub N N 364 
VAL C   OXT  sing N N 365 
VAL CB  CG1  sing N N 366 
VAL CB  CG2  sing N N 367 
VAL CB  HB   sing N N 368 
VAL CG1 HG11 sing N N 369 
VAL CG1 HG12 sing N N 370 
VAL CG1 HG13 sing N N 371 
VAL CG2 HG21 sing N N 372 
VAL CG2 HG22 sing N N 373 
VAL CG2 HG23 sing N N 374 
VAL OXT HXT  sing N N 375 
# 
loop_
_pdbx_entity_branch_list.entity_id 
_pdbx_entity_branch_list.comp_id 
_pdbx_entity_branch_list.num 
_pdbx_entity_branch_list.hetero 
3 NAG 1 n 
3 NAG 2 n 
# 
_atom_sites.entry_id                    1HRP 
_atom_sites.fract_transf_matrix[1][1]   -0.00615500 
_atom_sites.fract_transf_matrix[1][2]   -0.00065487 
_atom_sites.fract_transf_matrix[1][3]   0.01145493 
_atom_sites.fract_transf_matrix[2][1]   0.00659520 
_atom_sites.fract_transf_matrix[2][2]   0.00195554 
_atom_sites.fract_transf_matrix[2][3]   0.01105557 
_atom_sites.fract_transf_matrix[3][1]   -0.00113899 
_atom_sites.fract_transf_matrix[3][2]   0.00551787 
_atom_sites.fract_transf_matrix[3][3]   -0.00029655 
_atom_sites.fract_transf_vector[1]      0.292921 
_atom_sites.fract_transf_vector[2]      0.370287 
_atom_sites.fract_transf_vector[3]      -0.004183 
# 
loop_
_atom_type.symbol 
C 
N 
O 
S 
# 
loop_
_atom_site.group_PDB 
_atom_site.id 
_atom_site.type_symbol 
_atom_site.label_atom_id 
_atom_site.label_alt_id 
_atom_site.label_comp_id 
_atom_site.label_asym_id 
_atom_site.label_entity_id 
_atom_site.label_seq_id 
_atom_site.pdbx_PDB_ins_code 
_atom_site.Cartn_x 
_atom_site.Cartn_y 
_atom_site.Cartn_z 
_atom_site.occupancy 
_atom_site.B_iso_or_equiv 
_atom_site.pdbx_formal_charge 
_atom_site.auth_seq_id 
_atom_site.auth_comp_id 
_atom_site.auth_asym_id 
_atom_site.auth_atom_id 
_atom_site.pdbx_PDB_model_num 
ATOM   1    N N   . THR A 1 4   ? -15.401 -8.442  8.968   1.00 50.00 ? 4   THR A N   1 
ATOM   2    C CA  . THR A 1 4   ? -15.279 -7.821  7.601   1.00 50.00 ? 4   THR A CA  1 
ATOM   3    C C   . THR A 1 4   ? -15.426 -6.325  7.877   1.00 50.00 ? 4   THR A C   1 
ATOM   4    O O   . THR A 1 4   ? -16.475 -5.899  8.363   1.00 50.00 ? 4   THR A O   1 
ATOM   5    C CB  . THR A 1 4   ? -16.407 -8.318  6.704   1.00 66.30 ? 4   THR A CB  1 
ATOM   6    N N   . GLN A 1 5   ? -14.397 -5.523  7.602   1.00 48.40 ? 5   GLN A N   1 
ATOM   7    C CA  . GLN A 1 5   ? -14.495 -4.099  7.947   1.00 48.40 ? 5   GLN A CA  1 
ATOM   8    C C   . GLN A 1 5   ? -14.519 -3.014  6.866   1.00 48.40 ? 5   GLN A C   1 
ATOM   9    O O   . GLN A 1 5   ? -13.931 -3.176  5.800   1.00 48.40 ? 5   GLN A O   1 
ATOM   10   C CB  . GLN A 1 5   ? -13.441 -3.772  8.994   1.00 53.00 ? 5   GLN A CB  1 
ATOM   11   N N   . ASP A 1 6   ? -15.192 -1.901  7.164   1.00 31.50 ? 6   ASP A N   1 
ATOM   12   C CA  . ASP A 1 6   ? -15.281 -0.765  6.244   1.00 31.50 ? 6   ASP A CA  1 
ATOM   13   C C   . ASP A 1 6   ? -14.233 0.298   6.607   1.00 31.50 ? 6   ASP A C   1 
ATOM   14   O O   . ASP A 1 6   ? -13.689 0.299   7.716   1.00 31.50 ? 6   ASP A O   1 
ATOM   15   C CB  . ASP A 1 6   ? -16.691 -0.158  6.278   1.00 34.60 ? 6   ASP A CB  1 
ATOM   16   C CG  . ASP A 1 6   ? -17.079 0.517   4.957   1.00 34.60 ? 6   ASP A CG  1 
ATOM   17   O OD1 . ASP A 1 6   ? -16.211 1.051   4.236   1.00 34.60 ? 6   ASP A OD1 1 
ATOM   18   O OD2 . ASP A 1 6   ? -18.279 0.496   4.622   1.00 34.60 ? 6   ASP A OD2 1 
ATOM   19   N N   . CYS A 1 7   ? -13.959 1.196   5.675   1.00 18.70 ? 7   CYS A N   1 
ATOM   20   C CA  . CYS A 1 7   ? -12.974 2.251   5.852   1.00 18.70 ? 7   CYS A CA  1 
ATOM   21   C C   . CYS A 1 7   ? -13.652 3.527   5.345   1.00 18.70 ? 7   CYS A C   1 
ATOM   22   O O   . CYS A 1 7   ? -14.361 3.481   4.343   1.00 18.70 ? 7   CYS A O   1 
ATOM   23   C CB  . CYS A 1 7   ? -11.771 1.923   4.978   1.00 10.10 ? 7   CYS A CB  1 
ATOM   24   S SG  . CYS A 1 7   ? -10.158 2.184   5.761   1.00 10.10 ? 7   CYS A SG  1 
ATOM   25   N N   . PRO A 1 8   ? -13.436 4.679   6.016   1.00 12.60 ? 8   PRO A N   1 
ATOM   26   C CA  . PRO A 1 8   ? -14.028 5.972   5.646   1.00 12.60 ? 8   PRO A CA  1 
ATOM   27   C C   . PRO A 1 8   ? -13.581 6.517   4.309   1.00 12.60 ? 8   PRO A C   1 
ATOM   28   O O   . PRO A 1 8   ? -12.386 6.557   4.013   1.00 12.60 ? 8   PRO A O   1 
ATOM   29   C CB  . PRO A 1 8   ? -13.547 6.903   6.758   1.00 10.60 ? 8   PRO A CB  1 
ATOM   30   C CG  . PRO A 1 8   ? -13.358 6.020   7.897   1.00 10.60 ? 8   PRO A CG  1 
ATOM   31   C CD  . PRO A 1 8   ? -12.681 4.822   7.267   1.00 10.60 ? 8   PRO A CD  1 
ATOM   32   N N   . GLU A 1 9   ? -14.536 7.013   3.531   1.00 12.80 ? 9   GLU A N   1 
ATOM   33   C CA  . GLU A 1 9   ? -14.227 7.576   2.228   1.00 12.80 ? 9   GLU A CA  1 
ATOM   34   C C   . GLU A 1 9   ? -13.218 8.670   2.449   1.00 12.80 ? 9   GLU A C   1 
ATOM   35   O O   . GLU A 1 9   ? -13.189 9.301   3.507   1.00 12.80 ? 9   GLU A O   1 
ATOM   36   C CB  . GLU A 1 9   ? -15.471 8.180   1.581   1.00 23.20 ? 9   GLU A CB  1 
ATOM   37   C CG  . GLU A 1 9   ? -15.188 8.837   0.244   1.00 23.20 ? 9   GLU A CG  1 
ATOM   38   C CD  . GLU A 1 9   ? -16.417 9.431   -0.435  1.00 23.20 ? 9   GLU A CD  1 
ATOM   39   O OE1 . GLU A 1 9   ? -17.475 9.554   0.201   1.00 23.20 ? 9   GLU A OE1 1 
ATOM   40   O OE2 . GLU A 1 9   ? -16.308 9.793   -1.625  1.00 23.20 ? 9   GLU A OE2 1 
ATOM   41   N N   . CYS A 1 10  ? -12.339 8.862   1.484   1.00 14.90 ? 10  CYS A N   1 
ATOM   42   C CA  . CYS A 1 10  ? -11.352 9.928   1.615   1.00 14.90 ? 10  CYS A CA  1 
ATOM   43   C C   . CYS A 1 10  ? -12.061 11.245  1.275   1.00 14.90 ? 10  CYS A C   1 
ATOM   44   O O   . CYS A 1 10  ? -12.357 11.495  0.096   1.00 14.90 ? 10  CYS A O   1 
ATOM   45   C CB  . CYS A 1 10  ? -10.185 9.653   0.660   1.00 12.30 ? 10  CYS A CB  1 
ATOM   46   S SG  . CYS A 1 10  ? -9.038  11.026  0.308   1.00 12.30 ? 10  CYS A SG  1 
ATOM   47   N N   . THR A 1 11  ? -12.420 12.037  2.289   1.00 18.50 ? 11  THR A N   1 
ATOM   48   C CA  . THR A 1 11  ? -13.105 13.316  2.057   1.00 18.50 ? 11  THR A CA  1 
ATOM   49   C C   . THR A 1 11  ? -12.610 14.464  2.919   1.00 18.50 ? 11  THR A C   1 
ATOM   50   O O   . THR A 1 11  ? -11.628 14.333  3.659   1.00 18.50 ? 11  THR A O   1 
ATOM   51   C CB  . THR A 1 11  ? -14.592 13.236  2.329   1.00 27.00 ? 11  THR A CB  1 
ATOM   52   O OG1 . THR A 1 11  ? -14.937 11.915  2.740   1.00 27.00 ? 11  THR A OG1 1 
ATOM   53   C CG2 . THR A 1 11  ? -15.370 13.651  1.095   1.00 27.00 ? 11  THR A CG2 1 
ATOM   54   N N   . LEU A 1 12  ? -13.294 15.601  2.825   1.00 10.00 ? 12  LEU A N   1 
ATOM   55   C CA  . LEU A 1 12  ? -12.891 16.745  3.613   1.00 10.00 ? 12  LEU A CA  1 
ATOM   56   C C   . LEU A 1 12  ? -13.593 16.735  4.921   1.00 10.00 ? 12  LEU A C   1 
ATOM   57   O O   . LEU A 1 12  ? -14.811 16.752  4.989   1.00 10.00 ? 12  LEU A O   1 
ATOM   58   C CB  . LEU A 1 12  ? -13.193 18.070  2.930   1.00 13.90 ? 12  LEU A CB  1 
ATOM   59   C CG  . LEU A 1 12  ? -12.516 18.264  1.597   1.00 13.90 ? 12  LEU A CG  1 
ATOM   60   C CD1 . LEU A 1 12  ? -13.437 17.701  0.528   1.00 13.90 ? 12  LEU A CD1 1 
ATOM   61   C CD2 . LEU A 1 12  ? -12.281 19.730  1.369   1.00 13.90 ? 12  LEU A CD2 1 
ATOM   62   N N   . GLN A 1 13  ? -12.804 16.636  5.969   1.00 18.90 ? 13  GLN A N   1 
ATOM   63   C CA  . GLN A 1 13  ? -13.336 16.694  7.309   1.00 18.90 ? 13  GLN A CA  1 
ATOM   64   C C   . GLN A 1 13  ? -12.972 18.065  7.820   1.00 18.90 ? 13  GLN A C   1 
ATOM   65   O O   . GLN A 1 13  ? -12.334 18.868  7.130   1.00 18.90 ? 13  GLN A O   1 
ATOM   66   C CB  . GLN A 1 13  ? -12.741 15.613  8.206   1.00 33.50 ? 13  GLN A CB  1 
ATOM   67   C CG  . GLN A 1 13  ? -13.441 14.280  8.053   1.00 33.50 ? 13  GLN A CG  1 
ATOM   68   C CD  . GLN A 1 13  ? -14.948 14.432  7.977   1.00 33.50 ? 13  GLN A CD  1 
ATOM   69   O OE1 . GLN A 1 13  ? -15.610 13.761  7.179   1.00 33.50 ? 13  GLN A OE1 1 
ATOM   70   N NE2 . GLN A 1 13  ? -15.506 15.307  8.817   1.00 33.50 ? 13  GLN A NE2 1 
ATOM   71   N N   . GLU A 1 14  ? -13.364 18.358  9.032   1.00 12.90 ? 14  GLU A N   1 
ATOM   72   C CA  . GLU A 1 14  ? -13.047 19.659  9.513   1.00 12.90 ? 14  GLU A CA  1 
ATOM   73   C C   . GLU A 1 14  ? -12.045 19.534  10.631  1.00 12.90 ? 14  GLU A C   1 
ATOM   74   O O   . GLU A 1 14  ? -12.269 18.758  11.558  1.00 12.90 ? 14  GLU A O   1 
ATOM   75   C CB  . GLU A 1 14  ? -14.315 20.290  9.998   1.00 18.80 ? 14  GLU A CB  1 
ATOM   76   C CG  . GLU A 1 14  ? -14.168 21.721  10.246  1.00 18.80 ? 14  GLU A CG  1 
ATOM   77   C CD  . GLU A 1 14  ? -15.306 22.219  11.025  1.00 18.80 ? 14  GLU A CD  1 
ATOM   78   O OE1 . GLU A 1 14  ? -16.434 22.100  10.527  1.00 18.80 ? 14  GLU A OE1 1 
ATOM   79   O OE2 . GLU A 1 14  ? -15.077 22.700  12.149  1.00 18.80 ? 14  GLU A OE2 1 
ATOM   80   N N   . ASN A 1 15  ? -10.911 20.213  10.510  1.00 16.00 ? 15  ASN A N   1 
ATOM   81   C CA  . ASN A 1 15  ? -9.907  20.146  11.562  1.00 16.00 ? 15  ASN A CA  1 
ATOM   82   C C   . ASN A 1 15  ? -10.442 21.033  12.663  1.00 16.00 ? 15  ASN A C   1 
ATOM   83   O O   . ASN A 1 15  ? -10.679 22.218  12.448  1.00 16.00 ? 15  ASN A O   1 
ATOM   84   C CB  . ASN A 1 15  ? -8.571  20.680  11.066  1.00 18.80 ? 15  ASN A CB  1 
ATOM   85   C CG  . ASN A 1 15  ? -7.515  20.634  12.136  1.00 18.80 ? 15  ASN A CG  1 
ATOM   86   O OD1 . ASN A 1 15  ? -7.736  21.081  13.257  1.00 18.80 ? 15  ASN A OD1 1 
ATOM   87   N ND2 . ASN A 1 15  ? -6.363  20.077  11.806  1.00 18.80 ? 15  ASN A ND2 1 
ATOM   88   N N   . PRO A 1 16  ? -10.642 20.483  13.865  1.00 22.80 ? 16  PRO A N   1 
ATOM   89   C CA  . PRO A 1 16  ? -11.176 21.294  14.966  1.00 22.80 ? 16  PRO A CA  1 
ATOM   90   C C   . PRO A 1 16  ? -10.227 21.943  15.989  1.00 22.80 ? 16  PRO A C   1 
ATOM   91   O O   . PRO A 1 16  ? -10.632 22.174  17.127  1.00 22.80 ? 16  PRO A O   1 
ATOM   92   C CB  . PRO A 1 16  ? -12.161 20.339  15.626  1.00 23.70 ? 16  PRO A CB  1 
ATOM   93   C CG  . PRO A 1 16  ? -11.432 19.028  15.541  1.00 23.70 ? 16  PRO A CG  1 
ATOM   94   C CD  . PRO A 1 16  ? -10.673 19.051  14.197  1.00 23.70 ? 16  PRO A CD  1 
ATOM   95   N N   . PHE A 1 17  ? -8.963  22.153  15.625  1.00 23.90 ? 17  PHE A N   1 
ATOM   96   C CA  . PHE A 1 17  ? -8.036  22.837  16.521  1.00 23.90 ? 17  PHE A CA  1 
ATOM   97   C C   . PHE A 1 17  ? -7.752  24.173  15.862  1.00 23.90 ? 17  PHE A C   1 
ATOM   98   O O   . PHE A 1 17  ? -7.491  25.164  16.543  1.00 23.90 ? 17  PHE A O   1 
ATOM   99   C CB  . PHE A 1 17  ? -6.724  22.068  16.729  1.00 14.50 ? 17  PHE A CB  1 
ATOM   100  C CG  . PHE A 1 17  ? -5.683  22.855  17.503  1.00 14.50 ? 17  PHE A CG  1 
ATOM   101  C CD1 . PHE A 1 17  ? -5.800  23.044  18.875  1.00 14.50 ? 17  PHE A CD1 1 
ATOM   102  C CD2 . PHE A 1 17  ? -4.580  23.400  16.858  1.00 14.50 ? 17  PHE A CD2 1 
ATOM   103  C CE1 . PHE A 1 17  ? -4.836  23.778  19.592  1.00 14.50 ? 17  PHE A CE1 1 
ATOM   104  C CE2 . PHE A 1 17  ? -3.610  24.137  17.568  1.00 14.50 ? 17  PHE A CE2 1 
ATOM   105  C CZ  . PHE A 1 17  ? -3.737  24.319  18.937  1.00 14.50 ? 17  PHE A CZ  1 
ATOM   106  N N   . PHE A 1 18  ? -7.811  24.181  14.528  1.00 22.50 ? 18  PHE A N   1 
ATOM   107  C CA  . PHE A 1 18  ? -7.578  25.378  13.731  1.00 22.50 ? 18  PHE A CA  1 
ATOM   108  C C   . PHE A 1 18  ? -8.866  26.046  13.260  1.00 22.50 ? 18  PHE A C   1 
ATOM   109  O O   . PHE A 1 18  ? -8.868  27.213  12.872  1.00 22.50 ? 18  PHE A O   1 
ATOM   110  C CB  . PHE A 1 18  ? -6.726  25.036  12.520  1.00 14.60 ? 18  PHE A CB  1 
ATOM   111  C CG  . PHE A 1 18  ? -5.375  24.509  12.867  1.00 14.60 ? 18  PHE A CG  1 
ATOM   112  C CD1 . PHE A 1 18  ? -4.448  25.315  13.516  1.00 14.60 ? 18  PHE A CD1 1 
ATOM   113  C CD2 . PHE A 1 18  ? -5.022  23.213  12.545  1.00 14.60 ? 18  PHE A CD2 1 
ATOM   114  C CE1 . PHE A 1 18  ? -3.182  24.845  13.835  1.00 14.60 ? 18  PHE A CE1 1 
ATOM   115  C CE2 . PHE A 1 18  ? -3.755  22.726  12.857  1.00 14.60 ? 18  PHE A CE2 1 
ATOM   116  C CZ  . PHE A 1 18  ? -2.829  23.544  13.507  1.00 14.60 ? 18  PHE A CZ  1 
ATOM   117  N N   . SER A 1 19  ? -9.972  25.327  13.277  1.00 33.20 ? 19  SER A N   1 
ATOM   118  C CA  . SER A 1 19  ? -11.197 25.939  12.821  1.00 33.20 ? 19  SER A CA  1 
ATOM   119  C C   . SER A 1 19  ? -11.755 26.987  13.757  1.00 33.20 ? 19  SER A C   1 
ATOM   120  O O   . SER A 1 19  ? -12.100 26.706  14.917  1.00 33.20 ? 19  SER A O   1 
ATOM   121  C CB  . SER A 1 19  ? -12.257 24.895  12.533  1.00 28.10 ? 19  SER A CB  1 
ATOM   122  O OG  . SER A 1 19  ? -11.995 24.295  11.289  1.00 28.10 ? 19  SER A OG  1 
ATOM   123  N N   . GLN A 1 20  ? -11.762 28.221  13.273  1.00 40.50 ? 20  GLN A N   1 
ATOM   124  C CA  . GLN A 1 20  ? -12.337 29.318  14.024  1.00 40.50 ? 20  GLN A CA  1 
ATOM   125  C C   . GLN A 1 20  ? -13.743 29.403  13.417  1.00 40.50 ? 20  GLN A C   1 
ATOM   126  O O   . GLN A 1 20  ? -13.922 29.157  12.228  1.00 40.50 ? 20  GLN A O   1 
ATOM   127  C CB  . GLN A 1 20  ? -11.529 30.603  13.811  1.00 51.90 ? 20  GLN A CB  1 
ATOM   128  C CG  . GLN A 1 20  ? -10.102 30.536  14.373  1.00 51.90 ? 20  GLN A CG  1 
ATOM   129  C CD  . GLN A 1 20  ? -9.573  31.892  14.859  1.00 51.90 ? 20  GLN A CD  1 
ATOM   130  O OE1 . GLN A 1 20  ? -8.571  32.420  14.345  1.00 51.90 ? 20  GLN A OE1 1 
ATOM   131  N NE2 . GLN A 1 20  ? -10.247 32.463  15.855  1.00 51.90 ? 20  GLN A NE2 1 
ATOM   132  N N   . PRO A 1 21  ? -14.773 29.659  14.239  1.00 40.50 ? 21  PRO A N   1 
ATOM   133  C CA  . PRO A 1 21  ? -16.136 29.743  13.704  1.00 40.50 ? 21  PRO A CA  1 
ATOM   134  C C   . PRO A 1 21  ? -16.238 30.727  12.543  1.00 40.50 ? 21  PRO A C   1 
ATOM   135  O O   . PRO A 1 21  ? -15.771 31.864  12.629  1.00 40.50 ? 21  PRO A O   1 
ATOM   136  C CB  . PRO A 1 21  ? -16.947 30.212  14.913  1.00 41.70 ? 21  PRO A CB  1 
ATOM   137  C CG  . PRO A 1 21  ? -16.223 29.598  16.055  1.00 41.70 ? 21  PRO A CG  1 
ATOM   138  C CD  . PRO A 1 21  ? -14.776 29.907  15.688  1.00 41.70 ? 21  PRO A CD  1 
ATOM   139  N N   . GLY A 1 22  ? -16.841 30.278  11.452  1.00 41.20 ? 22  GLY A N   1 
ATOM   140  C CA  . GLY A 1 22  ? -16.960 31.141  10.299  1.00 41.20 ? 22  GLY A CA  1 
ATOM   141  C C   . GLY A 1 22  ? -15.591 31.307  9.665   1.00 41.20 ? 22  GLY A C   1 
ATOM   142  O O   . GLY A 1 22  ? -15.293 32.340  9.057   1.00 41.20 ? 22  GLY A O   1 
ATOM   143  N N   . ALA A 1 23  ? -14.750 30.298  9.847   1.00 35.20 ? 23  ALA A N   1 
ATOM   144  C CA  . ALA A 1 23  ? -13.401 30.262  9.299   1.00 35.20 ? 23  ALA A CA  1 
ATOM   145  C C   . ALA A 1 23  ? -12.889 28.858  9.565   1.00 35.20 ? 23  ALA A C   1 
ATOM   146  O O   . ALA A 1 23  ? -11.952 28.671  10.344  1.00 35.20 ? 23  ALA A O   1 
ATOM   147  C CB  . ALA A 1 23  ? -12.512 31.282  9.997   1.00 37.40 ? 23  ALA A CB  1 
ATOM   148  N N   . PRO A 1 24  ? -13.549 27.843  8.975   1.00 21.60 ? 24  PRO A N   1 
ATOM   149  C CA  . PRO A 1 24  ? -13.112 26.470  9.200   1.00 21.60 ? 24  PRO A CA  1 
ATOM   150  C C   . PRO A 1 24  ? -11.890 26.111  8.337   1.00 21.60 ? 24  PRO A C   1 
ATOM   151  O O   . PRO A 1 24  ? -11.610 26.778  7.321   1.00 21.60 ? 24  PRO A O   1 
ATOM   152  C CB  . PRO A 1 24  ? -14.361 25.666  8.826   1.00 21.60 ? 24  PRO A CB  1 
ATOM   153  C CG  . PRO A 1 24  ? -14.898 26.434  7.675   1.00 21.60 ? 24  PRO A CG  1 
ATOM   154  C CD  . PRO A 1 24  ? -14.743 27.884  8.114   1.00 21.60 ? 24  PRO A CD  1 
ATOM   155  N N   . ILE A 1 25  ? -11.110 25.145  8.811   1.00 11.50 ? 25  ILE A N   1 
ATOM   156  C CA  . ILE A 1 25  ? -9.952  24.691  8.085   1.00 11.50 ? 25  ILE A CA  1 
ATOM   157  C C   . ILE A 1 25  ? -10.230 23.248  7.775   1.00 11.50 ? 25  ILE A C   1 
ATOM   158  O O   . ILE A 1 25  ? -10.479 22.449  8.666   1.00 11.50 ? 25  ILE A O   1 
ATOM   159  C CB  . ILE A 1 25  ? -8.679  24.815  8.900   1.00 10.10 ? 25  ILE A CB  1 
ATOM   160  C CG1 . ILE A 1 25  ? -8.323  26.289  9.046   1.00 10.10 ? 25  ILE A CG1 1 
ATOM   161  C CG2 . ILE A 1 25  ? -7.540  24.046  8.215   1.00 10.10 ? 25  ILE A CG2 1 
ATOM   162  C CD1 . ILE A 1 25  ? -7.929  26.925  7.772   1.00 10.10 ? 25  ILE A CD1 1 
ATOM   163  N N   . LEU A 1 26  ? -10.190 22.918  6.502   1.00 10.60 ? 26  LEU A N   1 
ATOM   164  C CA  . LEU A 1 26  ? -10.500 21.579  6.066   1.00 10.60 ? 26  LEU A CA  1 
ATOM   165  C C   . LEU A 1 26  ? -9.293  20.685  5.827   1.00 10.60 ? 26  LEU A C   1 
ATOM   166  O O   . LEU A 1 26  ? -8.267  21.087  5.256   1.00 10.60 ? 26  LEU A O   1 
ATOM   167  C CB  . LEU A 1 26  ? -11.371 21.668  4.820   1.00 10.00 ? 26  LEU A CB  1 
ATOM   168  C CG  . LEU A 1 26  ? -12.508 22.678  4.938   1.00 10.00 ? 26  LEU A CG  1 
ATOM   169  C CD1 . LEU A 1 26  ? -13.359 22.598  3.685   1.00 10.00 ? 26  LEU A CD1 1 
ATOM   170  C CD2 . LEU A 1 26  ? -13.349 22.401  6.186   1.00 10.00 ? 26  LEU A CD2 1 
ATOM   171  N N   . GLN A 1 27  ? -9.453  19.431  6.205   1.00 10.00 ? 27  GLN A N   1 
ATOM   172  C CA  . GLN A 1 27  ? -8.383  18.481  6.065   1.00 10.00 ? 27  GLN A CA  1 
ATOM   173  C C   . GLN A 1 27  ? -8.877  17.277  5.302   1.00 10.00 ? 27  GLN A C   1 
ATOM   174  O O   . GLN A 1 27  ? -10.034 16.880  5.448   1.00 10.00 ? 27  GLN A O   1 
ATOM   175  C CB  . GLN A 1 27  ? -7.913  18.051  7.450   1.00 11.50 ? 27  GLN A CB  1 
ATOM   176  C CG  . GLN A 1 27  ? -6.460  17.699  7.495   1.00 11.50 ? 27  GLN A CG  1 
ATOM   177  C CD  . GLN A 1 27  ? -5.952  17.558  8.896   1.00 11.50 ? 27  GLN A CD  1 
ATOM   178  O OE1 . GLN A 1 27  ? -6.679  17.767  9.854   1.00 11.50 ? 27  GLN A OE1 1 
ATOM   179  N NE2 . GLN A 1 27  ? -4.697  17.205  9.027   1.00 11.50 ? 27  GLN A NE2 1 
ATOM   180  N N   . CYS A 1 28  ? -8.014  16.736  4.444   1.00 10.00 ? 28  CYS A N   1 
ATOM   181  C CA  . CYS A 1 28  ? -8.354  15.558  3.678   1.00 10.00 ? 28  CYS A CA  1 
ATOM   182  C C   . CYS A 1 28  ? -7.939  14.392  4.541   1.00 10.00 ? 28  CYS A C   1 
ATOM   183  O O   . CYS A 1 28  ? -6.757  14.218  4.845   1.00 10.00 ? 28  CYS A O   1 
ATOM   184  C CB  . CYS A 1 28  ? -7.587  15.504  2.367   1.00 10.00 ? 28  CYS A CB  1 
ATOM   185  S SG  . CYS A 1 28  ? -8.175  16.624  1.071   1.00 10.00 ? 28  CYS A SG  1 
ATOM   186  N N   . MET A 1 29  ? -8.941  13.675  5.016   1.00 10.40 ? 29  MET A N   1 
ATOM   187  C CA  . MET A 1 29  ? -8.770  12.505  5.842   1.00 10.40 ? 29  MET A CA  1 
ATOM   188  C C   . MET A 1 29  ? -9.552  11.429  5.099   1.00 10.40 ? 29  MET A C   1 
ATOM   189  O O   . MET A 1 29  ? -10.451 11.735  4.303   1.00 10.40 ? 29  MET A O   1 
ATOM   190  C CB  . MET A 1 29  ? -9.413  12.724  7.212   1.00 25.00 ? 29  MET A CB  1 
ATOM   191  C CG  . MET A 1 29  ? -8.660  13.612  8.187   1.00 25.00 ? 29  MET A CG  1 
ATOM   192  S SD  . MET A 1 29  ? -9.744  14.148  9.570   1.00 25.00 ? 29  MET A SD  1 
ATOM   193  C CE  . MET A 1 29  ? -10.023 12.600  10.491  1.00 25.00 ? 29  MET A CE  1 
ATOM   194  N N   . GLY A 1 30  ? -9.210  10.171  5.329   1.00 16.20 ? 30  GLY A N   1 
ATOM   195  C CA  . GLY A 1 30  ? -9.940  9.113   4.660   1.00 16.20 ? 30  GLY A CA  1 
ATOM   196  C C   . GLY A 1 30  ? -9.114  7.890   4.347   1.00 16.20 ? 30  GLY A C   1 
ATOM   197  O O   . GLY A 1 30  ? -7.926  7.835   4.677   1.00 16.20 ? 30  GLY A O   1 
ATOM   198  N N   . CYS A 1 31  ? -9.746  6.912   3.703   1.00 17.50 ? 31  CYS A N   1 
ATOM   199  C CA  . CYS A 1 31  ? -9.097  5.665   3.325   1.00 17.50 ? 31  CYS A CA  1 
ATOM   200  C C   . CYS A 1 31  ? -8.910  5.536   1.816   1.00 17.50 ? 31  CYS A C   1 
ATOM   201  O O   . CYS A 1 31  ? -9.758  5.981   1.041   1.00 17.50 ? 31  CYS A O   1 
ATOM   202  C CB  . CYS A 1 31  ? -9.927  4.483   3.816   1.00 14.70 ? 31  CYS A CB  1 
ATOM   203  S SG  . CYS A 1 31  ? -9.947  4.192   5.616   1.00 14.70 ? 31  CYS A SG  1 
ATOM   204  N N   . CYS A 1 32  ? -7.814  4.899   1.410   1.00 17.20 ? 32  CYS A N   1 
ATOM   205  C CA  . CYS A 1 32  ? -7.508  4.673   -0.004  1.00 17.20 ? 32  CYS A CA  1 
ATOM   206  C C   . CYS A 1 32  ? -6.980  3.243   -0.230  1.00 17.20 ? 32  CYS A C   1 
ATOM   207  O O   . CYS A 1 32  ? -6.324  2.662   0.651   1.00 17.20 ? 32  CYS A O   1 
ATOM   208  C CB  . CYS A 1 32  ? -6.491  5.698   -0.492  1.00 11.70 ? 32  CYS A CB  1 
ATOM   209  S SG  . CYS A 1 32  ? -7.108  7.402   -0.550  1.00 11.70 ? 32  CYS A SG  1 
ATOM   210  N N   . PHE A 1 33  ? -7.256  2.679   -1.400  1.00 13.20 ? 33  PHE A N   1 
ATOM   211  C CA  . PHE A 1 33  ? -6.840  1.311   -1.680  1.00 13.20 ? 33  PHE A CA  1 
ATOM   212  C C   . PHE A 1 33  ? -5.353  1.097   -1.828  1.00 13.20 ? 33  PHE A C   1 
ATOM   213  O O   . PHE A 1 33  ? -4.707  1.798   -2.601  1.00 13.20 ? 33  PHE A O   1 
ATOM   214  C CB  . PHE A 1 33  ? -7.527  0.766   -2.930  1.00 12.60 ? 33  PHE A CB  1 
ATOM   215  C CG  . PHE A 1 33  ? -7.067  -0.606  -3.304  1.00 12.60 ? 33  PHE A CG  1 
ATOM   216  C CD1 . PHE A 1 33  ? -7.647  -1.719  -2.732  1.00 12.60 ? 33  PHE A CD1 1 
ATOM   217  C CD2 . PHE A 1 33  ? -5.994  -0.782  -4.150  1.00 12.60 ? 33  PHE A CD2 1 
ATOM   218  C CE1 . PHE A 1 33  ? -7.156  -2.987  -2.997  1.00 12.60 ? 33  PHE A CE1 1 
ATOM   219  C CE2 . PHE A 1 33  ? -5.500  -2.044  -4.418  1.00 12.60 ? 33  PHE A CE2 1 
ATOM   220  C CZ  . PHE A 1 33  ? -6.077  -3.144  -3.837  1.00 12.60 ? 33  PHE A CZ  1 
ATOM   221  N N   . SER A 1 34  ? -4.850  0.039   -1.197  1.00 13.30 ? 34  SER A N   1 
ATOM   222  C CA  . SER A 1 34  ? -3.432  -0.303  -1.258  1.00 13.30 ? 34  SER A CA  1 
ATOM   223  C C   . SER A 1 34  ? -3.315  -1.805  -1.213  1.00 13.30 ? 34  SER A C   1 
ATOM   224  O O   . SER A 1 34  ? -4.262  -2.467  -0.793  1.00 13.30 ? 34  SER A O   1 
ATOM   225  C CB  . SER A 1 34  ? -2.723  0.252   -0.041  1.00 10.00 ? 34  SER A CB  1 
ATOM   226  O OG  . SER A 1 34  ? -3.212  -0.357  1.138   1.00 10.00 ? 34  SER A OG  1 
ATOM   227  N N   . ARG A 1 35  ? -2.162  -2.349  -1.594  1.00 11.30 ? 35  ARG A N   1 
ATOM   228  C CA  . ARG A 1 35  ? -1.969  -3.798  -1.550  1.00 11.30 ? 35  ARG A CA  1 
ATOM   229  C C   . ARG A 1 35  ? -0.509  -4.178  -1.577  1.00 11.30 ? 35  ARG A C   1 
ATOM   230  O O   . ARG A 1 35  ? 0.303   -3.475  -2.174  1.00 11.30 ? 35  ARG A O   1 
ATOM   231  C CB  . ARG A 1 35  ? -2.655  -4.483  -2.717  1.00 11.50 ? 35  ARG A CB  1 
ATOM   232  C CG  . ARG A 1 35  ? -1.941  -4.280  -4.002  1.00 11.50 ? 35  ARG A CG  1 
ATOM   233  C CD  . ARG A 1 35  ? -2.533  -5.163  -5.046  1.00 11.50 ? 35  ARG A CD  1 
ATOM   234  N NE  . ARG A 1 35  ? -2.152  -4.760  -6.393  1.00 11.50 ? 35  ARG A NE  1 
ATOM   235  C CZ  . ARG A 1 35  ? -2.682  -5.288  -7.482  1.00 11.50 ? 35  ARG A CZ  1 
ATOM   236  N NH1 . ARG A 1 35  ? -3.598  -6.247  -7.343  1.00 11.50 ? 35  ARG A NH1 1 
ATOM   237  N NH2 . ARG A 1 35  ? -2.345  -4.817  -8.682  1.00 11.50 ? 35  ARG A NH2 1 
ATOM   238  N N   . ALA A 1 36  ? -0.203  -5.327  -0.989  1.00 13.30 ? 36  ALA A N   1 
ATOM   239  C CA  . ALA A 1 36  ? 1.160   -5.818  -0.920  1.00 13.30 ? 36  ALA A CA  1 
ATOM   240  C C   . ALA A 1 36  ? 1.270   -7.335  -1.150  1.00 13.30 ? 36  ALA A C   1 
ATOM   241  O O   . ALA A 1 36  ? 0.673   -8.133  -0.436  1.00 13.30 ? 36  ALA A O   1 
ATOM   242  C CB  . ALA A 1 36  ? 1.760   -5.444  0.412   1.00 12.50 ? 36  ALA A CB  1 
ATOM   243  N N   . TYR A 1 37  ? 2.026   -7.728  -2.159  1.00 10.10 ? 37  TYR A N   1 
ATOM   244  C CA  . TYR A 1 37  ? 2.206   -9.127  -2.472  1.00 10.10 ? 37  TYR A CA  1 
ATOM   245  C C   . TYR A 1 37  ? 3.720   -9.249  -2.578  1.00 10.10 ? 37  TYR A C   1 
ATOM   246  O O   . TYR A 1 37  ? 4.410   -8.234  -2.657  1.00 10.10 ? 37  TYR A O   1 
ATOM   247  C CB  . TYR A 1 37  ? 1.544   -9.427  -3.803  1.00 12.90 ? 37  TYR A CB  1 
ATOM   248  C CG  . TYR A 1 37  ? 1.999   -8.479  -4.852  1.00 12.90 ? 37  TYR A CG  1 
ATOM   249  C CD1 . TYR A 1 37  ? 3.230   -8.636  -5.468  1.00 12.90 ? 37  TYR A CD1 1 
ATOM   250  C CD2 . TYR A 1 37  ? 1.241   -7.360  -5.187  1.00 12.90 ? 37  TYR A CD2 1 
ATOM   251  C CE1 . TYR A 1 37  ? 3.704   -7.694  -6.393  1.00 12.90 ? 37  TYR A CE1 1 
ATOM   252  C CE2 . TYR A 1 37  ? 1.711   -6.407  -6.121  1.00 12.90 ? 37  TYR A CE2 1 
ATOM   253  C CZ  . TYR A 1 37  ? 2.939   -6.584  -6.711  1.00 12.90 ? 37  TYR A CZ  1 
ATOM   254  O OH  . TYR A 1 37  ? 3.448   -5.656  -7.588  1.00 12.90 ? 37  TYR A OH  1 
ATOM   255  N N   . PRO A 1 38  ? 4.254   -10.476 -2.612  1.00 10.00 ? 38  PRO A N   1 
ATOM   256  C CA  . PRO A 1 38  ? 5.700   -10.693 -2.705  1.00 10.00 ? 38  PRO A CA  1 
ATOM   257  C C   . PRO A 1 38  ? 6.277   -10.259 -4.037  1.00 10.00 ? 38  PRO A C   1 
ATOM   258  O O   . PRO A 1 38  ? 5.714   -10.532 -5.088  1.00 10.00 ? 38  PRO A O   1 
ATOM   259  C CB  . PRO A 1 38  ? 5.808   -12.196 -2.521  1.00 10.00 ? 38  PRO A CB  1 
ATOM   260  C CG  . PRO A 1 38  ? 4.585   -12.692 -3.206  1.00 10.00 ? 38  PRO A CG  1 
ATOM   261  C CD  . PRO A 1 38  ? 3.525   -11.748 -2.694  1.00 10.00 ? 38  PRO A CD  1 
ATOM   262  N N   . THR A 1 39  ? 7.430   -9.625  -3.997  1.00 10.00 ? 39  THR A N   1 
ATOM   263  C CA  . THR A 1 39  ? 8.060   -9.128  -5.206  1.00 10.00 ? 39  THR A CA  1 
ATOM   264  C C   . THR A 1 39  ? 8.217   -10.238 -6.218  1.00 10.00 ? 39  THR A C   1 
ATOM   265  O O   . THR A 1 39  ? 8.612   -11.342 -5.866  1.00 10.00 ? 39  THR A O   1 
ATOM   266  C CB  . THR A 1 39  ? 9.469   -8.588  -4.909  1.00 10.00 ? 39  THR A CB  1 
ATOM   267  O OG1 . THR A 1 39  ? 9.472   -7.864  -3.676  1.00 10.00 ? 39  THR A OG1 1 
ATOM   268  C CG2 . THR A 1 39  ? 9.931   -7.683  -6.018  1.00 10.00 ? 39  THR A CG2 1 
ATOM   269  N N   . PRO A 1 40  ? 7.874   -9.976  -7.491  1.00 11.30 ? 40  PRO A N   1 
ATOM   270  C CA  . PRO A 1 40  ? 7.979   -10.938 -8.598  1.00 11.30 ? 40  PRO A CA  1 
ATOM   271  C C   . PRO A 1 40  ? 9.461   -11.141 -8.973  1.00 11.30 ? 40  PRO A C   1 
ATOM   272  O O   . PRO A 1 40  ? 10.298  -10.260 -8.727  1.00 11.30 ? 40  PRO A O   1 
ATOM   273  C CB  . PRO A 1 40  ? 7.247   -10.212 -9.735  1.00 10.00 ? 40  PRO A CB  1 
ATOM   274  C CG  . PRO A 1 40  ? 6.259   -9.374  -9.029  1.00 10.00 ? 40  PRO A CG  1 
ATOM   275  C CD  . PRO A 1 40  ? 7.065   -8.818  -7.896  1.00 10.00 ? 40  PRO A CD  1 
ATOM   276  N N   . LEU A 1 41  ? 9.773   -12.267 -9.615  1.00 17.80 ? 41  LEU A N   1 
ATOM   277  C CA  . LEU A 1 41  ? 11.143  -12.560 -10.035 1.00 17.80 ? 41  LEU A CA  1 
ATOM   278  C C   . LEU A 1 41  ? 11.698  -11.469 -10.935 1.00 17.80 ? 41  LEU A C   1 
ATOM   279  O O   . LEU A 1 41  ? 12.840  -11.043 -10.774 1.00 17.80 ? 41  LEU A O   1 
ATOM   280  C CB  . LEU A 1 41  ? 11.204  -13.872 -10.803 1.00 13.20 ? 41  LEU A CB  1 
ATOM   281  C CG  . LEU A 1 41  ? 12.617  -14.193 -11.301 1.00 13.20 ? 41  LEU A CG  1 
ATOM   282  C CD1 . LEU A 1 41  ? 13.435  -14.784 -10.153 1.00 13.20 ? 41  LEU A CD1 1 
ATOM   283  C CD2 . LEU A 1 41  ? 12.573  -15.167 -12.476 1.00 13.20 ? 41  LEU A CD2 1 
ATOM   284  N N   . ARG A 1 42  ? 10.892  -11.076 -11.917 1.00 24.00 ? 42  ARG A N   1 
ATOM   285  C CA  . ARG A 1 42  ? 11.256  -10.034 -12.868 1.00 24.00 ? 42  ARG A CA  1 
ATOM   286  C C   . ARG A 1 42  ? 11.905  -8.897  -12.082 1.00 24.00 ? 42  ARG A C   1 
ATOM   287  O O   . ARG A 1 42  ? 13.112  -8.659  -12.176 1.00 24.00 ? 42  ARG A O   1 
ATOM   288  C CB  . ARG A 1 42  ? 10.003  -9.489  -13.582 1.00 50.50 ? 42  ARG A CB  1 
ATOM   289  C CG  . ARG A 1 42  ? 9.195   -10.484 -14.430 1.00 50.50 ? 42  ARG A CG  1 
ATOM   290  C CD  . ARG A 1 42  ? 8.470   -11.524 -13.578 1.00 50.50 ? 42  ARG A CD  1 
ATOM   291  N NE  . ARG A 1 42  ? 7.467   -12.305 -14.305 1.00 50.50 ? 42  ARG A NE  1 
ATOM   292  C CZ  . ARG A 1 42  ? 7.679   -12.977 -15.439 1.00 50.50 ? 42  ARG A CZ  1 
ATOM   293  N NH1 . ARG A 1 42  ? 8.881   -12.977 -16.032 1.00 50.50 ? 42  ARG A NH1 1 
ATOM   294  N NH2 . ARG A 1 42  ? 6.686   -13.688 -15.964 1.00 50.50 ? 42  ARG A NH2 1 
ATOM   295  N N   . SER A 1 43  ? 11.113  -8.306  -11.194 1.00 20.80 ? 43  SER A N   1 
ATOM   296  C CA  . SER A 1 43  ? 11.546  -7.179  -10.386 1.00 20.80 ? 43  SER A CA  1 
ATOM   297  C C   . SER A 1 43  ? 12.836  -7.397  -9.588  1.00 20.80 ? 43  SER A C   1 
ATOM   298  O O   . SER A 1 43  ? 13.696  -6.522  -9.543  1.00 20.80 ? 43  SER A O   1 
ATOM   299  C CB  . SER A 1 43  ? 10.392  -6.740  -9.474  1.00 31.40 ? 43  SER A CB  1 
ATOM   300  O OG  . SER A 1 43  ? 9.161   -6.688  -10.192 1.00 31.40 ? 43  SER A OG  1 
ATOM   301  N N   . LYS A 1 44  ? 12.990  -8.574  -8.997  1.00 12.10 ? 44  LYS A N   1 
ATOM   302  C CA  . LYS A 1 44  ? 14.174  -8.862  -8.214  1.00 12.10 ? 44  LYS A CA  1 
ATOM   303  C C   . LYS A 1 44  ? 15.429  -8.679  -9.062  1.00 12.10 ? 44  LYS A C   1 
ATOM   304  O O   . LYS A 1 44  ? 16.429  -8.118  -8.604  1.00 12.10 ? 44  LYS A O   1 
ATOM   305  C CB  . LYS A 1 44  ? 14.083  -10.268 -7.650  1.00 15.30 ? 44  LYS A CB  1 
ATOM   306  C CG  . LYS A 1 44  ? 13.039  -10.377 -6.579  1.00 15.30 ? 44  LYS A CG  1 
ATOM   307  C CD  . LYS A 1 44  ? 13.618  -11.016 -5.333  1.00 15.30 ? 44  LYS A CD  1 
ATOM   308  C CE  . LYS A 1 44  ? 13.427  -12.527 -5.340  1.00 15.30 ? 44  LYS A CE  1 
ATOM   309  N NZ  . LYS A 1 44  ? 12.000  -12.873 -5.099  1.00 15.30 ? 44  LYS A NZ  1 
ATOM   310  N N   . LYS A 1 45  ? 15.331  -9.040  -10.335 1.00 16.70 ? 45  LYS A N   1 
ATOM   311  C CA  . LYS A 1 45  ? 16.456  -8.900  -11.242 1.00 16.70 ? 45  LYS A CA  1 
ATOM   312  C C   . LYS A 1 45  ? 16.647  -7.441  -11.663 1.00 16.70 ? 45  LYS A C   1 
ATOM   313  O O   . LYS A 1 45  ? 17.237  -7.152  -12.711 1.00 16.70 ? 45  LYS A O   1 
ATOM   314  C CB  . LYS A 1 45  ? 16.229  -9.765  -12.473 1.00 16.80 ? 45  LYS A CB  1 
ATOM   315  C CG  . LYS A 1 45  ? 16.845  -11.145 -12.369 1.00 16.80 ? 45  LYS A CG  1 
ATOM   316  C CD  . LYS A 1 45  ? 16.339  -11.940 -11.171 1.00 16.80 ? 45  LYS A CD  1 
ATOM   317  C CE  . LYS A 1 45  ? 16.929  -13.350 -11.157 1.00 16.80 ? 45  LYS A CE  1 
ATOM   318  N NZ  . LYS A 1 45  ? 18.372  -13.330 -10.871 1.00 16.80 ? 45  LYS A NZ  1 
ATOM   319  N N   . THR A 1 46  ? 16.132  -6.533  -10.846 1.00 21.50 ? 46  THR A N   1 
ATOM   320  C CA  . THR A 1 46  ? 16.205  -5.099  -11.070 1.00 21.50 ? 46  THR A CA  1 
ATOM   321  C C   . THR A 1 46  ? 16.817  -4.452  -9.813  1.00 21.50 ? 46  THR A C   1 
ATOM   322  O O   . THR A 1 46  ? 17.351  -3.331  -9.856  1.00 21.50 ? 46  THR A O   1 
ATOM   323  C CB  . THR A 1 46  ? 14.761  -4.522  -11.255 1.00 10.00 ? 46  THR A CB  1 
ATOM   324  O OG1 . THR A 1 46  ? 14.352  -4.636  -12.620 1.00 10.00 ? 46  THR A OG1 1 
ATOM   325  C CG2 . THR A 1 46  ? 14.658  -3.074  -10.810 1.00 10.00 ? 46  THR A CG2 1 
ATOM   326  N N   . MET A 1 47  ? 16.829  -5.204  -8.720  1.00 14.40 ? 47  MET A N   1 
ATOM   327  C CA  . MET A 1 47  ? 17.275  -4.671  -7.459  1.00 14.40 ? 47  MET A CA  1 
ATOM   328  C C   . MET A 1 47  ? 18.693  -4.928  -6.966  1.00 14.40 ? 47  MET A C   1 
ATOM   329  O O   . MET A 1 47  ? 19.158  -6.053  -6.916  1.00 14.40 ? 47  MET A O   1 
ATOM   330  C CB  . MET A 1 47  ? 16.246  -5.081  -6.404  1.00 14.30 ? 47  MET A CB  1 
ATOM   331  C CG  . MET A 1 47  ? 14.804  -4.986  -6.930  1.00 14.30 ? 47  MET A CG  1 
ATOM   332  S SD  . MET A 1 47  ? 13.432  -5.246  -5.740  1.00 14.30 ? 47  MET A SD  1 
ATOM   333  C CE  . MET A 1 47  ? 13.393  -6.991  -5.670  1.00 14.30 ? 47  MET A CE  1 
ATOM   334  N N   . LEU A 1 48  ? 19.374  -3.856  -6.580  1.00 11.30 ? 48  LEU A N   1 
ATOM   335  C CA  . LEU A 1 48  ? 20.712  -3.953  -6.020  1.00 11.30 ? 48  LEU A CA  1 
ATOM   336  C C   . LEU A 1 48  ? 20.479  -4.607  -4.674  1.00 11.30 ? 48  LEU A C   1 
ATOM   337  O O   . LEU A 1 48  ? 21.246  -5.457  -4.245  1.00 11.30 ? 48  LEU A O   1 
ATOM   338  C CB  . LEU A 1 48  ? 21.308  -2.567  -5.800  1.00 16.50 ? 48  LEU A CB  1 
ATOM   339  C CG  . LEU A 1 48  ? 22.827  -2.447  -5.610  1.00 16.50 ? 48  LEU A CG  1 
ATOM   340  C CD1 . LEU A 1 48  ? 23.112  -1.044  -5.113  1.00 16.50 ? 48  LEU A CD1 1 
ATOM   341  C CD2 . LEU A 1 48  ? 23.416  -3.476  -4.631  1.00 16.50 ? 48  LEU A CD2 1 
ATOM   342  N N   . VAL A 1 49  ? 19.480  -4.115  -3.961  1.00 13.60 ? 49  VAL A N   1 
ATOM   343  C CA  . VAL A 1 49  ? 19.110  -4.684  -2.678  1.00 13.60 ? 49  VAL A CA  1 
ATOM   344  C C   . VAL A 1 49  ? 17.740  -5.310  -2.913  1.00 13.60 ? 49  VAL A C   1 
ATOM   345  O O   . VAL A 1 49  ? 16.769  -4.619  -3.192  1.00 13.60 ? 49  VAL A O   1 
ATOM   346  C CB  . VAL A 1 49  ? 19.057  -3.627  -1.541  1.00 17.40 ? 49  VAL A CB  1 
ATOM   347  C CG1 . VAL A 1 49  ? 18.195  -2.454  -1.922  1.00 17.40 ? 49  VAL A CG1 1 
ATOM   348  C CG2 . VAL A 1 49  ? 18.501  -4.249  -0.287  1.00 17.40 ? 49  VAL A CG2 1 
ATOM   349  N N   . GLN A 1 50  ? 17.687  -6.632  -2.894  1.00 19.40 ? 50  GLN A N   1 
ATOM   350  C CA  . GLN A 1 50  ? 16.447  -7.331  -3.140  1.00 19.40 ? 50  GLN A CA  1 
ATOM   351  C C   . GLN A 1 50  ? 15.442  -6.950  -2.113  1.00 19.40 ? 50  GLN A C   1 
ATOM   352  O O   . GLN A 1 50  ? 15.756  -6.835  -0.943  1.00 19.40 ? 50  GLN A O   1 
ATOM   353  C CB  . GLN A 1 50  ? 16.668  -8.828  -3.057  1.00 36.70 ? 50  GLN A CB  1 
ATOM   354  C CG  . GLN A 1 50  ? 17.660  -9.345  -4.054  1.00 36.70 ? 50  GLN A CG  1 
ATOM   355  C CD  . GLN A 1 50  ? 17.110  -9.334  -5.448  1.00 36.70 ? 50  GLN A CD  1 
ATOM   356  O OE1 . GLN A 1 50  ? 16.912  -8.276  -6.043  1.00 36.70 ? 50  GLN A OE1 1 
ATOM   357  N NE2 . GLN A 1 50  ? 16.814  -10.514 -5.968  1.00 36.70 ? 50  GLN A NE2 1 
ATOM   358  N N   . LYS A 1 51  ? 14.239  -6.686  -2.568  1.00 14.40 ? 51  LYS A N   1 
ATOM   359  C CA  . LYS A 1 51  ? 13.157  -6.366  -1.666  1.00 14.40 ? 51  LYS A CA  1 
ATOM   360  C C   . LYS A 1 51  ? 12.243  -7.557  -1.868  1.00 14.40 ? 51  LYS A C   1 
ATOM   361  O O   . LYS A 1 51  ? 11.845  -7.866  -2.995  1.00 14.40 ? 51  LYS A O   1 
ATOM   362  C CB  . LYS A 1 51  ? 12.462  -5.070  -2.090  1.00 35.50 ? 51  LYS A CB  1 
ATOM   363  C CG  . LYS A 1 51  ? 12.859  -3.833  -1.286  1.00 35.50 ? 51  LYS A CG  1 
ATOM   364  C CD  . LYS A 1 51  ? 14.343  -3.547  -1.327  1.00 35.50 ? 51  LYS A CD  1 
ATOM   365  C CE  . LYS A 1 51  ? 14.633  -2.088  -1.017  1.00 35.50 ? 51  LYS A CE  1 
ATOM   366  N NZ  . LYS A 1 51  ? 14.077  -1.214  -2.091  1.00 35.50 ? 51  LYS A NZ  1 
ATOM   367  N N   . ASN A 1 52  ? 11.954  -8.268  -0.796  1.00 12.80 ? 52  ASN A N   1 
ATOM   368  C CA  . ASN A 1 52  ? 11.109  -9.431  -0.938  1.00 12.80 ? 52  ASN A CA  1 
ATOM   369  C C   . ASN A 1 52  ? 9.635   -9.115  -1.027  1.00 12.80 ? 52  ASN A C   1 
ATOM   370  O O   . ASN A 1 52  ? 8.842   -10.004 -1.322  1.00 12.80 ? 52  ASN A O   1 
ATOM   371  C CB  . ASN A 1 52  ? 11.352  -10.438 0.172   1.00 24.40 ? 52  ASN A CB  1 
ATOM   372  C CG  . ASN A 1 52  ? 10.855  -9.955  1.503   1.00 24.40 ? 52  ASN A CG  1 
ATOM   373  O OD1 . ASN A 1 52  ? 10.970  -8.778  1.828   1.00 24.40 ? 52  ASN A OD1 1 
ATOM   374  N ND2 . ASN A 1 52  ? 10.299  -10.872 2.282   1.00 24.40 ? 52  ASN A ND2 1 
ATOM   375  N N   . VAL A 1 53  ? 9.243   -7.875  -0.770  1.00 12.70 ? 53  VAL A N   1 
ATOM   376  C CA  . VAL A 1 53  ? 7.830   -7.530  -0.863  1.00 12.70 ? 53  VAL A CA  1 
ATOM   377  C C   . VAL A 1 53  ? 7.635   -6.229  -1.636  1.00 12.70 ? 53  VAL A C   1 
ATOM   378  O O   . VAL A 1 53  ? 8.473   -5.328  -1.568  1.00 12.70 ? 53  VAL A O   1 
ATOM   379  C CB  . VAL A 1 53  ? 7.170   -7.437  0.532   1.00 10.00 ? 53  VAL A CB  1 
ATOM   380  C CG1 . VAL A 1 53  ? 5.713   -7.103  0.385   1.00 10.00 ? 53  VAL A CG1 1 
ATOM   381  C CG2 . VAL A 1 53  ? 7.340   -8.747  1.284   1.00 10.00 ? 53  VAL A CG2 1 
ATOM   382  N N   . THR A 1 54  ? 6.564   -6.160  -2.415  1.00 10.50 ? 54  THR A N   1 
ATOM   383  C CA  . THR A 1 54  ? 6.265   -4.978  -3.204  1.00 10.50 ? 54  THR A CA  1 
ATOM   384  C C   . THR A 1 54  ? 4.964   -4.402  -2.640  1.00 10.50 ? 54  THR A C   1 
ATOM   385  O O   . THR A 1 54  ? 4.035   -5.162  -2.333  1.00 10.50 ? 54  THR A O   1 
ATOM   386  C CB  . THR A 1 54  ? 6.103   -5.371  -4.702  1.00 10.00 ? 54  THR A CB  1 
ATOM   387  O OG1 . THR A 1 54  ? 7.381   -5.734  -5.236  1.00 10.00 ? 54  THR A OG1 1 
ATOM   388  C CG2 . THR A 1 54  ? 5.567   -4.247  -5.527  1.00 10.00 ? 54  THR A CG2 1 
ATOM   389  N N   . SER A 1 55  ? 4.937   -3.095  -2.374  1.00 10.00 ? 55  SER A N   1 
ATOM   390  C CA  . SER A 1 55  ? 3.729   -2.452  -1.867  1.00 10.00 ? 55  SER A CA  1 
ATOM   391  C C   . SER A 1 55  ? 3.292   -1.472  -2.934  1.00 10.00 ? 55  SER A C   1 
ATOM   392  O O   . SER A 1 55  ? 4.119   -0.759  -3.509  1.00 10.00 ? 55  SER A O   1 
ATOM   393  C CB  . SER A 1 55  ? 3.972   -1.709  -0.544  1.00 10.50 ? 55  SER A CB  1 
ATOM   394  O OG  . SER A 1 55  ? 2.781   -1.076  -0.067  1.00 10.50 ? 55  SER A OG  1 
ATOM   395  N N   . GLU A 1 56  ? 2.015   -1.545  -3.287  1.00 17.80 ? 56  GLU A N   1 
ATOM   396  C CA  . GLU A 1 56  ? 1.430   -0.664  -4.278  1.00 17.80 ? 56  GLU A CA  1 
ATOM   397  C C   . GLU A 1 56  ? 0.465   0.098   -3.437  1.00 17.80 ? 56  GLU A C   1 
ATOM   398  O O   . GLU A 1 56  ? -0.350  -0.535  -2.750  1.00 17.80 ? 56  GLU A O   1 
ATOM   399  C CB  . GLU A 1 56  ? 0.657   -1.466  -5.304  1.00 21.60 ? 56  GLU A CB  1 
ATOM   400  C CG  . GLU A 1 56  ? 1.503   -2.048  -6.390  1.00 21.60 ? 56  GLU A CG  1 
ATOM   401  C CD  . GLU A 1 56  ? 0.675   -2.856  -7.324  1.00 21.60 ? 56  GLU A CD  1 
ATOM   402  O OE1 . GLU A 1 56  ? -0.451  -2.431  -7.640  1.00 21.60 ? 56  GLU A OE1 1 
ATOM   403  O OE2 . GLU A 1 56  ? 1.120   -3.940  -7.730  1.00 21.60 ? 56  GLU A OE2 1 
ATOM   404  N N   . SER A 1 57  ? 0.538   1.432   -3.477  1.00 22.10 ? 57  SER A N   1 
ATOM   405  C CA  . SER A 1 57  ? -0.337  2.265   -2.652  1.00 22.10 ? 57  SER A CA  1 
ATOM   406  C C   . SER A 1 57  ? -0.691  3.663   -3.147  1.00 22.10 ? 57  SER A C   1 
ATOM   407  O O   . SER A 1 57  ? 0.116   4.338   -3.792  1.00 22.10 ? 57  SER A O   1 
ATOM   408  C CB  . SER A 1 57  ? 0.255   2.380   -1.239  1.00 24.90 ? 57  SER A CB  1 
ATOM   409  O OG  . SER A 1 57  ? 1.659   2.644   -1.264  1.00 24.90 ? 57  SER A OG  1 
ATOM   410  N N   . THR A 1 58  ? -1.913  4.077   -2.819  1.00 19.50 ? 58  THR A N   1 
ATOM   411  C CA  . THR A 1 58  ? -2.449  5.393   -3.136  1.00 19.50 ? 58  THR A CA  1 
ATOM   412  C C   . THR A 1 58  ? -2.725  5.987   -1.754  1.00 19.50 ? 58  THR A C   1 
ATOM   413  O O   . THR A 1 58  ? -2.770  5.240   -0.779  1.00 19.50 ? 58  THR A O   1 
ATOM   414  C CB  . THR A 1 58  ? -3.767  5.277   -3.920  1.00 22.30 ? 58  THR A CB  1 
ATOM   415  O OG1 . THR A 1 58  ? -4.837  4.916   -3.046  1.00 22.30 ? 58  THR A OG1 1 
ATOM   416  C CG2 . THR A 1 58  ? -3.654  4.200   -4.952  1.00 22.30 ? 58  THR A CG2 1 
ATOM   417  N N   . CYS A 1 59  ? -2.925  7.299   -1.645  1.00 15.60 ? 59  CYS A N   1 
ATOM   418  C CA  . CYS A 1 59  ? -3.185  7.893   -0.334  1.00 15.60 ? 59  CYS A CA  1 
ATOM   419  C C   . CYS A 1 59  ? -4.049  9.111   -0.344  1.00 15.60 ? 59  CYS A C   1 
ATOM   420  O O   . CYS A 1 59  ? -4.002  9.899   -1.273  1.00 15.60 ? 59  CYS A O   1 
ATOM   421  C CB  . CYS A 1 59  ? -1.887  8.171   0.398   1.00 24.60 ? 59  CYS A CB  1 
ATOM   422  S SG  . CYS A 1 59  ? -1.048  6.601   0.716   1.00 24.60 ? 59  CYS A SG  1 
ATOM   423  N N   . CYS A 1 60  ? -4.847  9.257   0.703   1.00 11.70 ? 60  CYS A N   1 
ATOM   424  C CA  . CYS A 1 60  ? -5.772  10.372  0.818   1.00 11.70 ? 60  CYS A CA  1 
ATOM   425  C C   . CYS A 1 60  ? -5.016  11.677  0.956   1.00 11.70 ? 60  CYS A C   1 
ATOM   426  O O   . CYS A 1 60  ? -4.445  11.977  2.008   1.00 11.70 ? 60  CYS A O   1 
ATOM   427  C CB  . CYS A 1 60  ? -6.685  10.161  2.009   1.00 10.00 ? 60  CYS A CB  1 
ATOM   428  S SG  . CYS A 1 60  ? -8.055  11.340  2.049   1.00 10.00 ? 60  CYS A SG  1 
ATOM   429  N N   . VAL A 1 61  ? -4.962  12.424  -0.141  1.00 17.20 ? 61  VAL A N   1 
ATOM   430  C CA  . VAL A 1 61  ? -4.254  13.698  -0.168  1.00 17.20 ? 61  VAL A CA  1 
ATOM   431  C C   . VAL A 1 61  ? -5.051  14.887  -0.762  1.00 17.20 ? 61  VAL A C   1 
ATOM   432  O O   . VAL A 1 61  ? -6.175  14.720  -1.255  1.00 17.20 ? 61  VAL A O   1 
ATOM   433  C CB  . VAL A 1 61  ? -2.873  13.532  -0.857  1.00 18.90 ? 61  VAL A CB  1 
ATOM   434  C CG1 . VAL A 1 61  ? -2.048  12.506  -0.097  1.00 18.90 ? 61  VAL A CG1 1 
ATOM   435  C CG2 . VAL A 1 61  ? -3.026  13.110  -2.306  1.00 18.90 ? 61  VAL A CG2 1 
ATOM   436  N N   . ALA A 1 62  ? -4.489  16.090  -0.687  1.00 16.50 ? 62  ALA A N   1 
ATOM   437  C CA  . ALA A 1 62  ? -5.185  17.262  -1.201  1.00 16.50 ? 62  ALA A CA  1 
ATOM   438  C C   . ALA A 1 62  ? -5.008  17.461  -2.689  1.00 16.50 ? 62  ALA A C   1 
ATOM   439  O O   . ALA A 1 62  ? -3.891  17.475  -3.192  1.00 16.50 ? 62  ALA A O   1 
ATOM   440  C CB  . ALA A 1 62  ? -4.739  18.496  -0.464  1.00 17.00 ? 62  ALA A CB  1 
ATOM   441  N N   . LYS A 1 63  ? -6.119  17.557  -3.403  1.00 24.20 ? 63  LYS A N   1 
ATOM   442  C CA  . LYS A 1 63  ? -6.083  17.798  -4.840  1.00 24.20 ? 63  LYS A CA  1 
ATOM   443  C C   . LYS A 1 63  ? -5.758  19.292  -5.007  1.00 24.20 ? 63  LYS A C   1 
ATOM   444  O O   . LYS A 1 63  ? -4.921  19.661  -5.822  1.00 24.20 ? 63  LYS A O   1 
ATOM   445  C CB  . LYS A 1 63  ? -7.441  17.450  -5.493  1.00 38.10 ? 63  LYS A CB  1 
ATOM   446  C CG  . LYS A 1 63  ? -7.425  17.385  -7.031  1.00 38.10 ? 63  LYS A CG  1 
ATOM   447  C CD  . LYS A 1 63  ? -8.828  17.251  -7.664  1.00 38.10 ? 63  LYS A CD  1 
ATOM   448  C CE  . LYS A 1 63  ? -9.394  15.814  -7.666  1.00 38.10 ? 63  LYS A CE  1 
ATOM   449  N NZ  . LYS A 1 63  ? -8.897  14.922  -8.795  1.00 38.10 ? 63  LYS A NZ  1 
ATOM   450  N N   . SER A 1 64  ? -6.369  20.128  -4.169  1.00 23.40 ? 64  SER A N   1 
ATOM   451  C CA  . SER A 1 64  ? -6.170  21.572  -4.203  1.00 23.40 ? 64  SER A CA  1 
ATOM   452  C C   . SER A 1 64  ? -6.272  22.111  -2.793  1.00 23.40 ? 64  SER A C   1 
ATOM   453  O O   . SER A 1 64  ? -6.969  21.530  -1.972  1.00 23.40 ? 64  SER A O   1 
ATOM   454  C CB  . SER A 1 64  ? -7.271  22.203  -5.037  1.00 31.10 ? 64  SER A CB  1 
ATOM   455  O OG  . SER A 1 64  ? -8.546  21.708  -4.624  1.00 31.10 ? 64  SER A OG  1 
ATOM   456  N N   . TYR A 1 65  ? -5.661  23.254  -2.530  1.00 30.60 ? 65  TYR A N   1 
ATOM   457  C CA  . TYR A 1 65  ? -5.707  23.834  -1.200  1.00 30.60 ? 65  TYR A CA  1 
ATOM   458  C C   . TYR A 1 65  ? -5.081  25.210  -1.278  1.00 30.60 ? 65  TYR A C   1 
ATOM   459  O O   . TYR A 1 65  ? -4.315  25.479  -2.203  1.00 30.60 ? 65  TYR A O   1 
ATOM   460  C CB  . TYR A 1 65  ? -4.851  23.004  -0.269  1.00 38.40 ? 65  TYR A CB  1 
ATOM   461  C CG  . TYR A 1 65  ? -3.403  23.062  -0.654  1.00 38.40 ? 65  TYR A CG  1 
ATOM   462  C CD1 . TYR A 1 65  ? -2.904  22.274  -1.678  1.00 38.40 ? 65  TYR A CD1 1 
ATOM   463  C CD2 . TYR A 1 65  ? -2.536  23.955  -0.040  1.00 38.40 ? 65  TYR A CD2 1 
ATOM   464  C CE1 . TYR A 1 65  ? -1.565  22.372  -2.086  1.00 38.40 ? 65  TYR A CE1 1 
ATOM   465  C CE2 . TYR A 1 65  ? -1.201  24.063  -0.440  1.00 38.40 ? 65  TYR A CE2 1 
ATOM   466  C CZ  . TYR A 1 65  ? -0.728  23.271  -1.462  1.00 38.40 ? 65  TYR A CZ  1 
ATOM   467  O OH  . TYR A 1 65  ? 0.584   23.390  -1.855  1.00 38.40 ? 65  TYR A OH  1 
ATOM   468  N N   . ASN A 1 66  ? -5.303  26.029  -0.252  1.00 31.00 ? 66  ASN A N   1 
ATOM   469  C CA  . ASN A 1 66  ? -4.732  27.379  -0.186  1.00 31.00 ? 66  ASN A CA  1 
ATOM   470  C C   . ASN A 1 66  ? -4.017  27.545  1.142   1.00 31.00 ? 66  ASN A C   1 
ATOM   471  O O   . ASN A 1 66  ? -4.584  27.248  2.182   1.00 31.00 ? 66  ASN A O   1 
ATOM   472  C CB  . ASN A 1 66  ? -5.815  28.464  -0.234  1.00 41.70 ? 66  ASN A CB  1 
ATOM   473  C CG  . ASN A 1 66  ? -7.056  28.053  -1.016  1.00 41.70 ? 66  ASN A CG  1 
ATOM   474  O OD1 . ASN A 1 66  ? -6.985  27.685  -2.196  1.00 41.70 ? 66  ASN A OD1 1 
ATOM   475  N ND2 . ASN A 1 66  ? -8.219  28.168  -0.365  1.00 41.70 ? 66  ASN A ND2 1 
ATOM   476  N N   . ARG A 1 67  ? -2.781  28.020  1.129   1.00 27.40 ? 67  ARG A N   1 
ATOM   477  C CA  . ARG A 1 67  ? -2.092  28.222  2.389   1.00 27.40 ? 67  ARG A CA  1 
ATOM   478  C C   . ARG A 1 67  ? -2.508  29.559  2.998   1.00 27.40 ? 67  ARG A C   1 
ATOM   479  O O   . ARG A 1 67  ? -2.309  30.616  2.402   1.00 27.40 ? 67  ARG A O   1 
ATOM   480  C CB  . ARG A 1 67  ? -0.564  28.124  2.248   1.00 55.20 ? 67  ARG A CB  1 
ATOM   481  C CG  . ARG A 1 67  ? -0.004  28.293  0.841   1.00 55.20 ? 67  ARG A CG  1 
ATOM   482  C CD  . ARG A 1 67  ? 1.397   27.648  0.728   1.00 55.20 ? 67  ARG A CD  1 
ATOM   483  N NE  . ARG A 1 67  ? 1.876   27.592  -0.659  1.00 55.20 ? 67  ARG A NE  1 
ATOM   484  C CZ  . ARG A 1 67  ? 2.615   26.607  -1.179  1.00 55.20 ? 67  ARG A CZ  1 
ATOM   485  N NH1 . ARG A 1 67  ? 2.987   25.570  -0.426  1.00 55.20 ? 67  ARG A NH1 1 
ATOM   486  N NH2 . ARG A 1 67  ? 2.952   26.641  -2.472  1.00 55.20 ? 67  ARG A NH2 1 
ATOM   487  N N   . VAL A 1 68  ? -3.215  29.485  4.119   1.00 28.10 ? 68  VAL A N   1 
ATOM   488  C CA  . VAL A 1 68  ? -3.647  30.673  4.831   1.00 28.10 ? 68  VAL A CA  1 
ATOM   489  C C   . VAL A 1 68  ? -2.903  30.727  6.157   1.00 28.10 ? 68  VAL A C   1 
ATOM   490  O O   . VAL A 1 68  ? -1.966  29.959  6.398   1.00 28.10 ? 68  VAL A O   1 
ATOM   491  C CB  . VAL A 1 68  ? -5.168  30.688  5.122   1.00 22.70 ? 68  VAL A CB  1 
ATOM   492  C CG1 . VAL A 1 68  ? -5.950  30.706  3.841   1.00 22.70 ? 68  VAL A CG1 1 
ATOM   493  C CG2 . VAL A 1 68  ? -5.565  29.517  5.993   1.00 22.70 ? 68  VAL A CG2 1 
ATOM   494  N N   . THR A 1 69  ? -3.300  31.681  6.989   1.00 27.90 ? 69  THR A N   1 
ATOM   495  C CA  . THR A 1 69  ? -2.718  31.875  8.310   1.00 27.90 ? 69  THR A CA  1 
ATOM   496  C C   . THR A 1 69  ? -3.851  32.115  9.282   1.00 27.90 ? 69  THR A C   1 
ATOM   497  O O   . THR A 1 69  ? -4.795  32.856  8.990   1.00 27.90 ? 69  THR A O   1 
ATOM   498  C CB  . THR A 1 69  ? -1.777  33.064  8.353   1.00 34.00 ? 69  THR A CB  1 
ATOM   499  O OG1 . THR A 1 69  ? -0.654  32.802  7.499   1.00 34.00 ? 69  THR A OG1 1 
ATOM   500  C CG2 . THR A 1 69  ? -1.293  33.313  9.785   1.00 34.00 ? 69  THR A CG2 1 
ATOM   501  N N   . VAL A 1 70  ? -3.739  31.521  10.458  1.00 21.20 ? 70  VAL A N   1 
ATOM   502  C CA  . VAL A 1 70  ? -4.800  31.634  11.419  1.00 21.20 ? 70  VAL A CA  1 
ATOM   503  C C   . VAL A 1 70  ? -4.359  31.717  12.853  1.00 21.20 ? 70  VAL A C   1 
ATOM   504  O O   . VAL A 1 70  ? -3.199  31.518  13.178  1.00 21.20 ? 70  VAL A O   1 
ATOM   505  C CB  . VAL A 1 70  ? -5.712  30.411  11.292  1.00 16.50 ? 70  VAL A CB  1 
ATOM   506  C CG1 . VAL A 1 70  ? -6.465  30.436  9.949   1.00 16.50 ? 70  VAL A CG1 1 
ATOM   507  C CG2 . VAL A 1 70  ? -4.864  29.140  11.407  1.00 16.50 ? 70  VAL A CG2 1 
ATOM   508  N N   . MET A 1 71  ? -5.326  32.028  13.700  1.00 27.90 ? 71  MET A N   1 
ATOM   509  C CA  . MET A 1 71  ? -5.127  32.098  15.128  1.00 27.90 ? 71  MET A CA  1 
ATOM   510  C C   . MET A 1 71  ? -3.820  32.746  15.545  1.00 27.90 ? 71  MET A C   1 
ATOM   511  O O   . MET A 1 71  ? -3.082  32.225  16.372  1.00 27.90 ? 71  MET A O   1 
ATOM   512  C CB  . MET A 1 71  ? -5.224  30.687  15.687  1.00 35.40 ? 71  MET A CB  1 
ATOM   513  C CG  . MET A 1 71  ? -6.397  29.921  15.133  1.00 35.40 ? 71  MET A CG  1 
ATOM   514  S SD  . MET A 1 71  ? -6.681  28.429  16.086  1.00 35.40 ? 71  MET A SD  1 
ATOM   515  C CE  . MET A 1 71  ? -8.279  28.842  16.981  1.00 35.40 ? 71  MET A CE  1 
ATOM   516  N N   . GLY A 1 72  ? -3.550  33.921  15.016  1.00 32.60 ? 72  GLY A N   1 
ATOM   517  C CA  . GLY A 1 72  ? -2.310  34.569  15.373  1.00 32.60 ? 72  GLY A CA  1 
ATOM   518  C C   . GLY A 1 72  ? -1.260  34.339  14.306  1.00 32.60 ? 72  GLY A C   1 
ATOM   519  O O   . GLY A 1 72  ? -1.178  35.125  13.358  1.00 32.60 ? 72  GLY A O   1 
ATOM   520  N N   . GLY A 1 73  ? -0.506  33.245  14.406  1.00 27.80 ? 73  GLY A N   1 
ATOM   521  C CA  . GLY A 1 73  ? 0.528   32.982  13.419  1.00 27.80 ? 73  GLY A CA  1 
ATOM   522  C C   . GLY A 1 73  ? 0.678   31.581  12.854  1.00 27.80 ? 73  GLY A C   1 
ATOM   523  O O   . GLY A 1 73  ? 1.761   31.224  12.395  1.00 27.80 ? 73  GLY A O   1 
ATOM   524  N N   . PHE A 1 74  ? -0.357  30.759  12.916  1.00 30.00 ? 74  PHE A N   1 
ATOM   525  C CA  . PHE A 1 74  ? -0.249  29.422  12.347  1.00 30.00 ? 74  PHE A CA  1 
ATOM   526  C C   . PHE A 1 74  ? -0.346  29.604  10.855  1.00 30.00 ? 74  PHE A C   1 
ATOM   527  O O   . PHE A 1 74  ? -1.141  30.412  10.381  1.00 30.00 ? 74  PHE A O   1 
ATOM   528  C CB  . PHE A 1 74  ? -1.392  28.536  12.801  1.00 18.80 ? 74  PHE A CB  1 
ATOM   529  C CG  . PHE A 1 74  ? -1.219  28.006  14.181  1.00 18.80 ? 74  PHE A CG  1 
ATOM   530  C CD1 . PHE A 1 74  ? 0.030   27.607  14.635  1.00 18.80 ? 74  PHE A CD1 1 
ATOM   531  C CD2 . PHE A 1 74  ? -2.302  27.888  15.027  1.00 18.80 ? 74  PHE A CD2 1 
ATOM   532  C CE1 . PHE A 1 74  ? 0.201   27.098  15.917  1.00 18.80 ? 74  PHE A CE1 1 
ATOM   533  C CE2 . PHE A 1 74  ? -2.138  27.381  16.306  1.00 18.80 ? 74  PHE A CE2 1 
ATOM   534  C CZ  . PHE A 1 74  ? -0.877  26.988  16.749  1.00 18.80 ? 74  PHE A CZ  1 
ATOM   535  N N   . LYS A 1 75  ? 0.500   28.917  10.107  1.00 34.70 ? 75  LYS A N   1 
ATOM   536  C CA  . LYS A 1 75  ? 0.456   29.034  8.660   1.00 34.70 ? 75  LYS A CA  1 
ATOM   537  C C   . LYS A 1 75  ? -0.006  27.698  8.128   1.00 34.70 ? 75  LYS A C   1 
ATOM   538  O O   . LYS A 1 75  ? 0.799   26.881  7.700   1.00 34.70 ? 75  LYS A O   1 
ATOM   539  C CB  . LYS A 1 75  ? 1.830   29.417  8.121   1.00 65.30 ? 75  LYS A CB  1 
ATOM   540  C CG  . LYS A 1 75  ? 2.963   28.649  8.763   1.00 65.30 ? 75  LYS A CG  1 
ATOM   541  C CD  . LYS A 1 75  ? 4.190   29.521  8.969   1.00 65.30 ? 75  LYS A CD  1 
ATOM   542  C CE  . LYS A 1 75  ? 4.771   30.054  7.656   1.00 65.30 ? 75  LYS A CE  1 
ATOM   543  N NZ  . LYS A 1 75  ? 3.980   31.148  6.999   1.00 65.30 ? 75  LYS A NZ  1 
ATOM   544  N N   . VAL A 1 76  ? -1.306  27.463  8.219   1.00 27.60 ? 76  VAL A N   1 
ATOM   545  C CA  . VAL A 1 76  ? -1.906  26.220  7.770   1.00 27.60 ? 76  VAL A CA  1 
ATOM   546  C C   . VAL A 1 76  ? -2.330  26.168  6.305   1.00 27.60 ? 76  VAL A C   1 
ATOM   547  O O   . VAL A 1 76  ? -2.664  27.186  5.693   1.00 27.60 ? 76  VAL A O   1 
ATOM   548  C CB  . VAL A 1 76  ? -3.159  25.901  8.604   1.00 25.50 ? 76  VAL A CB  1 
ATOM   549  C CG1 . VAL A 1 76  ? -2.826  25.899  10.083  1.00 25.50 ? 76  VAL A CG1 1 
ATOM   550  C CG2 . VAL A 1 76  ? -4.278  26.895  8.303   1.00 25.50 ? 76  VAL A CG2 1 
ATOM   551  N N   . GLU A 1 77  ? -2.315  24.971  5.739   1.00 24.30 ? 77  GLU A N   1 
ATOM   552  C CA  . GLU A 1 77  ? -2.777  24.830  4.380   1.00 24.30 ? 77  GLU A CA  1 
ATOM   553  C C   . GLU A 1 77  ? -4.169  24.222  4.523   1.00 24.30 ? 77  GLU A C   1 
ATOM   554  O O   . GLU A 1 77  ? -4.369  23.204  5.178   1.00 24.30 ? 77  GLU A O   1 
ATOM   555  C CB  . GLU A 1 77  ? -1.840  23.984  3.538   1.00 35.60 ? 77  GLU A CB  1 
ATOM   556  C CG  . GLU A 1 77  ? -2.033  22.517  3.660   1.00 35.60 ? 77  GLU A CG  1 
ATOM   557  C CD  . GLU A 1 77  ? -1.134  21.739  2.719   1.00 35.60 ? 77  GLU A CD  1 
ATOM   558  O OE1 . GLU A 1 77  ? -0.138  22.327  2.233   1.00 35.60 ? 77  GLU A OE1 1 
ATOM   559  O OE2 . GLU A 1 77  ? -1.430  20.544  2.462   1.00 35.60 ? 77  GLU A OE2 1 
ATOM   560  N N   . ASN A 1 78  ? -5.138  24.978  4.033   1.00 23.90 ? 78  ASN A N   1 
ATOM   561  C CA  . ASN A 1 78  ? -6.550  24.650  4.082   1.00 23.90 ? 78  ASN A CA  1 
ATOM   562  C C   . ASN A 1 78  ? -6.960  23.949  2.779   1.00 23.90 ? 78  ASN A C   1 
ATOM   563  O O   . ASN A 1 78  ? -7.027  24.583  1.722   1.00 23.90 ? 78  ASN A O   1 
ATOM   564  C CB  . ASN A 1 78  ? -7.276  25.976  4.258   1.00 17.90 ? 78  ASN A CB  1 
ATOM   565  C CG  . ASN A 1 78  ? -8.762  25.857  4.229   1.00 17.90 ? 78  ASN A CG  1 
ATOM   566  O OD1 . ASN A 1 78  ? -9.329  24.812  4.510   1.00 17.90 ? 78  ASN A OD1 1 
ATOM   567  N ND2 . ASN A 1 78  ? -9.394  26.988  3.944   1.00 17.90 ? 78  ASN A ND2 1 
ATOM   568  N N   . HIS A 1 79  ? -7.202  22.642  2.833   1.00 15.90 ? 79  HIS A N   1 
ATOM   569  C CA  . HIS A 1 79  ? -7.580  21.881  1.635   1.00 15.90 ? 79  HIS A CA  1 
ATOM   570  C C   . HIS A 1 79  ? -8.949  22.214  1.072   1.00 15.90 ? 79  HIS A C   1 
ATOM   571  O O   . HIS A 1 79  ? -9.810  22.701  1.784   1.00 15.90 ? 79  HIS A O   1 
ATOM   572  C CB  . HIS A 1 79  ? -7.513  20.396  1.944   1.00 14.30 ? 79  HIS A CB  1 
ATOM   573  C CG  . HIS A 1 79  ? -6.168  19.960  2.422   1.00 14.30 ? 79  HIS A CG  1 
ATOM   574  N ND1 . HIS A 1 79  ? -5.989  18.894  3.265   1.00 14.30 ? 79  HIS A ND1 1 
ATOM   575  C CD2 . HIS A 1 79  ? -4.936  20.468  2.179   1.00 14.30 ? 79  HIS A CD2 1 
ATOM   576  C CE1 . HIS A 1 79  ? -4.698  18.758  3.534   1.00 14.30 ? 79  HIS A CE1 1 
ATOM   577  N NE2 . HIS A 1 79  ? -4.045  19.702  2.885   1.00 14.30 ? 79  HIS A NE2 1 
ATOM   578  N N   . THR A 1 80  ? -9.150  21.956  -0.214  1.00 14.90 ? 80  THR A N   1 
ATOM   579  C CA  . THR A 1 80  ? -10.440 22.220  -0.842  1.00 14.90 ? 80  THR A CA  1 
ATOM   580  C C   . THR A 1 80  ? -10.851 21.208  -1.884  1.00 14.90 ? 80  THR A C   1 
ATOM   581  O O   . THR A 1 80  ? -11.569 21.570  -2.814  1.00 14.90 ? 80  THR A O   1 
ATOM   582  C CB  . THR A 1 80  ? -10.472 23.576  -1.559  1.00 23.40 ? 80  THR A CB  1 
ATOM   583  O OG1 . THR A 1 80  ? -9.382  23.657  -2.486  1.00 23.40 ? 80  THR A OG1 1 
ATOM   584  C CG2 . THR A 1 80  ? -10.403 24.708  -0.560  1.00 23.40 ? 80  THR A CG2 1 
ATOM   585  N N   . ALA A 1 81  ? -10.356 19.978  -1.767  1.00 15.70 ? 81  ALA A N   1 
ATOM   586  C CA  . ALA A 1 81  ? -10.678 18.886  -2.692  1.00 15.70 ? 81  ALA A CA  1 
ATOM   587  C C   . ALA A 1 81  ? -9.742  17.734  -2.406  1.00 15.70 ? 81  ALA A C   1 
ATOM   588  O O   . ALA A 1 81  ? -8.527  17.910  -2.358  1.00 15.70 ? 81  ALA A O   1 
ATOM   589  C CB  . ALA A 1 81  ? -10.501 19.326  -4.117  1.00 13.20 ? 81  ALA A CB  1 
ATOM   590  N N   . CYS A 1 82  ? -10.285 16.544  -2.269  1.00 10.70 ? 82  CYS A N   1 
ATOM   591  C CA  . CYS A 1 82  ? -9.444  15.412  -1.963  1.00 10.70 ? 82  CYS A CA  1 
ATOM   592  C C   . CYS A 1 82  ? -9.459  14.360  -3.050  1.00 10.70 ? 82  CYS A C   1 
ATOM   593  O O   . CYS A 1 82  ? -10.242 14.448  -3.994  1.00 10.70 ? 82  CYS A O   1 
ATOM   594  C CB  . CYS A 1 82  ? -9.891  14.809  -0.641  1.00 10.00 ? 82  CYS A CB  1 
ATOM   595  S SG  . CYS A 1 82  ? -10.083 16.042  0.676   1.00 10.00 ? 82  CYS A SG  1 
ATOM   596  N N   . HIS A 1 83  ? -8.545  13.401  -2.938  1.00 12.70 ? 83  HIS A N   1 
ATOM   597  C CA  . HIS A 1 83  ? -8.432  12.291  -3.875  1.00 12.70 ? 83  HIS A CA  1 
ATOM   598  C C   . HIS A 1 83  ? -7.309  11.381  -3.425  1.00 12.70 ? 83  HIS A C   1 
ATOM   599  O O   . HIS A 1 83  ? -6.458  11.816  -2.663  1.00 12.70 ? 83  HIS A O   1 
ATOM   600  C CB  . HIS A 1 83  ? -8.183  12.783  -5.307  1.00 14.50 ? 83  HIS A CB  1 
ATOM   601  C CG  . HIS A 1 83  ? -6.828  13.382  -5.532  1.00 14.50 ? 83  HIS A CG  1 
ATOM   602  N ND1 . HIS A 1 83  ? -6.095  13.984  -4.532  1.00 14.50 ? 83  HIS A ND1 1 
ATOM   603  C CD2 . HIS A 1 83  ? -6.070  13.466  -6.654  1.00 14.50 ? 83  HIS A CD2 1 
ATOM   604  C CE1 . HIS A 1 83  ? -4.943  14.413  -5.025  1.00 14.50 ? 83  HIS A CE1 1 
ATOM   605  N NE2 . HIS A 1 83  ? -4.905  14.107  -6.309  1.00 14.50 ? 83  HIS A NE2 1 
ATOM   606  N N   . CYS A 1 84  ? -7.336  10.116  -3.840  1.00 14.10 ? 84  CYS A N   1 
ATOM   607  C CA  . CYS A 1 84  ? -6.282  9.156   -3.488  1.00 14.10 ? 84  CYS A CA  1 
ATOM   608  C C   . CYS A 1 84  ? -5.172  9.317   -4.506  1.00 14.10 ? 84  CYS A C   1 
ATOM   609  O O   . CYS A 1 84  ? -5.414  9.212   -5.698  1.00 14.10 ? 84  CYS A O   1 
ATOM   610  C CB  . CYS A 1 84  ? -6.815  7.734   -3.536  1.00 11.40 ? 84  CYS A CB  1 
ATOM   611  S SG  . CYS A 1 84  ? -8.116  7.509   -2.313  1.00 11.40 ? 84  CYS A SG  1 
ATOM   612  N N   . SER A 1 85  ? -3.948  9.533   -4.055  1.00 15.60 ? 85  SER A N   1 
ATOM   613  C CA  . SER A 1 85  ? -2.891  9.749   -5.002  1.00 15.60 ? 85  SER A CA  1 
ATOM   614  C C   . SER A 1 85  ? -1.612  9.176   -4.510  1.00 15.60 ? 85  SER A C   1 
ATOM   615  O O   . SER A 1 85  ? -1.567  8.532   -3.474  1.00 15.60 ? 85  SER A O   1 
ATOM   616  C CB  . SER A 1 85  ? -2.718  11.250  -5.214  1.00 19.50 ? 85  SER A CB  1 
ATOM   617  O OG  . SER A 1 85  ? -1.885  11.521  -6.320  1.00 19.50 ? 85  SER A OG  1 
ATOM   618  N N   . THR A 1 86  ? -0.584  9.365   -5.323  1.00 30.00 ? 86  THR A N   1 
ATOM   619  C CA  . THR A 1 86  ? 0.756   8.928   -5.009  1.00 30.00 ? 86  THR A CA  1 
ATOM   620  C C   . THR A 1 86  ? 0.969   9.189   -3.546  1.00 30.00 ? 86  THR A C   1 
ATOM   621  O O   . THR A 1 86  ? 0.662   10.265  -3.034  1.00 30.00 ? 86  THR A O   1 
ATOM   622  C CB  . THR A 1 86  ? 1.815   9.745   -5.770  1.00 36.50 ? 86  THR A CB  1 
ATOM   623  O OG1 . THR A 1 86  ? 3.090   9.594   -5.127  1.00 36.50 ? 86  THR A OG1 1 
ATOM   624  C CG2 . THR A 1 86  ? 1.434   11.218  -5.781  1.00 36.50 ? 86  THR A CG2 1 
ATOM   625  N N   . CYS A 1 87  ? 1.484   8.181   -2.875  1.00 39.70 ? 87  CYS A N   1 
ATOM   626  C CA  . CYS A 1 87  ? 1.719   8.294   -1.468  1.00 39.70 ? 87  CYS A CA  1 
ATOM   627  C C   . CYS A 1 87  ? 3.101   8.870   -1.095  1.00 39.70 ? 87  CYS A C   1 
ATOM   628  O O   . CYS A 1 87  ? 3.221   9.678   -0.169  1.00 39.70 ? 87  CYS A O   1 
ATOM   629  C CB  . CYS A 1 87  ? 1.480   6.936   -0.834  1.00 30.40 ? 87  CYS A CB  1 
ATOM   630  S SG  . CYS A 1 87  ? 0.885   7.126   0.849   1.00 30.40 ? 87  CYS A SG  1 
ATOM   631  N N   . TYR A 1 88  ? 4.146   8.462   -1.806  1.00 50.00 ? 88  TYR A N   1 
ATOM   632  C CA  . TYR A 1 88  ? 5.489   8.955   -1.513  1.00 50.00 ? 88  TYR A CA  1 
ATOM   633  C C   . TYR A 1 88  ? 5.777   10.114  -2.457  1.00 50.00 ? 88  TYR A C   1 
ATOM   634  O O   . TYR A 1 88  ? 6.406   9.941   -3.515  1.00 50.00 ? 88  TYR A O   1 
ATOM   635  C CB  . TYR A 1 88  ? 6.519   7.812   -1.625  1.00 49.90 ? 88  TYR A CB  1 
ATOM   636  C CG  . TYR A 1 88  ? 6.313   6.771   -0.541  1.00 49.90 ? 88  TYR A CG  1 
ATOM   637  C CD1 . TYR A 1 88  ? 6.752   7.012   0.760   1.00 49.90 ? 88  TYR A CD1 1 
ATOM   638  C CD2 . TYR A 1 88  ? 5.548   5.629   -0.766  1.00 49.90 ? 88  TYR A CD2 1 
ATOM   639  C CE1 . TYR A 1 88  ? 6.420   6.163   1.806   1.00 49.90 ? 88  TYR A CE1 1 
ATOM   640  C CE2 . TYR A 1 88  ? 5.211   4.775   0.282   1.00 49.90 ? 88  TYR A CE2 1 
ATOM   641  C CZ  . TYR A 1 88  ? 5.645   5.055   1.564   1.00 49.90 ? 88  TYR A CZ  1 
ATOM   642  O OH  . TYR A 1 88  ? 5.263   4.275   2.631   1.00 49.90 ? 88  TYR A OH  1 
ATOM   643  N N   . TYR A 1 89  ? 5.194   11.264  -2.112  1.00 50.00 ? 89  TYR A N   1 
ATOM   644  C CA  . TYR A 1 89  ? 5.329   12.496  -2.898  1.00 50.00 ? 89  TYR A CA  1 
ATOM   645  C C   . TYR A 1 89  ? 6.508   13.384  -2.425  1.00 50.00 ? 89  TYR A C   1 
ATOM   646  O O   . TYR A 1 89  ? 6.326   14.625  -2.276  1.00 50.00 ? 89  TYR A O   1 
ATOM   647  C CB  . TYR A 1 89  ? 4.002   13.285  -2.870  1.00 67.90 ? 89  TYR A CB  1 
ATOM   648  N N   . LYS B 2 2   ? -20.054 -8.133  -0.784  1.00 50.00 ? 2   LYS B N   1 
ATOM   649  C CA  . LYS B 2 2   ? -20.370 -8.040  0.674   1.00 50.00 ? 2   LYS B CA  1 
ATOM   650  C C   . LYS B 2 2   ? -20.676 -6.596  1.091   1.00 50.00 ? 2   LYS B C   1 
ATOM   651  O O   . LYS B 2 2   ? -20.586 -5.663  0.285   1.00 50.00 ? 2   LYS B O   1 
ATOM   652  C CB  . LYS B 2 2   ? -19.234 -8.607  1.514   1.00 59.90 ? 2   LYS B CB  1 
ATOM   653  N N   . GLU B 2 3   ? -20.973 -6.420  2.367   1.00 50.00 ? 3   GLU B N   1 
ATOM   654  C CA  . GLU B 2 3   ? -21.325 -5.115  2.896   1.00 50.00 ? 3   GLU B CA  1 
ATOM   655  C C   . GLU B 2 3   ? -20.319 -3.946  2.875   1.00 50.00 ? 3   GLU B C   1 
ATOM   656  O O   . GLU B 2 3   ? -20.729 -2.800  2.681   1.00 50.00 ? 3   GLU B O   1 
ATOM   657  C CB  . GLU B 2 3   ? -21.939 -5.280  4.294   1.00 61.90 ? 3   GLU B CB  1 
ATOM   658  C CG  . GLU B 2 3   ? -21.318 -6.397  5.168   1.00 61.90 ? 3   GLU B CG  1 
ATOM   659  C CD  . GLU B 2 3   ? -20.133 -5.941  6.029   1.00 61.90 ? 3   GLU B CD  1 
ATOM   660  O OE1 . GLU B 2 3   ? -20.087 -4.751  6.423   1.00 61.90 ? 3   GLU B OE1 1 
ATOM   661  O OE2 . GLU B 2 3   ? -19.256 -6.789  6.318   1.00 61.90 ? 3   GLU B OE2 1 
ATOM   662  N N   . PRO B 2 4   ? -19.008 -4.207  3.017   1.00 33.30 ? 4   PRO B N   1 
ATOM   663  C CA  . PRO B 2 4   ? -18.143 -3.025  2.992   1.00 33.30 ? 4   PRO B CA  1 
ATOM   664  C C   . PRO B 2 4   ? -17.988 -2.431  1.601   1.00 33.30 ? 4   PRO B C   1 
ATOM   665  O O   . PRO B 2 4   ? -17.954 -3.159  0.607   1.00 33.30 ? 4   PRO B O   1 
ATOM   666  C CB  . PRO B 2 4   ? -16.810 -3.553  3.532   1.00 35.80 ? 4   PRO B CB  1 
ATOM   667  C CG  . PRO B 2 4   ? -17.183 -4.793  4.284   1.00 35.80 ? 4   PRO B CG  1 
ATOM   668  C CD  . PRO B 2 4   ? -18.234 -5.399  3.388   1.00 35.80 ? 4   PRO B CD  1 
ATOM   669  N N   . LEU B 2 5   ? -17.923 -1.103  1.538   1.00 23.30 ? 5   LEU B N   1 
ATOM   670  C CA  . LEU B 2 5   ? -17.760 -0.385  0.278   1.00 23.30 ? 5   LEU B CA  1 
ATOM   671  C C   . LEU B 2 5   ? -16.273 -0.191  0.013   1.00 23.30 ? 5   LEU B C   1 
ATOM   672  O O   . LEU B 2 5   ? -15.824 -0.186  -1.145  1.00 23.30 ? 5   LEU B O   1 
ATOM   673  C CB  . LEU B 2 5   ? -18.432 0.991   0.343   1.00 27.70 ? 5   LEU B CB  1 
ATOM   674  C CG  . LEU B 2 5   ? -19.879 1.229   -0.113  1.00 27.70 ? 5   LEU B CG  1 
ATOM   675  C CD1 . LEU B 2 5   ? -20.055 0.796   -1.568  1.00 27.70 ? 5   LEU B CD1 1 
ATOM   676  C CD2 . LEU B 2 5   ? -20.862 0.505   0.793   1.00 27.70 ? 5   LEU B CD2 1 
ATOM   677  N N   . ARG B 2 6   ? -15.536 0.044   1.090   1.00 13.20 ? 6   ARG B N   1 
ATOM   678  C CA  . ARG B 2 6   ? -14.103 0.262   1.051   1.00 13.20 ? 6   ARG B CA  1 
ATOM   679  C C   . ARG B 2 6   ? -13.598 -0.561  2.225   1.00 13.20 ? 6   ARG B C   1 
ATOM   680  O O   . ARG B 2 6   ? -13.432 -0.028  3.318   1.00 13.20 ? 6   ARG B O   1 
ATOM   681  C CB  . ARG B 2 6   ? -13.831 1.754   1.285   1.00 20.40 ? 6   ARG B CB  1 
ATOM   682  C CG  . ARG B 2 6   ? -14.544 2.651   0.290   1.00 20.40 ? 6   ARG B CG  1 
ATOM   683  C CD  . ARG B 2 6   ? -14.888 4.031   0.842   1.00 20.40 ? 6   ARG B CD  1 
ATOM   684  N NE  . ARG B 2 6   ? -15.643 4.790   -0.152  1.00 20.40 ? 6   ARG B NE  1 
ATOM   685  C CZ  . ARG B 2 6   ? -15.107 5.310   -1.264  1.00 20.40 ? 6   ARG B CZ  1 
ATOM   686  N NH1 . ARG B 2 6   ? -13.791 5.233   -1.476  1.00 20.40 ? 6   ARG B NH1 1 
ATOM   687  N NH2 . ARG B 2 6   ? -15.864 5.978   -2.139  1.00 20.40 ? 6   ARG B NH2 1 
ATOM   688  N N   . PRO B 2 7   ? -13.323 -1.863  1.989   1.00 10.00 ? 7   PRO B N   1 
ATOM   689  C CA  . PRO B 2 7   ? -12.843 -2.881  2.931   1.00 10.00 ? 7   PRO B CA  1 
ATOM   690  C C   . PRO B 2 7   ? -11.513 -2.594  3.577   1.00 10.00 ? 7   PRO B C   1 
ATOM   691  O O   . PRO B 2 7   ? -10.553 -2.286  2.892   1.00 10.00 ? 7   PRO B O   1 
ATOM   692  C CB  . PRO B 2 7   ? -12.711 -4.122  2.055   1.00 10.00 ? 7   PRO B CB  1 
ATOM   693  C CG  . PRO B 2 7   ? -13.538 -3.844  0.877   1.00 10.00 ? 7   PRO B CG  1 
ATOM   694  C CD  . PRO B 2 7   ? -13.315 -2.399  0.627   1.00 10.00 ? 7   PRO B CD  1 
ATOM   695  N N   . ARG B 2 8   ? -11.436 -2.725  4.891   1.00 10.00 ? 8   ARG B N   1 
ATOM   696  C CA  . ARG B 2 8   ? -10.179 -2.510  5.584   1.00 10.00 ? 8   ARG B CA  1 
ATOM   697  C C   . ARG B 2 8   ? -9.253  -3.682  5.272   1.00 10.00 ? 8   ARG B C   1 
ATOM   698  O O   . ARG B 2 8   ? -9.702  -4.819  5.091   1.00 10.00 ? 8   ARG B O   1 
ATOM   699  C CB  . ARG B 2 8   ? -10.372 -2.405  7.095   1.00 30.70 ? 8   ARG B CB  1 
ATOM   700  C CG  . ARG B 2 8   ? -10.761 -1.022  7.610   1.00 30.70 ? 8   ARG B CG  1 
ATOM   701  C CD  . ARG B 2 8   ? -10.389 -0.868  9.087   1.00 30.70 ? 8   ARG B CD  1 
ATOM   702  N NE  . ARG B 2 8   ? -8.967  -1.134  9.300   1.00 30.70 ? 8   ARG B NE  1 
ATOM   703  C CZ  . ARG B 2 8   ? -8.085  -0.218  9.701   1.00 30.70 ? 8   ARG B CZ  1 
ATOM   704  N NH1 . ARG B 2 8   ? -8.493  1.032   9.954   1.00 30.70 ? 8   ARG B NH1 1 
ATOM   705  N NH2 . ARG B 2 8   ? -6.782  -0.522  9.739   1.00 30.70 ? 8   ARG B NH2 1 
ATOM   706  N N   . CYS B 2 9   ? -7.960  -3.375  5.227   1.00 10.00 ? 9   CYS B N   1 
ATOM   707  C CA  . CYS B 2 9   ? -6.845  -4.294  4.941   1.00 10.00 ? 9   CYS B CA  1 
ATOM   708  C C   . CYS B 2 9   ? -7.063  -5.681  5.507   1.00 10.00 ? 9   CYS B C   1 
ATOM   709  O O   . CYS B 2 9   ? -7.218  -5.835  6.708   1.00 10.00 ? 9   CYS B O   1 
ATOM   710  C CB  . CYS B 2 9   ? -5.558  -3.679  5.525   1.00 10.00 ? 9   CYS B CB  1 
ATOM   711  S SG  . CYS B 2 9   ? -3.945  -4.406  5.111   1.00 10.00 ? 9   CYS B SG  1 
ATOM   712  N N   . ARG B 2 10  ? -7.148  -6.675  4.638   1.00 10.00 ? 10  ARG B N   1 
ATOM   713  C CA  . ARG B 2 10  ? -7.311  -8.048  5.075   1.00 10.00 ? 10  ARG B CA  1 
ATOM   714  C C   . ARG B 2 10  ? -6.817  -8.880  3.938   1.00 10.00 ? 10  ARG B C   1 
ATOM   715  O O   . ARG B 2 10  ? -6.851  -8.438  2.799   1.00 10.00 ? 10  ARG B O   1 
ATOM   716  C CB  . ARG B 2 10  ? -8.772  -8.363  5.357   1.00 11.70 ? 10  ARG B CB  1 
ATOM   717  C CG  . ARG B 2 10  ? -9.731  -7.692  4.410   1.00 11.70 ? 10  ARG B CG  1 
ATOM   718  C CD  . ARG B 2 10  ? -9.754  -8.322  3.050   1.00 11.70 ? 10  ARG B CD  1 
ATOM   719  N NE  . ARG B 2 10  ? -9.710  -7.315  1.997   1.00 11.70 ? 10  ARG B NE  1 
ATOM   720  C CZ  . ARG B 2 10  ? -10.715 -7.047  1.172   1.00 11.70 ? 10  ARG B CZ  1 
ATOM   721  N NH1 . ARG B 2 10  ? -11.860 -7.712  1.282   1.00 11.70 ? 10  ARG B NH1 1 
ATOM   722  N NH2 . ARG B 2 10  ? -10.560 -6.145  0.211   1.00 11.70 ? 10  ARG B NH2 1 
ATOM   723  N N   . PRO B 2 11  ? -6.305  -10.080 4.236   1.00 10.00 ? 11  PRO B N   1 
ATOM   724  C CA  . PRO B 2 11  ? -5.800  -10.975 3.198   1.00 10.00 ? 11  PRO B CA  1 
ATOM   725  C C   . PRO B 2 11  ? -6.941  -11.389 2.285   1.00 10.00 ? 11  PRO B C   1 
ATOM   726  O O   . PRO B 2 11  ? -8.072  -11.584 2.733   1.00 10.00 ? 11  PRO B O   1 
ATOM   727  C CB  . PRO B 2 11  ? -5.308  -12.158 4.003   1.00 10.00 ? 11  PRO B CB  1 
ATOM   728  C CG  . PRO B 2 11  ? -6.298  -12.198 5.127   1.00 10.00 ? 11  PRO B CG  1 
ATOM   729  C CD  . PRO B 2 11  ? -6.360  -10.752 5.534   1.00 10.00 ? 11  PRO B CD  1 
ATOM   730  N N   . ILE B 2 12  ? -6.643  -11.484 0.998   1.00 15.20 ? 12  ILE B N   1 
ATOM   731  C CA  . ILE B 2 12  ? -7.605  -11.860 -0.022  1.00 15.20 ? 12  ILE B CA  1 
ATOM   732  C C   . ILE B 2 12  ? -6.846  -12.831 -0.890  1.00 15.20 ? 12  ILE B C   1 
ATOM   733  O O   . ILE B 2 12  ? -5.698  -12.564 -1.259  1.00 15.20 ? 12  ILE B O   1 
ATOM   734  C CB  . ILE B 2 12  ? -7.989  -10.658 -0.903  1.00 12.10 ? 12  ILE B CB  1 
ATOM   735  C CG1 . ILE B 2 12  ? -6.725  -9.971  -1.419  1.00 12.10 ? 12  ILE B CG1 1 
ATOM   736  C CG2 . ILE B 2 12  ? -8.817  -9.675  -0.107  1.00 12.10 ? 12  ILE B CG2 1 
ATOM   737  C CD1 . ILE B 2 12  ? -6.758  -9.622  -2.878  1.00 12.10 ? 12  ILE B CD1 1 
ATOM   738  N N   . ASN B 2 13  ? -7.434  -13.972 -1.204  1.00 21.50 ? 13  ASN B N   1 
ATOM   739  C CA  . ASN B 2 13  ? -6.651  -14.869 -2.012  1.00 21.50 ? 13  ASN B CA  1 
ATOM   740  C C   . ASN B 2 13  ? -6.663  -14.501 -3.474  1.00 21.50 ? 13  ASN B C   1 
ATOM   741  O O   . ASN B 2 13  ? -7.572  -13.833 -3.952  1.00 21.50 ? 13  ASN B O   1 
ATOM   742  C CB  . ASN B 2 13  ? -6.919  -16.359 -1.727  1.00 37.90 ? 13  ASN B CB  1 
ATOM   743  C CG  . ASN B 2 13  ? -8.362  -16.700 -1.686  1.00 37.90 ? 13  ASN B CG  1 
ATOM   744  O OD1 . ASN B 2 13  ? -8.971  -16.862 -2.726  1.00 37.90 ? 13  ASN B OD1 1 
ATOM   745  N ND2 . ASN B 2 13  ? -8.906  -16.890 -0.486  1.00 37.90 ? 13  ASN B ND2 1 
ATOM   746  N N   . ALA B 2 14  ? -5.521  -14.760 -4.096  1.00 16.50 ? 14  ALA B N   1 
ATOM   747  C CA  . ALA B 2 14  ? -5.287  -14.492 -5.503  1.00 16.50 ? 14  ALA B CA  1 
ATOM   748  C C   . ALA B 2 14  ? -4.281  -15.530 -6.016  1.00 16.50 ? 14  ALA B C   1 
ATOM   749  O O   . ALA B 2 14  ? -3.745  -16.323 -5.244  1.00 16.50 ? 14  ALA B O   1 
ATOM   750  C CB  . ALA B 2 14  ? -4.743  -13.096 -5.669  1.00 13.90 ? 14  ALA B CB  1 
ATOM   751  N N   . THR B 2 15  ? -4.021  -15.512 -7.313  1.00 16.10 ? 15  THR B N   1 
ATOM   752  C CA  . THR B 2 15  ? -3.099  -16.462 -7.903  1.00 16.10 ? 15  THR B CA  1 
ATOM   753  C C   . THR B 2 15  ? -1.843  -15.716 -8.273  1.00 16.10 ? 15  THR B C   1 
ATOM   754  O O   . THR B 2 15  ? -1.925  -14.658 -8.888  1.00 16.10 ? 15  THR B O   1 
ATOM   755  C CB  . THR B 2 15  ? -3.673  -17.125 -9.211  1.00 20.60 ? 15  THR B CB  1 
ATOM   756  O OG1 . THR B 2 15  ? -3.130  -16.493 -10.377 1.00 20.60 ? 15  THR B OG1 1 
ATOM   757  C CG2 . THR B 2 15  ? -5.206  -17.034 -9.266  1.00 20.60 ? 15  THR B CG2 1 
ATOM   758  N N   . LEU B 2 16  ? -0.682  -16.244 -7.915  1.00 11.90 ? 16  LEU B N   1 
ATOM   759  C CA  . LEU B 2 16  ? 0.525   -15.556 -8.284  1.00 11.90 ? 16  LEU B CA  1 
ATOM   760  C C   . LEU B 2 16  ? 1.411   -16.450 -9.126  1.00 11.90 ? 16  LEU B C   1 
ATOM   761  O O   . LEU B 2 16  ? 1.368   -17.676 -9.002  1.00 11.90 ? 16  LEU B O   1 
ATOM   762  C CB  . LEU B 2 16  ? 1.225   -15.013 -7.042  1.00 18.40 ? 16  LEU B CB  1 
ATOM   763  C CG  . LEU B 2 16  ? 2.113   -15.871 -6.163  1.00 18.40 ? 16  LEU B CG  1 
ATOM   764  C CD1 . LEU B 2 16  ? 3.536   -15.775 -6.712  1.00 18.40 ? 16  LEU B CD1 1 
ATOM   765  C CD2 . LEU B 2 16  ? 2.078   -15.342 -4.723  1.00 18.40 ? 16  LEU B CD2 1 
ATOM   766  N N   . ALA B 2 17  ? 2.152   -15.826 -10.034 1.00 13.10 ? 17  ALA B N   1 
ATOM   767  C CA  . ALA B 2 17  ? 3.057   -16.511 -10.958 1.00 13.10 ? 17  ALA B CA  1 
ATOM   768  C C   . ALA B 2 17  ? 4.315   -17.002 -10.259 1.00 13.10 ? 17  ALA B C   1 
ATOM   769  O O   . ALA B 2 17  ? 5.065   -16.202 -9.697  1.00 13.10 ? 17  ALA B O   1 
ATOM   770  C CB  . ALA B 2 17  ? 3.439   -15.575 -12.052 1.00 10.00 ? 17  ALA B CB  1 
ATOM   771  N N   . VAL B 2 18  ? 4.567   -18.301 -10.302 1.00 10.00 ? 18  VAL B N   1 
ATOM   772  C CA  . VAL B 2 18  ? 5.738   -18.858 -9.659  1.00 10.00 ? 18  VAL B CA  1 
ATOM   773  C C   . VAL B 2 18  ? 6.603   -19.470 -10.721 1.00 10.00 ? 18  VAL B C   1 
ATOM   774  O O   . VAL B 2 18  ? 6.112   -20.244 -11.529 1.00 10.00 ? 18  VAL B O   1 
ATOM   775  C CB  . VAL B 2 18  ? 5.335   -19.926 -8.677  1.00 10.00 ? 18  VAL B CB  1 
ATOM   776  C CG1 . VAL B 2 18  ? 6.516   -20.806 -8.324  1.00 10.00 ? 18  VAL B CG1 1 
ATOM   777  C CG2 . VAL B 2 18  ? 4.749   -19.262 -7.448  1.00 10.00 ? 18  VAL B CG2 1 
ATOM   778  N N   . GLU B 2 19  ? 7.890   -19.152 -10.705 1.00 12.00 ? 19  GLU B N   1 
ATOM   779  C CA  . GLU B 2 19  ? 8.801   -19.679 -11.700 1.00 12.00 ? 19  GLU B CA  1 
ATOM   780  C C   . GLU B 2 19  ? 10.238  -19.551 -11.211 1.00 12.00 ? 19  GLU B C   1 
ATOM   781  O O   . GLU B 2 19  ? 10.540  -18.720 -10.353 1.00 12.00 ? 19  GLU B O   1 
ATOM   782  C CB  . GLU B 2 19  ? 8.638   -18.909 -13.006 1.00 24.80 ? 19  GLU B CB  1 
ATOM   783  C CG  . GLU B 2 19  ? 9.385   -17.589 -13.035 1.00 24.80 ? 19  GLU B CG  1 
ATOM   784  C CD  . GLU B 2 19  ? 8.530   -16.436 -13.504 1.00 24.80 ? 19  GLU B CD  1 
ATOM   785  O OE1 . GLU B 2 19  ? 8.474   -16.188 -14.732 1.00 24.80 ? 19  GLU B OE1 1 
ATOM   786  O OE2 . GLU B 2 19  ? 7.926   -15.753 -12.644 1.00 24.80 ? 19  GLU B OE2 1 
ATOM   787  N N   . LYS B 2 20  ? 11.124  -20.399 -11.722 1.00 15.40 ? 20  LYS B N   1 
ATOM   788  C CA  . LYS B 2 20  ? 12.515  -20.338 -11.311 1.00 15.40 ? 20  LYS B CA  1 
ATOM   789  C C   . LYS B 2 20  ? 13.276  -20.176 -12.582 1.00 15.40 ? 20  LYS B C   1 
ATOM   790  O O   . LYS B 2 20  ? 12.901  -20.734 -13.606 1.00 15.40 ? 20  LYS B O   1 
ATOM   791  C CB  . LYS B 2 20  ? 12.945  -21.628 -10.626 1.00 17.40 ? 20  LYS B CB  1 
ATOM   792  C CG  . LYS B 2 20  ? 14.264  -21.507 -9.902  1.00 17.40 ? 20  LYS B CG  1 
ATOM   793  C CD  . LYS B 2 20  ? 14.654  -22.806 -9.232  1.00 17.40 ? 20  LYS B CD  1 
ATOM   794  C CE  . LYS B 2 20  ? 15.743  -22.536 -8.214  1.00 17.40 ? 20  LYS B CE  1 
ATOM   795  N NZ  . LYS B 2 20  ? 16.361  -23.770 -7.696  1.00 17.40 ? 20  LYS B NZ  1 
ATOM   796  N N   . GLU B 2 21  ? 14.351  -19.417 -12.528 1.00 23.00 ? 21  GLU B N   1 
ATOM   797  C CA  . GLU B 2 21  ? 15.138  -19.176 -13.720 1.00 23.00 ? 21  GLU B CA  1 
ATOM   798  C C   . GLU B 2 21  ? 15.784  -20.508 -14.148 1.00 23.00 ? 21  GLU B C   1 
ATOM   799  O O   . GLU B 2 21  ? 16.748  -20.971 -13.537 1.00 23.00 ? 21  GLU B O   1 
ATOM   800  C CB  . GLU B 2 21  ? 16.163  -18.034 -13.442 1.00 10.00 ? 21  GLU B CB  1 
ATOM   801  C CG  . GLU B 2 21  ? 17.152  -18.244 -12.226 1.00 10.00 ? 21  GLU B CG  1 
ATOM   802  C CD  . GLU B 2 21  ? 16.717  -17.684 -10.870 1.00 10.00 ? 21  GLU B CD  1 
ATOM   803  O OE1 . GLU B 2 21  ? 15.944  -18.324 -10.136 1.00 10.00 ? 21  GLU B OE1 1 
ATOM   804  O OE2 . GLU B 2 21  ? 17.276  -16.654 -10.470 1.00 10.00 ? 21  GLU B OE2 1 
ATOM   805  N N   . GLY B 2 22  ? 15.220  -21.172 -15.150 1.00 26.10 ? 22  GLY B N   1 
ATOM   806  C CA  . GLY B 2 22  ? 15.803  -22.446 -15.563 1.00 26.10 ? 22  GLY B CA  1 
ATOM   807  C C   . GLY B 2 22  ? 14.856  -23.598 -15.935 1.00 26.10 ? 22  GLY B C   1 
ATOM   808  O O   . GLY B 2 22  ? 15.284  -24.579 -16.561 1.00 26.10 ? 22  GLY B O   1 
ATOM   809  N N   . CYS B 2 23  ? 13.605  -23.535 -15.489 1.00 26.10 ? 23  CYS B N   1 
ATOM   810  C CA  . CYS B 2 23  ? 12.646  -24.563 -15.847 1.00 26.10 ? 23  CYS B CA  1 
ATOM   811  C C   . CYS B 2 23  ? 11.819  -23.939 -16.939 1.00 26.10 ? 23  CYS B C   1 
ATOM   812  O O   . CYS B 2 23  ? 11.625  -22.734 -16.969 1.00 26.10 ? 23  CYS B O   1 
ATOM   813  C CB  . CYS B 2 23  ? 11.818  -24.975 -14.660 1.00 22.00 ? 23  CYS B CB  1 
ATOM   814  S SG  . CYS B 2 23  ? 12.960  -25.374 -13.321 1.00 22.00 ? 23  CYS B SG  1 
ATOM   815  N N   . PRO B 2 24  ? 11.376  -24.757 -17.884 1.00 26.90 ? 24  PRO B N   1 
ATOM   816  C CA  . PRO B 2 24  ? 10.586  -24.367 -19.043 1.00 26.90 ? 24  PRO B CA  1 
ATOM   817  C C   . PRO B 2 24  ? 9.294   -23.629 -18.732 1.00 26.90 ? 24  PRO B C   1 
ATOM   818  O O   . PRO B 2 24  ? 8.951   -22.658 -19.395 1.00 26.90 ? 24  PRO B O   1 
ATOM   819  C CB  . PRO B 2 24  ? 10.306  -25.715 -19.717 1.00 28.20 ? 24  PRO B CB  1 
ATOM   820  C CG  . PRO B 2 24  ? 11.460  -26.586 -19.269 1.00 28.20 ? 24  PRO B CG  1 
ATOM   821  C CD  . PRO B 2 24  ? 11.506  -26.219 -17.825 1.00 28.20 ? 24  PRO B CD  1 
ATOM   822  N N   . VAL B 2 25  ? 8.582   -24.085 -17.717 1.00 28.20 ? 25  VAL B N   1 
ATOM   823  C CA  . VAL B 2 25  ? 7.305   -23.488 -17.405 1.00 28.20 ? 25  VAL B CA  1 
ATOM   824  C C   . VAL B 2 25  ? 7.317   -22.547 -16.229 1.00 28.20 ? 25  VAL B C   1 
ATOM   825  O O   . VAL B 2 25  ? 8.260   -22.523 -15.430 1.00 28.20 ? 25  VAL B O   1 
ATOM   826  C CB  . VAL B 2 25  ? 6.257   -24.574 -17.108 1.00 35.70 ? 25  VAL B CB  1 
ATOM   827  C CG1 . VAL B 2 25  ? 6.207   -25.596 -18.240 1.00 35.70 ? 25  VAL B CG1 1 
ATOM   828  C CG2 . VAL B 2 25  ? 6.580   -25.267 -15.776 1.00 35.70 ? 25  VAL B CG2 1 
ATOM   829  N N   . CYS B 2 26  ? 6.213   -21.813 -16.125 1.00 28.20 ? 26  CYS B N   1 
ATOM   830  C CA  . CYS B 2 26  ? 5.949   -20.866 -15.054 1.00 28.20 ? 26  CYS B CA  1 
ATOM   831  C C   . CYS B 2 26  ? 4.560   -21.254 -14.631 1.00 28.20 ? 26  CYS B C   1 
ATOM   832  O O   . CYS B 2 26  ? 3.700   -21.449 -15.489 1.00 28.20 ? 26  CYS B O   1 
ATOM   833  C CB  . CYS B 2 26  ? 5.876   -19.439 -15.577 1.00 32.50 ? 26  CYS B CB  1 
ATOM   834  S SG  . CYS B 2 26  ? 5.345   -18.264 -14.292 1.00 32.50 ? 26  CYS B SG  1 
ATOM   835  N N   . ILE B 2 27  ? 4.332   -21.419 -13.339 1.00 22.10 ? 27  ILE B N   1 
ATOM   836  C CA  . ILE B 2 27  ? 3.004   -21.793 -12.903 1.00 22.10 ? 27  ILE B CA  1 
ATOM   837  C C   . ILE B 2 27  ? 2.411   -20.711 -12.023 1.00 22.10 ? 27  ILE B C   1 
ATOM   838  O O   . ILE B 2 27  ? 2.961   -19.618 -11.915 1.00 22.10 ? 27  ILE B O   1 
ATOM   839  C CB  . ILE B 2 27  ? 2.979   -23.199 -12.227 1.00 19.40 ? 27  ILE B CB  1 
ATOM   840  C CG1 . ILE B 2 27  ? 3.398   -23.135 -10.760 1.00 19.40 ? 27  ILE B CG1 1 
ATOM   841  C CG2 . ILE B 2 27  ? 3.867   -24.155 -13.000 1.00 19.40 ? 27  ILE B CG2 1 
ATOM   842  C CD1 . ILE B 2 27  ? 4.787   -22.632 -10.525 1.00 19.40 ? 27  ILE B CD1 1 
ATOM   843  N N   . THR B 2 28  ? 1.234   -20.989 -11.483 1.00 21.20 ? 28  THR B N   1 
ATOM   844  C CA  . THR B 2 28  ? 0.524   -20.066 -10.614 1.00 21.20 ? 28  THR B CA  1 
ATOM   845  C C   . THR B 2 28  ? 0.029   -20.860 -9.413  1.00 21.20 ? 28  THR B C   1 
ATOM   846  O O   . THR B 2 28  ? -0.387  -22.023 -9.552  1.00 21.20 ? 28  THR B O   1 
ATOM   847  C CB  . THR B 2 28  ? -0.715  -19.506 -11.328 1.00 21.30 ? 28  THR B CB  1 
ATOM   848  O OG1 . THR B 2 28  ? -1.553  -20.593 -11.736 1.00 21.30 ? 28  THR B OG1 1 
ATOM   849  C CG2 . THR B 2 28  ? -0.313  -18.703 -12.554 1.00 21.30 ? 28  THR B CG2 1 
ATOM   850  N N   . VAL B 2 29  ? 0.064   -20.245 -8.241  1.00 21.80 ? 29  VAL B N   1 
ATOM   851  C CA  . VAL B 2 29  ? -0.424  -20.932 -7.067  1.00 21.80 ? 29  VAL B CA  1 
ATOM   852  C C   . VAL B 2 29  ? -1.441  -20.071 -6.344  1.00 21.80 ? 29  VAL B C   1 
ATOM   853  O O   . VAL B 2 29  ? -1.459  -18.857 -6.527  1.00 21.80 ? 29  VAL B O   1 
ATOM   854  C CB  . VAL B 2 29  ? 0.713   -21.344 -6.099  1.00 21.60 ? 29  VAL B CB  1 
ATOM   855  C CG1 . VAL B 2 29  ? 1.717   -22.214 -6.824  1.00 21.60 ? 29  VAL B CG1 1 
ATOM   856  C CG2 . VAL B 2 29  ? 1.377   -20.127 -5.501  1.00 21.60 ? 29  VAL B CG2 1 
ATOM   857  N N   . ASN B 2 30  ? -2.351  -20.714 -5.618  1.00 24.20 ? 30  ASN B N   1 
ATOM   858  C CA  . ASN B 2 30  ? -3.343  -19.978 -4.868  1.00 24.20 ? 30  ASN B CA  1 
ATOM   859  C C   . ASN B 2 30  ? -2.721  -19.581 -3.559  1.00 24.20 ? 30  ASN B C   1 
ATOM   860  O O   . ASN B 2 30  ? -2.160  -20.428 -2.850  1.00 24.20 ? 30  ASN B O   1 
ATOM   861  C CB  . ASN B 2 30  ? -4.568  -20.826 -4.530  1.00 48.50 ? 30  ASN B CB  1 
ATOM   862  C CG  . ASN B 2 30  ? -5.479  -20.145 -3.472  1.00 48.50 ? 30  ASN B CG  1 
ATOM   863  O OD1 . ASN B 2 30  ? -5.829  -18.960 -3.618  1.00 48.50 ? 30  ASN B OD1 1 
ATOM   864  N ND2 . ASN B 2 30  ? -5.849  -20.869 -2.406  1.00 48.50 ? 30  ASN B ND2 1 
ATOM   865  N N   . THR B 2 31  ? -2.825  -18.302 -3.231  1.00 13.40 ? 31  THR B N   1 
ATOM   866  C CA  . THR B 2 31  ? -2.329  -17.816 -1.963  1.00 13.40 ? 31  THR B CA  1 
ATOM   867  C C   . THR B 2 31  ? -3.176  -16.675 -1.549  1.00 13.40 ? 31  THR B C   1 
ATOM   868  O O   . THR B 2 31  ? -4.122  -16.300 -2.222  1.00 13.40 ? 31  THR B O   1 
ATOM   869  C CB  . THR B 2 31  ? -0.931  -17.272 -2.034  1.00 10.00 ? 31  THR B CB  1 
ATOM   870  O OG1 . THR B 2 31  ? -0.726  -16.652 -3.301  1.00 10.00 ? 31  THR B OG1 1 
ATOM   871  C CG2 . THR B 2 31  ? 0.045   -18.354 -1.820  1.00 10.00 ? 31  THR B CG2 1 
ATOM   872  N N   . THR B 2 32  ? -2.799  -16.106 -0.430  1.00 14.40 ? 32  THR B N   1 
ATOM   873  C CA  . THR B 2 32  ? -3.494  -14.969 0.092   1.00 14.40 ? 32  THR B CA  1 
ATOM   874  C C   . THR B 2 32  ? -2.487  -13.830 0.153   1.00 14.40 ? 32  THR B C   1 
ATOM   875  O O   . THR B 2 32  ? -1.328  -14.031 0.533   1.00 14.40 ? 32  THR B O   1 
ATOM   876  C CB  . THR B 2 32  ? -4.011  -15.273 1.494   1.00 19.00 ? 32  THR B CB  1 
ATOM   877  O OG1 . THR B 2 32  ? -2.960  -15.867 2.264   1.00 19.00 ? 32  THR B OG1 1 
ATOM   878  C CG2 . THR B 2 32  ? -5.178  -16.238 1.410   1.00 19.00 ? 32  THR B CG2 1 
ATOM   879  N N   . ILE B 2 33  ? -2.884  -12.674 -0.352  1.00 11.40 ? 33  ILE B N   1 
ATOM   880  C CA  . ILE B 2 33  ? -2.031  -11.508 -0.293  1.00 11.40 ? 33  ILE B CA  1 
ATOM   881  C C   . ILE B 2 33  ? -2.797  -10.517 0.586   1.00 11.40 ? 33  ILE B C   1 
ATOM   882  O O   . ILE B 2 33  ? -3.825  -10.867 1.168   1.00 11.40 ? 33  ILE B O   1 
ATOM   883  C CB  . ILE B 2 33  ? -1.764  -10.924 -1.691  1.00 10.00 ? 33  ILE B CB  1 
ATOM   884  C CG1 . ILE B 2 33  ? -3.075  -10.647 -2.416  1.00 10.00 ? 33  ILE B CG1 1 
ATOM   885  C CG2 . ILE B 2 33  ? -0.909  -11.875 -2.498  1.00 10.00 ? 33  ILE B CG2 1 
ATOM   886  C CD1 . ILE B 2 33  ? -2.863  -10.022 -3.771  1.00 10.00 ? 33  ILE B CD1 1 
ATOM   887  N N   . CYS B 2 34  ? -2.259  -9.321  0.775   1.00 13.80 ? 34  CYS B N   1 
ATOM   888  C CA  . CYS B 2 34  ? -2.950  -8.308  1.561   1.00 13.80 ? 34  CYS B CA  1 
ATOM   889  C C   . CYS B 2 34  ? -3.407  -7.173  0.627   1.00 13.80 ? 34  CYS B C   1 
ATOM   890  O O   . CYS B 2 34  ? -2.645  -6.684  -0.217  1.00 13.80 ? 34  CYS B O   1 
ATOM   891  C CB  . CYS B 2 34  ? -2.041  -7.754  2.647   1.00 11.40 ? 34  CYS B CB  1 
ATOM   892  S SG  . CYS B 2 34  ? -1.561  -8.969  3.883   1.00 11.40 ? 34  CYS B SG  1 
ATOM   893  N N   . ALA B 2 35  ? -4.670  -6.810  0.719   1.00 17.60 ? 35  ALA B N   1 
ATOM   894  C CA  . ALA B 2 35  ? -5.192  -5.741  -0.102  1.00 17.60 ? 35  ALA B CA  1 
ATOM   895  C C   . ALA B 2 35  ? -6.409  -5.229  0.635   1.00 17.60 ? 35  ALA B C   1 
ATOM   896  O O   . ALA B 2 35  ? -7.135  -5.991  1.284   1.00 17.60 ? 35  ALA B O   1 
ATOM   897  C CB  . ALA B 2 35  ? -5.559  -6.241  -1.479  1.00 11.20 ? 35  ALA B CB  1 
ATOM   898  N N   . GLY B 2 36  ? -6.593  -3.925  0.609   1.00 14.90 ? 36  GLY B N   1 
ATOM   899  C CA  . GLY B 2 36  ? -7.713  -3.355  1.303   1.00 14.90 ? 36  GLY B CA  1 
ATOM   900  C C   . GLY B 2 36  ? -7.477  -1.876  1.388   1.00 14.90 ? 36  GLY B C   1 
ATOM   901  O O   . GLY B 2 36  ? -6.569  -1.343  0.720   1.00 14.90 ? 36  GLY B O   1 
ATOM   902  N N   . TYR B 2 37  ? -8.288  -1.220  2.208   1.00 10.00 ? 37  TYR B N   1 
ATOM   903  C CA  . TYR B 2 37  ? -8.193  0.207   2.381   1.00 10.00 ? 37  TYR B CA  1 
ATOM   904  C C   . TYR B 2 37  ? -7.576  0.453   3.726   1.00 10.00 ? 37  TYR B C   1 
ATOM   905  O O   . TYR B 2 37  ? -7.640  -0.393  4.618   1.00 10.00 ? 37  TYR B O   1 
ATOM   906  C CB  . TYR B 2 37  ? -9.564  0.870   2.275   1.00 10.00 ? 37  TYR B CB  1 
ATOM   907  C CG  . TYR B 2 37  ? -10.109 0.883   0.870   1.00 10.00 ? 37  TYR B CG  1 
ATOM   908  C CD1 . TYR B 2 37  ? -10.714 -0.240  0.326   1.00 10.00 ? 37  TYR B CD1 1 
ATOM   909  C CD2 . TYR B 2 37  ? -10.032 2.025   0.078   1.00 10.00 ? 37  TYR B CD2 1 
ATOM   910  C CE1 . TYR B 2 37  ? -11.229 -0.226  -0.967  1.00 10.00 ? 37  TYR B CE1 1 
ATOM   911  C CE2 . TYR B 2 37  ? -10.547 2.040   -1.216  1.00 10.00 ? 37  TYR B CE2 1 
ATOM   912  C CZ  . TYR B 2 37  ? -11.140 0.906   -1.722  1.00 10.00 ? 37  TYR B CZ  1 
ATOM   913  O OH  . TYR B 2 37  ? -11.646 0.890   -2.988  1.00 10.00 ? 37  TYR B OH  1 
ATOM   914  N N   . CYS B 2 38  ? -6.948  1.608   3.844   1.00 13.00 ? 38  CYS B N   1 
ATOM   915  C CA  . CYS B 2 38  ? -6.293  1.994   5.064   1.00 13.00 ? 38  CYS B CA  1 
ATOM   916  C C   . CYS B 2 38  ? -6.387  3.491   5.246   1.00 13.00 ? 38  CYS B C   1 
ATOM   917  O O   . CYS B 2 38  ? -6.313  4.241   4.275   1.00 13.00 ? 38  CYS B O   1 
ATOM   918  C CB  . CYS B 2 38  ? -4.871  1.520   4.989   1.00 11.30 ? 38  CYS B CB  1 
ATOM   919  S SG  . CYS B 2 38  ? -4.765  -0.026  5.894   1.00 11.30 ? 38  CYS B SG  1 
ATOM   920  N N   . PRO B 2 39  ? -6.606  3.944   6.485   1.00 12.60 ? 39  PRO B N   1 
ATOM   921  C CA  . PRO B 2 39  ? -6.731  5.362   6.795   1.00 12.60 ? 39  PRO B CA  1 
ATOM   922  C C   . PRO B 2 39  ? -5.440  6.135   6.774   1.00 12.60 ? 39  PRO B C   1 
ATOM   923  O O   . PRO B 2 39  ? -4.490  5.788   7.484   1.00 12.60 ? 39  PRO B O   1 
ATOM   924  C CB  . PRO B 2 39  ? -7.284  5.334   8.210   1.00 10.00 ? 39  PRO B CB  1 
ATOM   925  C CG  . PRO B 2 39  ? -6.541  4.215   8.800   1.00 10.00 ? 39  PRO B CG  1 
ATOM   926  C CD  . PRO B 2 39  ? -6.668  3.148   7.715   1.00 10.00 ? 39  PRO B CD  1 
ATOM   927  N N   . THR B 2 40  ? -5.393  7.174   5.947   1.00 15.70 ? 40  THR B N   1 
ATOM   928  C CA  . THR B 2 40  ? -4.232  8.062   5.881   1.00 15.70 ? 40  THR B CA  1 
ATOM   929  C C   . THR B 2 40  ? -4.706  9.519   6.023   1.00 15.70 ? 40  THR B C   1 
ATOM   930  O O   . THR B 2 40  ? -5.912  9.784   6.120   1.00 15.70 ? 40  THR B O   1 
ATOM   931  C CB  . THR B 2 40  ? -3.452  7.912   4.568   1.00 19.10 ? 40  THR B CB  1 
ATOM   932  O OG1 . THR B 2 40  ? -4.363  7.840   3.459   1.00 19.10 ? 40  THR B OG1 1 
ATOM   933  C CG2 . THR B 2 40  ? -2.562  6.691   4.618   1.00 19.10 ? 40  THR B CG2 1 
ATOM   934  N N   . MET B 2 41  ? -3.759  10.452  6.068   1.00 25.80 ? 41  MET B N   1 
ATOM   935  C CA  . MET B 2 41  ? -4.075  11.871  6.186   1.00 25.80 ? 41  MET B CA  1 
ATOM   936  C C   . MET B 2 41  ? -2.799  12.669  6.196   1.00 25.80 ? 41  MET B C   1 
ATOM   937  O O   . MET B 2 41  ? -1.766  12.195  6.655   1.00 25.80 ? 41  MET B O   1 
ATOM   938  C CB  . MET B 2 41  ? -4.832  12.160  7.482   1.00 38.30 ? 41  MET B CB  1 
ATOM   939  C CG  . MET B 2 41  ? -4.173  11.575  8.719   1.00 38.30 ? 41  MET B CG  1 
ATOM   940  S SD  . MET B 2 41  ? -4.882  12.176  10.247  1.00 38.30 ? 41  MET B SD  1 
ATOM   941  C CE  . MET B 2 41  ? -3.715  13.389  10.650  1.00 38.30 ? 41  MET B CE  1 
ATOM   942  N N   . THR B 2 42  ? -2.874  13.893  5.715   1.00 33.70 ? 42  THR B N   1 
ATOM   943  C CA  . THR B 2 42  ? -1.708  14.747  5.691   1.00 33.70 ? 42  THR B CA  1 
ATOM   944  C C   . THR B 2 42  ? -1.950  15.876  6.685   1.00 33.70 ? 42  THR B C   1 
ATOM   945  O O   . THR B 2 42  ? -3.102  16.174  7.000   1.00 33.70 ? 42  THR B O   1 
ATOM   946  C CB  . THR B 2 42  ? -1.480  15.277  4.270   1.00 35.30 ? 42  THR B CB  1 
ATOM   947  O OG1 . THR B 2 42  ? -2.704  15.817  3.755   1.00 35.30 ? 42  THR B OG1 1 
ATOM   948  C CG2 . THR B 2 42  ? -1.033  14.138  3.365   1.00 35.30 ? 42  THR B CG2 1 
ATOM   949  N N   . ARG B 2 43  ? -0.889  16.461  7.236   1.00 27.50 ? 43  ARG B N   1 
ATOM   950  C CA  . ARG B 2 43  ? -1.061  17.552  8.197   1.00 27.50 ? 43  ARG B CA  1 
ATOM   951  C C   . ARG B 2 43  ? -1.453  18.850  7.481   1.00 27.50 ? 43  ARG B C   1 
ATOM   952  O O   . ARG B 2 43  ? -1.139  19.031  6.302   1.00 27.50 ? 43  ARG B O   1 
ATOM   953  C CB  . ARG B 2 43  ? 0.234   17.807  8.980   1.00 42.90 ? 43  ARG B CB  1 
ATOM   954  C CG  . ARG B 2 43  ? 0.961   16.583  9.520   1.00 42.90 ? 43  ARG B CG  1 
ATOM   955  C CD  . ARG B 2 43  ? 2.164   17.004  10.379  1.00 42.90 ? 43  ARG B CD  1 
ATOM   956  N NE  . ARG B 2 43  ? 3.255   16.029  10.325  1.00 42.90 ? 43  ARG B NE  1 
ATOM   957  C CZ  . ARG B 2 43  ? 3.799   15.436  11.388  1.00 42.90 ? 43  ARG B CZ  1 
ATOM   958  N NH1 . ARG B 2 43  ? 3.360   15.729  12.600  1.00 42.90 ? 43  ARG B NH1 1 
ATOM   959  N NH2 . ARG B 2 43  ? 4.787   14.557  11.242  1.00 42.90 ? 43  ARG B NH2 1 
ATOM   960  N N   . VAL B 2 44  ? -2.184  19.725  8.168   1.00 20.20 ? 44  VAL B N   1 
ATOM   961  C CA  . VAL B 2 44  ? -2.555  21.008  7.577   1.00 20.20 ? 44  VAL B CA  1 
ATOM   962  C C   . VAL B 2 44  ? -1.494  22.019  7.978   1.00 20.20 ? 44  VAL B C   1 
ATOM   963  O O   . VAL B 2 44  ? -1.098  22.868  7.183   1.00 20.20 ? 44  VAL B O   1 
ATOM   964  C CB  . VAL B 2 44  ? -3.914  21.545  8.074   1.00 10.00 ? 44  VAL B CB  1 
ATOM   965  C CG1 . VAL B 2 44  ? -5.047  20.894  7.345   1.00 10.00 ? 44  VAL B CG1 1 
ATOM   966  C CG2 . VAL B 2 44  ? -4.039  21.344  9.559   1.00 10.00 ? 44  VAL B CG2 1 
ATOM   967  N N   . LEU B 2 45  ? -1.044  21.932  9.225   1.00 25.80 ? 45  LEU B N   1 
ATOM   968  C CA  . LEU B 2 45  ? -0.042  22.841  9.767   1.00 25.80 ? 45  LEU B CA  1 
ATOM   969  C C   . LEU B 2 45  ? 1.259   22.694  8.993   1.00 25.80 ? 45  LEU B C   1 
ATOM   970  O O   . LEU B 2 45  ? 1.700   21.577  8.731   1.00 25.80 ? 45  LEU B O   1 
ATOM   971  C CB  . LEU B 2 45  ? 0.169   22.497  11.244  1.00 17.10 ? 45  LEU B CB  1 
ATOM   972  C CG  . LEU B 2 45  ? 0.786   23.446  12.275  1.00 17.10 ? 45  LEU B CG  1 
ATOM   973  C CD1 . LEU B 2 45  ? 2.294   23.425  12.214  1.00 17.10 ? 45  LEU B CD1 1 
ATOM   974  C CD2 . LEU B 2 45  ? 0.232   24.851  12.101  1.00 17.10 ? 45  LEU B CD2 1 
ATOM   975  N N   . GLN B 2 46  ? 1.805   23.822  8.541   1.00 47.90 ? 46  GLN B N   1 
ATOM   976  C CA  . GLN B 2 46  ? 3.063   23.831  7.812   1.00 47.90 ? 46  GLN B CA  1 
ATOM   977  C C   . GLN B 2 46  ? 4.194   23.849  8.831   1.00 47.90 ? 46  GLN B C   1 
ATOM   978  O O   . GLN B 2 46  ? 4.033   23.316  9.932   1.00 47.90 ? 46  GLN B O   1 
ATOM   979  C CB  . GLN B 2 46  ? 3.156   25.021  6.848   1.00 52.90 ? 46  GLN B CB  1 
ATOM   980  C CG  . GLN B 2 46  ? 2.256   24.904  5.626   1.00 52.90 ? 46  GLN B CG  1 
ATOM   981  C CD  . GLN B 2 46  ? 2.240   23.491  5.040   1.00 52.90 ? 46  GLN B CD  1 
ATOM   982  O OE1 . GLN B 2 46  ? 3.265   22.981  4.584   1.00 52.90 ? 46  GLN B OE1 1 
ATOM   983  N NE2 . GLN B 2 46  ? 1.084   22.846  5.085   1.00 52.90 ? 46  GLN B NE2 1 
ATOM   984  N N   . GLY B 2 47  ? 5.328   24.466  8.497   1.00 50.00 ? 47  GLY B N   1 
ATOM   985  C CA  . GLY B 2 47  ? 6.457   24.455  9.420   1.00 50.00 ? 47  GLY B CA  1 
ATOM   986  C C   . GLY B 2 47  ? 6.693   22.978  9.652   1.00 50.00 ? 47  GLY B C   1 
ATOM   987  O O   . GLY B 2 47  ? 7.103   22.548  10.735  1.00 50.00 ? 47  GLY B O   1 
ATOM   988  N N   . VAL B 2 48  ? 6.436   22.245  8.563   1.00 50.00 ? 48  VAL B N   1 
ATOM   989  C CA  . VAL B 2 48  ? 6.468   20.793  8.456   1.00 50.00 ? 48  VAL B CA  1 
ATOM   990  C C   . VAL B 2 48  ? 7.470   20.046  9.321   1.00 50.00 ? 48  VAL B C   1 
ATOM   991  O O   . VAL B 2 48  ? 8.540   19.597  8.892   1.00 50.00 ? 48  VAL B O   1 
ATOM   992  C CB  . VAL B 2 48  ? 6.532   20.292  6.962   1.00 59.00 ? 48  VAL B CB  1 
ATOM   993  C CG1 . VAL B 2 48  ? 6.101   18.815  6.882   1.00 59.00 ? 48  VAL B CG1 1 
ATOM   994  C CG2 . VAL B 2 48  ? 5.637   21.149  6.054   1.00 59.00 ? 48  VAL B CG2 1 
ATOM   995  N N   . LEU B 2 49  ? 7.092   19.960  10.579  1.00 50.00 ? 49  LEU B N   1 
ATOM   996  C CA  . LEU B 2 49  ? 7.832   19.244  11.594  1.00 50.00 ? 49  LEU B CA  1 
ATOM   997  C C   . LEU B 2 49  ? 7.835   17.799  11.066  1.00 50.00 ? 49  LEU B C   1 
ATOM   998  O O   . LEU B 2 49  ? 6.815   17.340  10.546  1.00 50.00 ? 49  LEU B O   1 
ATOM   999  C CB  . LEU B 2 49  ? 7.019   19.379  12.892  1.00 51.30 ? 49  LEU B CB  1 
ATOM   1000 C CG  . LEU B 2 49  ? 5.623   20.007  12.632  1.00 51.30 ? 49  LEU B CG  1 
ATOM   1001 C CD1 . LEU B 2 49  ? 4.579   18.957  12.281  1.00 51.30 ? 49  LEU B CD1 1 
ATOM   1002 C CD2 . LEU B 2 49  ? 5.147   20.869  13.783  1.00 51.30 ? 49  LEU B CD2 1 
ATOM   1003 N N   . PRO B 2 50  ? 8.972   17.068  11.180  1.00 46.90 ? 50  PRO B N   1 
ATOM   1004 C CA  . PRO B 2 50  ? 9.190   15.680  10.727  1.00 46.90 ? 50  PRO B CA  1 
ATOM   1005 C C   . PRO B 2 50  ? 8.021   14.974  10.028  1.00 46.90 ? 50  PRO B C   1 
ATOM   1006 O O   . PRO B 2 50  ? 7.481   13.979  10.515  1.00 46.90 ? 50  PRO B O   1 
ATOM   1007 C CB  . PRO B 2 50  ? 9.595   14.988  12.023  1.00 51.00 ? 50  PRO B CB  1 
ATOM   1008 C CG  . PRO B 2 50  ? 10.498  16.052  12.658  1.00 51.00 ? 50  PRO B CG  1 
ATOM   1009 C CD  . PRO B 2 50  ? 10.012  17.436  12.144  1.00 51.00 ? 50  PRO B CD  1 
ATOM   1010 N N   . ALA B 2 51  ? 7.649   15.544  8.876   1.00 44.60 ? 51  ALA B N   1 
ATOM   1011 C CA  . ALA B 2 51  ? 6.559   15.092  8.014   1.00 44.60 ? 51  ALA B CA  1 
ATOM   1012 C C   . ALA B 2 51  ? 6.030   13.709  8.281   1.00 44.60 ? 51  ALA B C   1 
ATOM   1013 O O   . ALA B 2 51  ? 6.755   12.708  8.263   1.00 44.60 ? 51  ALA B O   1 
ATOM   1014 C CB  . ALA B 2 51  ? 6.934   15.236  6.559   1.00 44.00 ? 51  ALA B CB  1 
ATOM   1015 N N   . LEU B 2 52  ? 4.725   13.688  8.504   1.00 40.60 ? 52  LEU B N   1 
ATOM   1016 C CA  . LEU B 2 52  ? 3.990   12.479  8.823   1.00 40.60 ? 52  LEU B CA  1 
ATOM   1017 C C   . LEU B 2 52  ? 4.041   11.396  7.745   1.00 40.60 ? 52  LEU B C   1 
ATOM   1018 O O   . LEU B 2 52  ? 3.526   11.580  6.642   1.00 40.60 ? 52  LEU B O   1 
ATOM   1019 C CB  . LEU B 2 52  ? 2.539   12.857  9.149   1.00 42.90 ? 52  LEU B CB  1 
ATOM   1020 C CG  . LEU B 2 52  ? 1.613   11.875  9.866   1.00 42.90 ? 52  LEU B CG  1 
ATOM   1021 C CD1 . LEU B 2 52  ? 0.582   11.325  8.890   1.00 42.90 ? 52  LEU B CD1 1 
ATOM   1022 C CD2 . LEU B 2 52  ? 2.411   10.759  10.541  1.00 42.90 ? 52  LEU B CD2 1 
ATOM   1023 N N   . PRO B 2 53  ? 4.717   10.283  8.046   1.00 30.70 ? 53  PRO B N   1 
ATOM   1024 C CA  . PRO B 2 53  ? 4.838   9.158   7.123   1.00 30.70 ? 53  PRO B CA  1 
ATOM   1025 C C   . PRO B 2 53  ? 3.517   8.397   7.058   1.00 30.70 ? 53  PRO B C   1 
ATOM   1026 O O   . PRO B 2 53  ? 2.839   8.198   8.073   1.00 30.70 ? 53  PRO B O   1 
ATOM   1027 C CB  . PRO B 2 53  ? 5.952   8.326   7.757   1.00 35.40 ? 53  PRO B CB  1 
ATOM   1028 C CG  . PRO B 2 53  ? 5.799   8.605   9.209   1.00 35.40 ? 53  PRO B CG  1 
ATOM   1029 C CD  . PRO B 2 53  ? 5.581   10.088  9.219   1.00 35.40 ? 53  PRO B CD  1 
ATOM   1030 N N   . GLN B 2 54  ? 3.148   7.959   5.861   1.00 24.00 ? 54  GLN B N   1 
ATOM   1031 C CA  . GLN B 2 54  ? 1.894   7.252   5.702   1.00 24.00 ? 54  GLN B CA  1 
ATOM   1032 C C   . GLN B 2 54  ? 1.984   5.743   5.668   1.00 24.00 ? 54  GLN B C   1 
ATOM   1033 O O   . GLN B 2 54  ? 3.023   5.159   5.332   1.00 24.00 ? 54  GLN B O   1 
ATOM   1034 C CB  . GLN B 2 54  ? 1.150   7.771   4.483   1.00 41.30 ? 54  GLN B CB  1 
ATOM   1035 C CG  . GLN B 2 54  ? 0.942   9.268   4.529   1.00 41.30 ? 54  GLN B CG  1 
ATOM   1036 C CD  . GLN B 2 54  ? 0.008   9.752   3.445   1.00 41.30 ? 54  GLN B CD  1 
ATOM   1037 O OE1 . GLN B 2 54  ? -1.142  10.120  3.726   1.00 41.30 ? 54  GLN B OE1 1 
ATOM   1038 N NE2 . GLN B 2 54  ? 0.479   9.743   2.193   1.00 41.30 ? 54  GLN B NE2 1 
ATOM   1039 N N   . VAL B 2 55  ? 0.851   5.138   5.997   1.00 11.70 ? 55  VAL B N   1 
ATOM   1040 C CA  . VAL B 2 55  ? 0.674   3.705   6.058   1.00 11.70 ? 55  VAL B CA  1 
ATOM   1041 C C   . VAL B 2 55  ? 0.160   3.028   4.766   1.00 11.70 ? 55  VAL B C   1 
ATOM   1042 O O   . VAL B 2 55  ? -0.558  3.630   3.958   1.00 11.70 ? 55  VAL B O   1 
ATOM   1043 C CB  . VAL B 2 55  ? -0.303  3.383   7.176   1.00 10.00 ? 55  VAL B CB  1 
ATOM   1044 C CG1 . VAL B 2 55  ? 0.253   3.869   8.485   1.00 10.00 ? 55  VAL B CG1 1 
ATOM   1045 C CG2 . VAL B 2 55  ? -1.640  4.050   6.912   1.00 10.00 ? 55  VAL B CG2 1 
ATOM   1046 N N   . VAL B 2 56  ? 0.516   1.759   4.596   1.00 10.00 ? 56  VAL B N   1 
ATOM   1047 C CA  . VAL B 2 56  ? 0.080   0.969   3.456   1.00 10.00 ? 56  VAL B CA  1 
ATOM   1048 C C   . VAL B 2 56  ? -0.522  -0.331  4.003   1.00 10.00 ? 56  VAL B C   1 
ATOM   1049 O O   . VAL B 2 56  ? -0.253  -0.692  5.144   1.00 10.00 ? 56  VAL B O   1 
ATOM   1050 C CB  . VAL B 2 56  ? 1.265   0.652   2.525   1.00 10.00 ? 56  VAL B CB  1 
ATOM   1051 C CG1 . VAL B 2 56  ? 1.899   1.936   2.038   1.00 10.00 ? 56  VAL B CG1 1 
ATOM   1052 C CG2 . VAL B 2 56  ? 2.287   -0.165  3.250   1.00 10.00 ? 56  VAL B CG2 1 
ATOM   1053 N N   . CYS B 2 57  ? -1.401  -0.986  3.244   1.00 10.00 ? 57  CYS B N   1 
ATOM   1054 C CA  . CYS B 2 57  ? -1.980  -2.261  3.695   1.00 10.00 ? 57  CYS B CA  1 
ATOM   1055 C C   . CYS B 2 57  ? -0.778  -3.186  3.612   1.00 10.00 ? 57  CYS B C   1 
ATOM   1056 O O   . CYS B 2 57  ? -0.132  -3.236  2.564   1.00 10.00 ? 57  CYS B O   1 
ATOM   1057 C CB  . CYS B 2 57  ? -3.069  -2.705  2.740   1.00 10.00 ? 57  CYS B CB  1 
ATOM   1058 S SG  . CYS B 2 57  ? -3.824  -4.306  3.103   1.00 10.00 ? 57  CYS B SG  1 
ATOM   1059 N N   . ASN B 2 58  ? -0.458  -3.910  4.680   1.00 10.00 ? 58  ASN B N   1 
ATOM   1060 C CA  . ASN B 2 58  ? 0.754   -4.728  4.656   1.00 10.00 ? 58  ASN B CA  1 
ATOM   1061 C C   . ASN B 2 58  ? 0.714   -6.074  5.395   1.00 10.00 ? 58  ASN B C   1 
ATOM   1062 O O   . ASN B 2 58  ? -0.069  -6.267  6.307   1.00 10.00 ? 58  ASN B O   1 
ATOM   1063 C CB  . ASN B 2 58  ? 1.884   -3.867  5.207   1.00 22.20 ? 58  ASN B CB  1 
ATOM   1064 C CG  . ASN B 2 58  ? 3.228   -4.295  4.720   1.00 22.20 ? 58  ASN B CG  1 
ATOM   1065 O OD1 . ASN B 2 58  ? 3.371   -5.343  4.098   1.00 22.20 ? 58  ASN B OD1 1 
ATOM   1066 N ND2 . ASN B 2 58  ? 4.241   -3.476  4.985   1.00 22.20 ? 58  ASN B ND2 1 
ATOM   1067 N N   . TYR B 2 59  ? 1.576   -7.000  5.012   1.00 12.90 ? 59  TYR B N   1 
ATOM   1068 C CA  . TYR B 2 59  ? 1.635   -8.311  5.644   1.00 12.90 ? 59  TYR B CA  1 
ATOM   1069 C C   . TYR B 2 59  ? 1.833   -8.206  7.153   1.00 12.90 ? 59  TYR B C   1 
ATOM   1070 O O   . TYR B 2 59  ? 2.576   -7.342  7.634   1.00 12.90 ? 59  TYR B O   1 
ATOM   1071 C CB  . TYR B 2 59  ? 2.836   -9.090  5.107   1.00 10.00 ? 59  TYR B CB  1 
ATOM   1072 C CG  . TYR B 2 59  ? 2.698   -9.670  3.737   1.00 10.00 ? 59  TYR B CG  1 
ATOM   1073 C CD1 . TYR B 2 59  ? 2.064   -10.879 3.549   1.00 10.00 ? 59  TYR B CD1 1 
ATOM   1074 C CD2 . TYR B 2 59  ? 3.225   -9.033  2.634   1.00 10.00 ? 59  TYR B CD2 1 
ATOM   1075 C CE1 . TYR B 2 59  ? 1.960   -11.446 2.306   1.00 10.00 ? 59  TYR B CE1 1 
ATOM   1076 C CE2 . TYR B 2 59  ? 3.126   -9.605  1.376   1.00 10.00 ? 59  TYR B CE2 1 
ATOM   1077 C CZ  . TYR B 2 59  ? 2.483   -10.811 1.229   1.00 10.00 ? 59  TYR B CZ  1 
ATOM   1078 O OH  . TYR B 2 59  ? 2.331   -11.383 -0.001  1.00 10.00 ? 59  TYR B OH  1 
ATOM   1079 N N   . ARG B 2 60  ? 1.236   -9.132  7.893   1.00 21.60 ? 60  ARG B N   1 
ATOM   1080 C CA  . ARG B 2 60  ? 1.392   -9.175  9.346   1.00 21.60 ? 60  ARG B CA  1 
ATOM   1081 C C   . ARG B 2 60  ? 2.022   -10.534 9.659   1.00 21.60 ? 60  ARG B C   1 
ATOM   1082 O O   . ARG B 2 60  ? 3.240   -10.628 9.803   1.00 21.60 ? 60  ARG B O   1 
ATOM   1083 C CB  . ARG B 2 60  ? 0.047   -9.025  10.029  1.00 45.20 ? 60  ARG B CB  1 
ATOM   1084 C CG  . ARG B 2 60  ? 0.097   -9.097  11.510  1.00 45.20 ? 60  ARG B CG  1 
ATOM   1085 C CD  . ARG B 2 60  ? -1.180  -8.514  12.065  1.00 45.20 ? 60  ARG B CD  1 
ATOM   1086 N NE  . ARG B 2 60  ? -1.713  -9.278  13.183  1.00 45.20 ? 60  ARG B NE  1 
ATOM   1087 C CZ  . ARG B 2 60  ? -1.197  -9.285  14.414  1.00 45.20 ? 60  ARG B CZ  1 
ATOM   1088 N NH1 . ARG B 2 60  ? -0.105  -8.562  14.705  1.00 45.20 ? 60  ARG B NH1 1 
ATOM   1089 N NH2 . ARG B 2 60  ? -1.799  -9.989  15.373  1.00 45.20 ? 60  ARG B NH2 1 
ATOM   1090 N N   . ASP B 2 61  ? 1.216   -11.590 9.696   1.00 28.60 ? 61  ASP B N   1 
ATOM   1091 C CA  . ASP B 2 61  ? 1.741   -12.936 9.944   1.00 28.60 ? 61  ASP B CA  1 
ATOM   1092 C C   . ASP B 2 61  ? 1.828   -13.662 8.612   1.00 28.60 ? 61  ASP B C   1 
ATOM   1093 O O   . ASP B 2 61  ? 0.815   -13.805 7.921   1.00 28.60 ? 61  ASP B O   1 
ATOM   1094 C CB  . ASP B 2 61  ? 0.826   -13.722 10.872  1.00 38.40 ? 61  ASP B CB  1 
ATOM   1095 C CG  . ASP B 2 61  ? 0.957   -13.292 12.307  1.00 38.40 ? 61  ASP B CG  1 
ATOM   1096 O OD1 . ASP B 2 61  ? 2.068   -13.455 12.858  1.00 38.40 ? 61  ASP B OD1 1 
ATOM   1097 O OD2 . ASP B 2 61  ? -0.038  -12.785 12.882  1.00 38.40 ? 61  ASP B OD2 1 
ATOM   1098 N N   . VAL B 2 62  ? 3.016   -14.158 8.270   1.00 36.10 ? 62  VAL B N   1 
ATOM   1099 C CA  . VAL B 2 62  ? 3.248   -14.861 7.004   1.00 36.10 ? 62  VAL B CA  1 
ATOM   1100 C C   . VAL B 2 62  ? 3.524   -16.350 7.165   1.00 36.10 ? 62  VAL B C   1 
ATOM   1101 O O   . VAL B 2 62  ? 4.056   -16.800 8.184   1.00 36.10 ? 62  VAL B O   1 
ATOM   1102 C CB  . VAL B 2 62  ? 4.471   -14.274 6.255   1.00 32.20 ? 62  VAL B CB  1 
ATOM   1103 C CG1 . VAL B 2 62  ? 5.780   -14.632 6.981   1.00 32.20 ? 62  VAL B CG1 1 
ATOM   1104 C CG2 . VAL B 2 62  ? 4.513   -14.792 4.826   1.00 32.20 ? 62  VAL B CG2 1 
ATOM   1105 N N   . ARG B 2 63  ? 3.196   -17.115 6.137   1.00 27.90 ? 63  ARG B N   1 
ATOM   1106 C CA  . ARG B 2 63  ? 3.476   -18.536 6.158   1.00 27.90 ? 63  ARG B CA  1 
ATOM   1107 C C   . ARG B 2 63  ? 4.054   -18.820 4.801   1.00 27.90 ? 63  ARG B C   1 
ATOM   1108 O O   . ARG B 2 63  ? 3.847   -18.040 3.872   1.00 27.90 ? 63  ARG B O   1 
ATOM   1109 C CB  . ARG B 2 63  ? 2.212   -19.366 6.350   1.00 51.50 ? 63  ARG B CB  1 
ATOM   1110 C CG  . ARG B 2 63  ? 2.511   -20.856 6.415   1.00 51.50 ? 63  ARG B CG  1 
ATOM   1111 C CD  . ARG B 2 63  ? 1.377   -21.647 7.018   1.00 51.50 ? 63  ARG B CD  1 
ATOM   1112 N NE  . ARG B 2 63  ? 0.261   -21.769 6.094   1.00 51.50 ? 63  ARG B NE  1 
ATOM   1113 C CZ  . ARG B 2 63  ? 0.164   -22.726 5.176   1.00 51.50 ? 63  ARG B CZ  1 
ATOM   1114 N NH1 . ARG B 2 63  ? 1.121   -23.648 5.068   1.00 51.50 ? 63  ARG B NH1 1 
ATOM   1115 N NH2 . ARG B 2 63  ? -0.898  -22.773 4.377   1.00 51.50 ? 63  ARG B NH2 1 
ATOM   1116 N N   . PHE B 2 64  ? 4.824   -19.892 4.689   1.00 25.90 ? 64  PHE B N   1 
ATOM   1117 C CA  . PHE B 2 64  ? 5.395   -20.240 3.399   1.00 25.90 ? 64  PHE B CA  1 
ATOM   1118 C C   . PHE B 2 64  ? 4.983   -21.623 2.973   1.00 25.90 ? 64  PHE B C   1 
ATOM   1119 O O   . PHE B 2 64  ? 4.771   -22.491 3.810   1.00 25.90 ? 64  PHE B O   1 
ATOM   1120 C CB  . PHE B 2 64  ? 6.907   -20.132 3.448   1.00 29.40 ? 64  PHE B CB  1 
ATOM   1121 C CG  . PHE B 2 64  ? 7.386   -18.734 3.601   1.00 29.40 ? 64  PHE B CG  1 
ATOM   1122 C CD1 . PHE B 2 64  ? 7.510   -18.169 4.860   1.00 29.40 ? 64  PHE B CD1 1 
ATOM   1123 C CD2 . PHE B 2 64  ? 7.677   -17.968 2.484   1.00 29.40 ? 64  PHE B CD2 1 
ATOM   1124 C CE1 . PHE B 2 64  ? 7.920   -16.853 5.016   1.00 29.40 ? 64  PHE B CE1 1 
ATOM   1125 C CE2 . PHE B 2 64  ? 8.089   -16.651 2.617   1.00 29.40 ? 64  PHE B CE2 1 
ATOM   1126 C CZ  . PHE B 2 64  ? 8.208   -16.086 3.895   1.00 29.40 ? 64  PHE B CZ  1 
ATOM   1127 N N   . GLU B 2 65  ? 4.789   -21.791 1.673   1.00 27.40 ? 65  GLU B N   1 
ATOM   1128 C CA  . GLU B 2 65  ? 4.400   -23.068 1.097   1.00 27.40 ? 65  GLU B CA  1 
ATOM   1129 C C   . GLU B 2 65  ? 5.244   -23.299 -0.135  1.00 27.40 ? 65  GLU B C   1 
ATOM   1130 O O   . GLU B 2 65  ? 5.414   -22.404 -0.967  1.00 27.40 ? 65  GLU B O   1 
ATOM   1131 C CB  . GLU B 2 65  ? 2.924   -23.084 0.716   1.00 34.70 ? 65  GLU B CB  1 
ATOM   1132 C CG  . GLU B 2 65  ? 2.017   -23.207 1.905   1.00 34.70 ? 65  GLU B CG  1 
ATOM   1133 C CD  . GLU B 2 65  ? 0.566   -23.339 1.519   1.00 34.70 ? 65  GLU B CD  1 
ATOM   1134 O OE1 . GLU B 2 65  ? 0.128   -22.644 0.575   1.00 34.70 ? 65  GLU B OE1 1 
ATOM   1135 O OE2 . GLU B 2 65  ? -0.138  -24.135 2.182   1.00 34.70 ? 65  GLU B OE2 1 
ATOM   1136 N N   . SER B 2 66  ? 5.798   -24.493 -0.245  1.00 28.80 ? 66  SER B N   1 
ATOM   1137 C CA  . SER B 2 66  ? 6.640   -24.801 -1.376  1.00 28.80 ? 66  SER B CA  1 
ATOM   1138 C C   . SER B 2 66  ? 5.850   -25.505 -2.460  1.00 28.80 ? 66  SER B C   1 
ATOM   1139 O O   . SER B 2 66  ? 4.680   -25.855 -2.277  1.00 28.80 ? 66  SER B O   1 
ATOM   1140 C CB  . SER B 2 66  ? 7.828   -25.650 -0.942  1.00 37.70 ? 66  SER B CB  1 
ATOM   1141 O OG  . SER B 2 66  ? 7.420   -26.726 -0.119  1.00 37.70 ? 66  SER B OG  1 
ATOM   1142 N N   . ILE B 2 67  ? 6.505   -25.694 -3.596  1.00 27.90 ? 67  ILE B N   1 
ATOM   1143 C CA  . ILE B 2 67  ? 5.904   -26.339 -4.740  1.00 27.90 ? 67  ILE B CA  1 
ATOM   1144 C C   . ILE B 2 67  ? 7.047   -26.814 -5.638  1.00 27.90 ? 67  ILE B C   1 
ATOM   1145 O O   . ILE B 2 67  ? 8.125   -26.200 -5.650  1.00 27.90 ? 67  ILE B O   1 
ATOM   1146 C CB  . ILE B 2 67  ? 5.011   -25.329 -5.465  1.00 18.50 ? 67  ILE B CB  1 
ATOM   1147 C CG1 . ILE B 2 67  ? 4.605   -25.843 -6.832  1.00 18.50 ? 67  ILE B CG1 1 
ATOM   1148 C CG2 . ILE B 2 67  ? 5.728   -24.035 -5.616  1.00 18.50 ? 67  ILE B CG2 1 
ATOM   1149 C CD1 . ILE B 2 67  ? 3.812   -24.841 -7.627  1.00 18.50 ? 67  ILE B CD1 1 
ATOM   1150 N N   . ARG B 2 68  ? 6.867   -27.964 -6.287  1.00 21.20 ? 68  ARG B N   1 
ATOM   1151 C CA  . ARG B 2 68  ? 7.902   -28.480 -7.165  1.00 21.20 ? 68  ARG B CA  1 
ATOM   1152 C C   . ARG B 2 68  ? 7.530   -28.083 -8.572  1.00 21.20 ? 68  ARG B C   1 
ATOM   1153 O O   . ARG B 2 68  ? 6.456   -28.430 -9.070  1.00 21.20 ? 68  ARG B O   1 
ATOM   1154 C CB  . ARG B 2 68  ? 8.021   -29.998 -7.055  1.00 59.70 ? 68  ARG B CB  1 
ATOM   1155 C CG  . ARG B 2 68  ? 9.472   -30.518 -6.995  1.00 59.70 ? 68  ARG B CG  1 
ATOM   1156 C CD  . ARG B 2 68  ? 9.520   -32.013 -6.601  1.00 59.70 ? 68  ARG B CD  1 
ATOM   1157 N NE  . ARG B 2 68  ? 10.859  -32.520 -6.263  1.00 59.70 ? 68  ARG B NE  1 
ATOM   1158 C CZ  . ARG B 2 68  ? 11.797  -32.854 -7.156  1.00 59.70 ? 68  ARG B CZ  1 
ATOM   1159 N NH1 . ARG B 2 68  ? 11.554  -32.735 -8.466  1.00 59.70 ? 68  ARG B NH1 1 
ATOM   1160 N NH2 . ARG B 2 68  ? 12.974  -33.337 -6.741  1.00 59.70 ? 68  ARG B NH2 1 
ATOM   1161 N N   . LEU B 2 69  ? 8.422   -27.327 -9.187  1.00 21.70 ? 69  LEU B N   1 
ATOM   1162 C CA  . LEU B 2 69  ? 8.250   -26.830 -10.537 1.00 21.70 ? 69  LEU B CA  1 
ATOM   1163 C C   . LEU B 2 69  ? 8.418   -27.927 -11.564 1.00 21.70 ? 69  LEU B C   1 
ATOM   1164 O O   . LEU B 2 69  ? 9.414   -28.676 -11.540 1.00 21.70 ? 69  LEU B O   1 
ATOM   1165 C CB  . LEU B 2 69  ? 9.302   -25.768 -10.821 1.00 10.00 ? 69  LEU B CB  1 
ATOM   1166 C CG  . LEU B 2 69  ? 8.919   -24.312 -10.620 1.00 10.00 ? 69  LEU B CG  1 
ATOM   1167 C CD1 . LEU B 2 69  ? 10.152  -23.440 -10.719 1.00 10.00 ? 69  LEU B CD1 1 
ATOM   1168 C CD2 . LEU B 2 69  ? 7.914   -23.921 -11.676 1.00 10.00 ? 69  LEU B CD2 1 
ATOM   1169 N N   . PRO B 2 70  ? 7.455   -28.055 -12.487 1.00 26.10 ? 70  PRO B N   1 
ATOM   1170 C CA  . PRO B 2 70  ? 7.570   -29.094 -13.510 1.00 26.10 ? 70  PRO B CA  1 
ATOM   1171 C C   . PRO B 2 70  ? 8.472   -28.632 -14.647 1.00 26.10 ? 70  PRO B C   1 
ATOM   1172 O O   . PRO B 2 70  ? 8.638   -27.441 -14.884 1.00 26.10 ? 70  PRO B O   1 
ATOM   1173 C CB  . PRO B 2 70  ? 6.130   -29.258 -13.987 1.00 26.40 ? 70  PRO B CB  1 
ATOM   1174 C CG  . PRO B 2 70  ? 5.598   -27.874 -13.894 1.00 26.40 ? 70  PRO B CG  1 
ATOM   1175 C CD  . PRO B 2 70  ? 6.127   -27.420 -12.532 1.00 26.40 ? 70  PRO B CD  1 
ATOM   1176 N N   . GLY B 2 71  ? 9.074   -29.586 -15.336 1.00 31.00 ? 71  GLY B N   1 
ATOM   1177 C CA  . GLY B 2 71  ? 9.930   -29.252 -16.458 1.00 31.00 ? 71  GLY B CA  1 
ATOM   1178 C C   . GLY B 2 71  ? 11.386  -29.018 -16.128 1.00 31.00 ? 71  GLY B C   1 
ATOM   1179 O O   . GLY B 2 71  ? 12.236  -28.981 -17.020 1.00 31.00 ? 71  GLY B O   1 
ATOM   1180 N N   . CYS B 2 72  ? 11.682  -28.849 -14.853 1.00 27.70 ? 72  CYS B N   1 
ATOM   1181 C CA  . CYS B 2 72  ? 13.051  -28.603 -14.440 1.00 27.70 ? 72  CYS B CA  1 
ATOM   1182 C C   . CYS B 2 72  ? 13.972  -29.759 -14.804 1.00 27.70 ? 72  CYS B C   1 
ATOM   1183 O O   . CYS B 2 72  ? 13.663  -30.912 -14.521 1.00 27.70 ? 72  CYS B O   1 
ATOM   1184 C CB  . CYS B 2 72  ? 13.107  -28.351 -12.945 1.00 30.10 ? 72  CYS B CB  1 
ATOM   1185 S SG  . CYS B 2 72  ? 12.084  -26.952 -12.412 1.00 30.10 ? 72  CYS B SG  1 
ATOM   1186 N N   . PRO B 2 73  ? 15.101  -29.459 -15.465 1.00 22.60 ? 73  PRO B N   1 
ATOM   1187 C CA  . PRO B 2 73  ? 16.090  -30.442 -15.885 1.00 22.60 ? 73  PRO B CA  1 
ATOM   1188 C C   . PRO B 2 73  ? 16.814  -30.999 -14.674 1.00 22.60 ? 73  PRO B C   1 
ATOM   1189 O O   . PRO B 2 73  ? 16.779  -30.413 -13.606 1.00 22.60 ? 73  PRO B O   1 
ATOM   1190 C CB  . PRO B 2 73  ? 17.024  -29.614 -16.758 1.00 24.00 ? 73  PRO B CB  1 
ATOM   1191 C CG  . PRO B 2 73  ? 16.993  -28.291 -16.101 1.00 24.00 ? 73  PRO B CG  1 
ATOM   1192 C CD  . PRO B 2 73  ? 15.514  -28.113 -15.890 1.00 24.00 ? 73  PRO B CD  1 
ATOM   1193 N N   . ARG B 2 74  ? 17.479  -32.133 -14.853 1.00 32.80 ? 74  ARG B N   1 
ATOM   1194 C CA  . ARG B 2 74  ? 18.213  -32.783 -13.772 1.00 32.80 ? 74  ARG B CA  1 
ATOM   1195 C C   . ARG B 2 74  ? 19.302  -31.863 -13.254 1.00 32.80 ? 74  ARG B C   1 
ATOM   1196 O O   . ARG B 2 74  ? 20.044  -31.296 -14.039 1.00 32.80 ? 74  ARG B O   1 
ATOM   1197 C CB  . ARG B 2 74  ? 18.834  -34.101 -14.264 1.00 57.50 ? 74  ARG B CB  1 
ATOM   1198 C CG  . ARG B 2 74  ? 17.842  -35.262 -14.393 1.00 57.50 ? 74  ARG B CG  1 
ATOM   1199 C CD  . ARG B 2 74  ? 18.472  -36.604 -13.948 1.00 57.50 ? 74  ARG B CD  1 
ATOM   1200 N NE  . ARG B 2 74  ? 17.475  -37.653 -13.718 1.00 57.50 ? 74  ARG B NE  1 
ATOM   1201 C CZ  . ARG B 2 74  ? 16.968  -38.448 -14.663 1.00 57.50 ? 74  ARG B CZ  1 
ATOM   1202 N NH1 . ARG B 2 74  ? 17.365  -38.332 -15.935 1.00 57.50 ? 74  ARG B NH1 1 
ATOM   1203 N NH2 . ARG B 2 74  ? 16.034  -39.340 -14.339 1.00 57.50 ? 74  ARG B NH2 1 
ATOM   1204 N N   . GLY B 2 75  ? 19.382  -31.687 -11.946 1.00 22.20 ? 75  GLY B N   1 
ATOM   1205 C CA  . GLY B 2 75  ? 20.408  -30.822 -11.409 1.00 22.20 ? 75  GLY B CA  1 
ATOM   1206 C C   . GLY B 2 75  ? 19.756  -29.660 -10.703 1.00 22.20 ? 75  GLY B C   1 
ATOM   1207 O O   . GLY B 2 75  ? 19.909  -29.516 -9.493  1.00 22.20 ? 75  GLY B O   1 
ATOM   1208 N N   . VAL B 2 76  ? 19.037  -28.835 -11.457 1.00 20.10 ? 76  VAL B N   1 
ATOM   1209 C CA  . VAL B 2 76  ? 18.323  -27.669 -10.940 1.00 20.10 ? 76  VAL B CA  1 
ATOM   1210 C C   . VAL B 2 76  ? 17.404  -28.061 -9.801  1.00 20.10 ? 76  VAL B C   1 
ATOM   1211 O O   . VAL B 2 76  ? 16.796  -29.133 -9.844  1.00 20.10 ? 76  VAL B O   1 
ATOM   1212 C CB  . VAL B 2 76  ? 17.394  -27.076 -12.025 1.00 10.20 ? 76  VAL B CB  1 
ATOM   1213 C CG1 . VAL B 2 76  ? 16.496  -25.985 -11.445 1.00 10.20 ? 76  VAL B CG1 1 
ATOM   1214 C CG2 . VAL B 2 76  ? 18.211  -26.570 -13.203 1.00 10.20 ? 76  VAL B CG2 1 
ATOM   1215 N N   . ASN B 2 77  ? 17.295  -27.212 -8.781  1.00 21.00 ? 77  ASN B N   1 
ATOM   1216 C CA  . ASN B 2 77  ? 16.383  -27.512 -7.679  1.00 21.00 ? 77  ASN B CA  1 
ATOM   1217 C C   . ASN B 2 77  ? 15.058  -26.927 -8.126  1.00 21.00 ? 77  ASN B C   1 
ATOM   1218 O O   . ASN B 2 77  ? 15.008  -25.755 -8.495  1.00 21.00 ? 77  ASN B O   1 
ATOM   1219 C CB  . ASN B 2 77  ? 16.842  -26.857 -6.386  1.00 20.10 ? 77  ASN B CB  1 
ATOM   1220 C CG  . ASN B 2 77  ? 16.027  -27.312 -5.221  1.00 20.10 ? 77  ASN B CG  1 
ATOM   1221 O OD1 . ASN B 2 77  ? 14.841  -27.639 -5.378  1.00 20.10 ? 77  ASN B OD1 1 
ATOM   1222 N ND2 . ASN B 2 77  ? 16.641  -27.369 -4.046  1.00 20.10 ? 77  ASN B ND2 1 
ATOM   1223 N N   . PRO B 2 78  ? 13.962  -27.694 -8.067  1.00 12.10 ? 78  PRO B N   1 
ATOM   1224 C CA  . PRO B 2 78  ? 12.681  -27.154 -8.515  1.00 12.10 ? 78  PRO B CA  1 
ATOM   1225 C C   . PRO B 2 78  ? 11.674  -26.843 -7.440  1.00 12.10 ? 78  PRO B C   1 
ATOM   1226 O O   . PRO B 2 78  ? 10.517  -26.593 -7.730  1.00 12.10 ? 78  PRO B O   1 
ATOM   1227 C CB  . PRO B 2 78  ? 12.161  -28.268 -9.418  1.00 14.00 ? 78  PRO B CB  1 
ATOM   1228 C CG  . PRO B 2 78  ? 12.750  -29.568 -8.753  1.00 14.00 ? 78  PRO B CG  1 
ATOM   1229 C CD  . PRO B 2 78  ? 13.815  -29.119 -7.741  1.00 14.00 ? 78  PRO B CD  1 
ATOM   1230 N N   . VAL B 2 79  ? 12.067  -26.954 -6.191  1.00 15.00 ? 79  VAL B N   1 
ATOM   1231 C CA  . VAL B 2 79  ? 11.116  -26.659 -5.152  1.00 15.00 ? 79  VAL B CA  1 
ATOM   1232 C C   . VAL B 2 79  ? 11.203  -25.175 -4.928  1.00 15.00 ? 79  VAL B C   1 
ATOM   1233 O O   . VAL B 2 79  ? 12.304  -24.662 -4.735  1.00 15.00 ? 79  VAL B O   1 
ATOM   1234 C CB  . VAL B 2 79  ? 11.500  -27.369 -3.882  1.00 17.70 ? 79  VAL B CB  1 
ATOM   1235 C CG1 . VAL B 2 79  ? 10.542  -27.004 -2.771  1.00 17.70 ? 79  VAL B CG1 1 
ATOM   1236 C CG2 . VAL B 2 79  ? 11.542  -28.873 -4.137  1.00 17.70 ? 79  VAL B CG2 1 
ATOM   1237 N N   . VAL B 2 80  ? 10.072  -24.469 -4.995  1.00 12.90 ? 80  VAL B N   1 
ATOM   1238 C CA  . VAL B 2 80  ? 10.060  -23.016 -4.771  1.00 12.90 ? 80  VAL B CA  1 
ATOM   1239 C C   . VAL B 2 80  ? 8.986   -22.630 -3.781  1.00 12.90 ? 80  VAL B C   1 
ATOM   1240 O O   . VAL B 2 80  ? 7.813   -22.941 -3.951  1.00 12.90 ? 80  VAL B O   1 
ATOM   1241 C CB  . VAL B 2 80  ? 9.923   -22.222 -6.062  1.00 11.40 ? 80  VAL B CB  1 
ATOM   1242 C CG1 . VAL B 2 80  ? 11.224  -22.252 -6.793  1.00 11.40 ? 80  VAL B CG1 1 
ATOM   1243 C CG2 . VAL B 2 80  ? 8.859   -22.812 -6.947  1.00 11.40 ? 80  VAL B CG2 1 
ATOM   1244 N N   . SER B 2 81  ? 9.419   -21.995 -2.707  1.00 19.20 ? 81  SER B N   1 
ATOM   1245 C CA  . SER B 2 81  ? 8.532   -21.604 -1.623  1.00 19.20 ? 81  SER B CA  1 
ATOM   1246 C C   . SER B 2 81  ? 7.916   -20.238 -1.831  1.00 19.20 ? 81  SER B C   1 
ATOM   1247 O O   . SER B 2 81  ? 8.568   -19.316 -2.317  1.00 19.20 ? 81  SER B O   1 
ATOM   1248 C CB  . SER B 2 81  ? 9.318   -21.609 -0.321  1.00 23.40 ? 81  SER B CB  1 
ATOM   1249 O OG  . SER B 2 81  ? 10.559  -20.936 -0.494  1.00 23.40 ? 81  SER B OG  1 
ATOM   1250 N N   . TYR B 2 82  ? 6.673   -20.089 -1.416  1.00 16.20 ? 82  TYR B N   1 
ATOM   1251 C CA  . TYR B 2 82  ? 6.004   -18.822 -1.569  1.00 16.20 ? 82  TYR B CA  1 
ATOM   1252 C C   . TYR B 2 82  ? 5.367   -18.366 -0.278  1.00 16.20 ? 82  TYR B C   1 
ATOM   1253 O O   . TYR B 2 82  ? 4.948   -19.185 0.540   1.00 16.20 ? 82  TYR B O   1 
ATOM   1254 C CB  . TYR B 2 82  ? 4.977   -18.900 -2.684  1.00 14.00 ? 82  TYR B CB  1 
ATOM   1255 C CG  . TYR B 2 82  ? 4.080   -20.088 -2.630  1.00 14.00 ? 82  TYR B CG  1 
ATOM   1256 C CD1 . TYR B 2 82  ? 2.916   -20.050 -1.905  1.00 14.00 ? 82  TYR B CD1 1 
ATOM   1257 C CD2 . TYR B 2 82  ? 4.346   -21.223 -3.384  1.00 14.00 ? 82  TYR B CD2 1 
ATOM   1258 C CE1 . TYR B 2 82  ? 2.021   -21.103 -1.933  1.00 14.00 ? 82  TYR B CE1 1 
ATOM   1259 C CE2 . TYR B 2 82  ? 3.449   -22.286 -3.413  1.00 14.00 ? 82  TYR B CE2 1 
ATOM   1260 C CZ  . TYR B 2 82  ? 2.284   -22.205 -2.682  1.00 14.00 ? 82  TYR B CZ  1 
ATOM   1261 O OH  . TYR B 2 82  ? 1.356   -23.208 -2.687  1.00 14.00 ? 82  TYR B OH  1 
ATOM   1262 N N   . ALA B 2 83  ? 5.332   -17.054 -0.080  1.00 14.20 ? 83  ALA B N   1 
ATOM   1263 C CA  . ALA B 2 83  ? 4.758   -16.483 1.122   1.00 14.20 ? 83  ALA B CA  1 
ATOM   1264 C C   . ALA B 2 83  ? 3.238   -16.501 1.031   1.00 14.20 ? 83  ALA B C   1 
ATOM   1265 O O   . ALA B 2 83  ? 2.691   -16.331 -0.045  1.00 14.20 ? 83  ALA B O   1 
ATOM   1266 C CB  . ALA B 2 83  ? 5.245   -15.077 1.285   1.00 10.00 ? 83  ALA B CB  1 
ATOM   1267 N N   . VAL B 2 84  ? 2.560   -16.747 2.144   1.00 14.90 ? 84  VAL B N   1 
ATOM   1268 C CA  . VAL B 2 84  ? 1.107   -16.748 2.181   1.00 14.90 ? 84  VAL B CA  1 
ATOM   1269 C C   . VAL B 2 84  ? 0.689   -15.934 3.416   1.00 14.90 ? 84  VAL B C   1 
ATOM   1270 O O   . VAL B 2 84  ? 1.207   -16.128 4.532   1.00 14.90 ? 84  VAL B O   1 
ATOM   1271 C CB  . VAL B 2 84  ? 0.516   -18.175 2.153   1.00 15.10 ? 84  VAL B CB  1 
ATOM   1272 C CG1 . VAL B 2 84  ? 1.607   -19.192 2.340   1.00 15.10 ? 84  VAL B CG1 1 
ATOM   1273 C CG2 . VAL B 2 84  ? -0.560  -18.346 3.194   1.00 15.10 ? 84  VAL B CG2 1 
ATOM   1274 N N   . ALA B 2 85  ? -0.179  -14.955 3.175   1.00 18.90 ? 85  ALA B N   1 
ATOM   1275 C CA  . ALA B 2 85  ? -0.643  -14.035 4.198   1.00 18.90 ? 85  ALA B CA  1 
ATOM   1276 C C   . ALA B 2 85  ? -1.645  -14.613 5.160   1.00 18.90 ? 85  ALA B C   1 
ATOM   1277 O O   . ALA B 2 85  ? -2.739  -15.026 4.760   1.00 18.90 ? 85  ALA B O   1 
ATOM   1278 C CB  . ALA B 2 85  ? -1.219  -12.772 3.543   1.00 15.20 ? 85  ALA B CB  1 
ATOM   1279 N N   . LEU B 2 86  ? -1.253  -14.658 6.430   1.00 22.90 ? 86  LEU B N   1 
ATOM   1280 C CA  . LEU B 2 86  ? -2.124  -15.135 7.491   1.00 22.90 ? 86  LEU B CA  1 
ATOM   1281 C C   . LEU B 2 86  ? -2.846  -13.930 8.062   1.00 22.90 ? 86  LEU B C   1 
ATOM   1282 O O   . LEU B 2 86  ? -4.074  -13.874 8.094   1.00 22.90 ? 86  LEU B O   1 
ATOM   1283 C CB  . LEU B 2 86  ? -1.304  -15.793 8.585   1.00 27.00 ? 86  LEU B CB  1 
ATOM   1284 C CG  . LEU B 2 86  ? -0.584  -17.040 8.110   1.00 27.00 ? 86  LEU B CG  1 
ATOM   1285 C CD1 . LEU B 2 86  ? 0.456   -17.436 9.148   1.00 27.00 ? 86  LEU B CD1 1 
ATOM   1286 C CD2 . LEU B 2 86  ? -1.610  -18.132 7.845   1.00 27.00 ? 86  LEU B CD2 1 
ATOM   1287 N N   . SER B 2 87  ? -2.072  -12.958 8.510   1.00 23.40 ? 87  SER B N   1 
ATOM   1288 C CA  . SER B 2 87  ? -2.638  -11.746 9.067   1.00 23.40 ? 87  SER B CA  1 
ATOM   1289 C C   . SER B 2 87  ? -2.161  -10.568 8.242   1.00 23.40 ? 87  SER B C   1 
ATOM   1290 O O   . SER B 2 87  ? -1.041  -10.560 7.734   1.00 23.40 ? 87  SER B O   1 
ATOM   1291 C CB  . SER B 2 87  ? -2.171  -11.584 10.508  1.00 22.80 ? 87  SER B CB  1 
ATOM   1292 O OG  . SER B 2 87  ? -2.375  -12.788 11.228  1.00 22.80 ? 87  SER B OG  1 
ATOM   1293 N N   . CYS B 2 88  ? -3.040  -9.610  8.029   1.00 25.50 ? 88  CYS B N   1 
ATOM   1294 C CA  . CYS B 2 88  ? -2.659  -8.416  7.298   1.00 25.50 ? 88  CYS B CA  1 
ATOM   1295 C C   . CYS B 2 88  ? -2.910  -7.308  8.300   1.00 25.50 ? 88  CYS B C   1 
ATOM   1296 O O   . CYS B 2 88  ? -3.718  -7.470  9.218   1.00 25.50 ? 88  CYS B O   1 
ATOM   1297 C CB  . CYS B 2 88  ? -3.517  -8.209  6.052   1.00 22.60 ? 88  CYS B CB  1 
ATOM   1298 S SG  . CYS B 2 88  ? -3.309  -9.476  4.762   1.00 22.60 ? 88  CYS B SG  1 
ATOM   1299 N N   . GLN B 2 89  ? -2.129  -6.243  8.200   1.00 22.80 ? 89  GLN B N   1 
ATOM   1300 C CA  . GLN B 2 89  ? -2.261  -5.106  9.082   1.00 22.80 ? 89  GLN B CA  1 
ATOM   1301 C C   . GLN B 2 89  ? -1.929  -3.856  8.311   1.00 22.80 ? 89  GLN B C   1 
ATOM   1302 O O   . GLN B 2 89  ? -1.274  -3.871  7.262   1.00 22.80 ? 89  GLN B O   1 
ATOM   1303 C CB  . GLN B 2 89  ? -1.343  -5.210  10.301  1.00 36.60 ? 89  GLN B CB  1 
ATOM   1304 C CG  . GLN B 2 89  ? 0.086   -4.767  10.054  1.00 36.60 ? 89  GLN B CG  1 
ATOM   1305 C CD  . GLN B 2 89  ? 0.828   -4.465  11.339  1.00 36.60 ? 89  GLN B CD  1 
ATOM   1306 O OE1 . GLN B 2 89  ? 2.057   -4.555  11.383  1.00 36.60 ? 89  GLN B OE1 1 
ATOM   1307 N NE2 . GLN B 2 89  ? 0.092   -4.074  12.392  1.00 36.60 ? 89  GLN B NE2 1 
ATOM   1308 N N   . CYS B 2 90  ? -2.280  -2.752  8.928   1.00 12.00 ? 90  CYS B N   1 
ATOM   1309 C CA  . CYS B 2 90  ? -2.118  -1.470  8.316   1.00 12.00 ? 90  CYS B CA  1 
ATOM   1310 C C   . CYS B 2 90  ? -0.983  -0.744  9.029   1.00 12.00 ? 90  CYS B C   1 
ATOM   1311 O O   . CYS B 2 90  ? -1.137  -0.279  10.153  1.00 12.00 ? 90  CYS B O   1 
ATOM   1312 C CB  . CYS B 2 90  ? -3.456  -0.793  8.488   1.00 19.40 ? 90  CYS B CB  1 
ATOM   1313 S SG  . CYS B 2 90  ? -3.653  0.626   7.428   1.00 19.40 ? 90  CYS B SG  1 
ATOM   1314 N N   . ALA B 2 91  ? 0.178   -0.716  8.399   1.00 10.00 ? 91  ALA B N   1 
ATOM   1315 C CA  . ALA B 2 91  ? 1.334   -0.088  9.003   1.00 10.00 ? 91  ALA B CA  1 
ATOM   1316 C C   . ALA B 2 91  ? 2.162   0.572   7.930   1.00 10.00 ? 91  ALA B C   1 
ATOM   1317 O O   . ALA B 2 91  ? 1.852   0.461   6.758   1.00 10.00 ? 91  ALA B O   1 
ATOM   1318 C CB  . ALA B 2 91  ? 2.143   -1.117  9.721   1.00 10.00 ? 91  ALA B CB  1 
ATOM   1319 N N   . LEU B 2 92  ? 3.237   1.240   8.316   1.00 13.30 ? 92  LEU B N   1 
ATOM   1320 C CA  . LEU B 2 92  ? 4.063   1.927   7.325   1.00 13.30 ? 92  LEU B CA  1 
ATOM   1321 C C   . LEU B 2 92  ? 4.871   0.997   6.469   1.00 13.30 ? 92  LEU B C   1 
ATOM   1322 O O   . LEU B 2 92  ? 5.100   -0.150  6.812   1.00 13.30 ? 92  LEU B O   1 
ATOM   1323 C CB  . LEU B 2 92  ? 4.991   2.955   7.969   1.00 17.50 ? 92  LEU B CB  1 
ATOM   1324 C CG  . LEU B 2 92  ? 5.669   2.477   9.242   1.00 17.50 ? 92  LEU B CG  1 
ATOM   1325 C CD1 . LEU B 2 92  ? 7.074   1.997   8.925   1.00 17.50 ? 92  LEU B CD1 1 
ATOM   1326 C CD2 . LEU B 2 92  ? 5.663   3.607   10.260  1.00 17.50 ? 92  LEU B CD2 1 
ATOM   1327 N N   . CYS B 2 93  ? 5.313   1.511   5.340   1.00 18.60 ? 93  CYS B N   1 
ATOM   1328 C CA  . CYS B 2 93  ? 6.110   0.738   4.407   1.00 18.60 ? 93  CYS B CA  1 
ATOM   1329 C C   . CYS B 2 93  ? 7.581   0.945   4.770   1.00 18.60 ? 93  CYS B C   1 
ATOM   1330 O O   . CYS B 2 93  ? 8.142   2.002   4.476   1.00 18.60 ? 93  CYS B O   1 
ATOM   1331 C CB  . CYS B 2 93  ? 5.819   1.264   3.010   1.00 10.00 ? 93  CYS B CB  1 
ATOM   1332 S SG  . CYS B 2 93  ? 6.232   0.157   1.650   1.00 10.00 ? 93  CYS B SG  1 
ATOM   1333 N N   . ARG B 2 94  ? 8.183   -0.005  5.485   1.00 33.80 ? 94  ARG B N   1 
ATOM   1334 C CA  . ARG B 2 94  ? 9.591   0.131   5.858   1.00 33.80 ? 94  ARG B CA  1 
ATOM   1335 C C   . ARG B 2 94  ? 10.447  -0.137  4.627   1.00 33.80 ? 94  ARG B C   1 
ATOM   1336 O O   . ARG B 2 94  ? 10.613  -1.286  4.238   1.00 33.80 ? 94  ARG B O   1 
ATOM   1337 C CB  . ARG B 2 94  ? 9.977   -0.820  7.006   1.00 47.50 ? 94  ARG B CB  1 
ATOM   1338 C CG  . ARG B 2 94  ? 10.118  -0.155  8.410   1.00 47.50 ? 94  ARG B CG  1 
ATOM   1339 C CD  . ARG B 2 94  ? 10.961  1.172   8.430   1.00 47.50 ? 94  ARG B CD  1 
ATOM   1340 N NE  . ARG B 2 94  ? 12.262  1.116   7.737   1.00 47.50 ? 94  ARG B NE  1 
ATOM   1341 C CZ  . ARG B 2 94  ? 13.207  2.059   7.816   1.00 47.50 ? 94  ARG B CZ  1 
ATOM   1342 N NH1 . ARG B 2 94  ? 13.015  3.134   8.575   1.00 47.50 ? 94  ARG B NH1 1 
ATOM   1343 N NH2 . ARG B 2 94  ? 14.333  1.952   7.109   1.00 47.50 ? 94  ARG B NH2 1 
ATOM   1344 N N   . ARG B 2 95  ? 11.054  0.915   4.077   1.00 38.30 ? 95  ARG B N   1 
ATOM   1345 C CA  . ARG B 2 95  ? 11.868  0.824   2.855   1.00 38.30 ? 95  ARG B CA  1 
ATOM   1346 C C   . ARG B 2 95  ? 13.106  -0.086  2.848   1.00 38.30 ? 95  ARG B C   1 
ATOM   1347 O O   . ARG B 2 95  ? 13.761  -0.246  1.812   1.00 38.30 ? 95  ARG B O   1 
ATOM   1348 C CB  . ARG B 2 95  ? 12.209  2.232   2.321   1.00 57.10 ? 95  ARG B CB  1 
ATOM   1349 C CG  . ARG B 2 95  ? 11.245  2.688   1.213   1.00 57.10 ? 95  ARG B CG  1 
ATOM   1350 C CD  . ARG B 2 95  ? 11.502  4.102   0.666   1.00 57.10 ? 95  ARG B CD  1 
ATOM   1351 N NE  . ARG B 2 95  ? 10.717  4.352   -0.552  1.00 57.10 ? 95  ARG B NE  1 
ATOM   1352 C CZ  . ARG B 2 95  ? 10.275  5.550   -0.963  1.00 57.10 ? 95  ARG B CZ  1 
ATOM   1353 N NH1 . ARG B 2 95  ? 10.528  6.658   -0.258  1.00 57.10 ? 95  ARG B NH1 1 
ATOM   1354 N NH2 . ARG B 2 95  ? 9.558   5.640   -2.088  1.00 57.10 ? 95  ARG B NH2 1 
ATOM   1355 N N   . SER B 2 96  ? 13.374  -0.741  3.973   1.00 32.90 ? 96  SER B N   1 
ATOM   1356 C CA  . SER B 2 96  ? 14.516  -1.640  4.078   1.00 32.90 ? 96  SER B CA  1 
ATOM   1357 C C   . SER B 2 96  ? 14.181  -2.979  3.431   1.00 32.90 ? 96  SER B C   1 
ATOM   1358 O O   . SER B 2 96  ? 14.935  -3.459  2.595   1.00 32.90 ? 96  SER B O   1 
ATOM   1359 C CB  . SER B 2 96  ? 14.905  -1.837  5.542   1.00 40.90 ? 96  SER B CB  1 
ATOM   1360 O OG  . SER B 2 96  ? 14.952  -0.587  6.223   1.00 40.90 ? 96  SER B OG  1 
ATOM   1361 N N   . THR B 2 97  ? 13.044  -3.565  3.801   1.00 27.10 ? 97  THR B N   1 
ATOM   1362 C CA  . THR B 2 97  ? 12.645  -4.844  3.234   1.00 27.10 ? 97  THR B CA  1 
ATOM   1363 C C   . THR B 2 97  ? 11.646  -4.687  2.098   1.00 27.10 ? 97  THR B C   1 
ATOM   1364 O O   . THR B 2 97  ? 11.710  -5.417  1.116   1.00 27.10 ? 97  THR B O   1 
ATOM   1365 C CB  . THR B 2 97  ? 12.005  -5.776  4.293   1.00 29.10 ? 97  THR B CB  1 
ATOM   1366 O OG1 . THR B 2 97  ? 10.596  -5.528  4.383   1.00 29.10 ? 97  THR B OG1 1 
ATOM   1367 C CG2 . THR B 2 97  ? 12.625  -5.545  5.656   1.00 29.10 ? 97  THR B CG2 1 
ATOM   1368 N N   . THR B 2 98  ? 10.745  -3.722  2.218   1.00 17.50 ? 98  THR B N   1 
ATOM   1369 C CA  . THR B 2 98  ? 9.704   -3.509  1.224   1.00 17.50 ? 98  THR B CA  1 
ATOM   1370 C C   . THR B 2 98  ? 9.973   -2.523  0.114   1.00 17.50 ? 98  THR B C   1 
ATOM   1371 O O   . THR B 2 98  ? 10.620  -1.507  0.307   1.00 17.50 ? 98  THR B O   1 
ATOM   1372 C CB  . THR B 2 98  ? 8.446   -3.040  1.897   1.00 24.00 ? 98  THR B CB  1 
ATOM   1373 O OG1 . THR B 2 98  ? 8.238   -3.801  3.099   1.00 24.00 ? 98  THR B OG1 1 
ATOM   1374 C CG2 . THR B 2 98  ? 7.268   -3.196  0.953   1.00 24.00 ? 98  THR B CG2 1 
ATOM   1375 N N   . ASP B 2 99  ? 9.449   -2.819  -1.058  1.00 11.40 ? 99  ASP B N   1 
ATOM   1376 C CA  . ASP B 2 99  ? 9.605   -1.942  -2.189  1.00 11.40 ? 99  ASP B CA  1 
ATOM   1377 C C   . ASP B 2 99  ? 8.393   -1.053  -2.187  1.00 11.40 ? 99  ASP B C   1 
ATOM   1378 O O   . ASP B 2 99  ? 7.352   -1.424  -2.716  1.00 11.40 ? 99  ASP B O   1 
ATOM   1379 C CB  . ASP B 2 99  ? 9.593   -2.733  -3.467  1.00 14.20 ? 99  ASP B CB  1 
ATOM   1380 C CG  . ASP B 2 99  ? 9.525   -1.855  -4.654  1.00 14.20 ? 99  ASP B CG  1 
ATOM   1381 O OD1 . ASP B 2 99  ? 10.107  -0.762  -4.557  1.00 14.20 ? 99  ASP B OD1 1 
ATOM   1382 O OD2 . ASP B 2 99  ? 8.891   -2.236  -5.664  1.00 14.20 ? 99  ASP B OD2 1 
ATOM   1383 N N   . CYS B 2 100 ? 8.526   0.115   -1.581  1.00 14.60 ? 100 CYS B N   1 
ATOM   1384 C CA  . CYS B 2 100 ? 7.429   1.063   -1.461  1.00 14.60 ? 100 CYS B CA  1 
ATOM   1385 C C   . CYS B 2 100 ? 7.192   1.915   -2.681  1.00 14.60 ? 100 CYS B C   1 
ATOM   1386 O O   . CYS B 2 100 ? 7.853   2.943   -2.877  1.00 14.60 ? 100 CYS B O   1 
ATOM   1387 C CB  . CYS B 2 100 ? 7.681   1.923   -0.255  1.00 10.00 ? 100 CYS B CB  1 
ATOM   1388 S SG  . CYS B 2 100 ? 8.056   0.805   1.114   1.00 10.00 ? 100 CYS B SG  1 
ATOM   1389 N N   . GLY B 2 101 ? 6.201   1.506   -3.462  1.00 13.30 ? 101 GLY B N   1 
ATOM   1390 C CA  . GLY B 2 101 ? 5.866   2.208   -4.678  1.00 13.30 ? 101 GLY B CA  1 
ATOM   1391 C C   . GLY B 2 101 ? 4.377   2.331   -4.894  1.00 13.30 ? 101 GLY B C   1 
ATOM   1392 O O   . GLY B 2 101 ? 3.579   2.094   -3.995  1.00 13.30 ? 101 GLY B O   1 
ATOM   1393 N N   . GLY B 2 102 ? 4.016   2.771   -6.088  1.00 10.50 ? 102 GLY B N   1 
ATOM   1394 C CA  . GLY B 2 102 ? 2.631   2.953   -6.430  1.00 10.50 ? 102 GLY B CA  1 
ATOM   1395 C C   . GLY B 2 102 ? 2.134   1.774   -7.229  1.00 10.50 ? 102 GLY B C   1 
ATOM   1396 O O   . GLY B 2 102 ? 2.884   0.814   -7.460  1.00 10.50 ? 102 GLY B O   1 
ATOM   1397 N N   . PRO B 2 103 ? 0.888   1.865   -7.710  1.00 11.50 ? 103 PRO B N   1 
ATOM   1398 C CA  . PRO B 2 103 ? 0.120   0.913   -8.501  1.00 11.50 ? 103 PRO B CA  1 
ATOM   1399 C C   . PRO B 2 103 ? 0.649   0.593   -9.861  1.00 11.50 ? 103 PRO B C   1 
ATOM   1400 O O   . PRO B 2 103 ? 0.738   1.450   -10.736 1.00 11.50 ? 103 PRO B O   1 
ATOM   1401 C CB  . PRO B 2 103 ? -1.231  1.597   -8.613  1.00 10.00 ? 103 PRO B CB  1 
ATOM   1402 C CG  . PRO B 2 103 ? -0.866  3.005   -8.678  1.00 10.00 ? 103 PRO B CG  1 
ATOM   1403 C CD  . PRO B 2 103 ? 0.120   3.102   -7.554  1.00 10.00 ? 103 PRO B CD  1 
ATOM   1404 N N   . LYS B 2 104 ? 1.001   -0.666  -10.026 1.00 26.50 ? 104 LYS B N   1 
ATOM   1405 C CA  . LYS B 2 104 ? 1.468   -1.189  -11.285 1.00 26.50 ? 104 LYS B CA  1 
ATOM   1406 C C   . LYS B 2 104 ? 0.215   -1.985  -11.579 1.00 26.50 ? 104 LYS B C   1 
ATOM   1407 O O   . LYS B 2 104 ? -0.298  -2.657  -10.687 1.00 26.50 ? 104 LYS B O   1 
ATOM   1408 C CB  . LYS B 2 104 ? 2.619   -2.161  -11.047 1.00 40.90 ? 104 LYS B CB  1 
ATOM   1409 C CG  . LYS B 2 104 ? 3.344   -2.012  -9.707  1.00 40.90 ? 104 LYS B CG  1 
ATOM   1410 C CD  . LYS B 2 104 ? 4.724   -1.388  -9.897  1.00 20.00 ? 104 LYS B CD  1 
ATOM   1411 C CE  . LYS B 2 104 ? 5.762   -1.927  -8.871  1.00 20.00 ? 104 LYS B CE  1 
ATOM   1412 N NZ  . LYS B 2 104 ? 5.846   -1.193  -7.535  1.00 20.00 ? 104 LYS B NZ  1 
ATOM   1413 N N   . ASP B 2 105 ? -0.332  -1.913  -12.780 1.00 41.20 ? 105 ASP B N   1 
ATOM   1414 C CA  . ASP B 2 105 ? -1.544  -2.685  -12.997 1.00 41.20 ? 105 ASP B CA  1 
ATOM   1415 C C   . ASP B 2 105 ? -1.399  -4.186  -13.216 1.00 41.20 ? 105 ASP B C   1 
ATOM   1416 O O   . ASP B 2 105 ? -0.842  -4.664  -14.206 1.00 41.20 ? 105 ASP B O   1 
ATOM   1417 C CB  . ASP B 2 105 ? -2.492  -2.012  -13.991 1.00 55.70 ? 105 ASP B CB  1 
ATOM   1418 C CG  . ASP B 2 105 ? -3.515  -1.116  -13.286 1.00 55.70 ? 105 ASP B CG  1 
ATOM   1419 O OD1 . ASP B 2 105 ? -3.096  -0.275  -12.451 1.00 55.70 ? 105 ASP B OD1 1 
ATOM   1420 O OD2 . ASP B 2 105 ? -4.734  -1.280  -13.533 1.00 55.70 ? 105 ASP B OD2 1 
ATOM   1421 N N   . HIS B 2 106 ? -1.842  -4.902  -12.186 1.00 49.70 ? 106 HIS B N   1 
ATOM   1422 C CA  . HIS B 2 106 ? -1.832  -6.360  -12.112 1.00 49.70 ? 106 HIS B CA  1 
ATOM   1423 C C   . HIS B 2 106 ? -0.567  -7.107  -12.586 1.00 49.70 ? 106 HIS B C   1 
ATOM   1424 O O   . HIS B 2 106 ? -0.564  -7.789  -13.608 1.00 49.70 ? 106 HIS B O   1 
ATOM   1425 C CB  . HIS B 2 106 ? -3.128  -6.929  -12.716 1.00 43.10 ? 106 HIS B CB  1 
ATOM   1426 C CG  . HIS B 2 106 ? -4.198  -7.206  -11.694 1.00 43.10 ? 106 HIS B CG  1 
ATOM   1427 N ND1 . HIS B 2 106 ? -4.013  -7.001  -10.343 1.00 43.10 ? 106 HIS B ND1 1 
ATOM   1428 C CD2 . HIS B 2 106 ? -5.430  -7.756  -11.822 1.00 43.10 ? 106 HIS B CD2 1 
ATOM   1429 C CE1 . HIS B 2 106 ? -5.077  -7.421  -9.682  1.00 43.10 ? 106 HIS B CE1 1 
ATOM   1430 N NE2 . HIS B 2 106 ? -5.952  -7.886  -10.556 1.00 43.10 ? 106 HIS B NE2 1 
ATOM   1431 N N   . PRO B 2 107 ? 0.496   -7.052  -11.760 1.00 44.20 ? 107 PRO B N   1 
ATOM   1432 C CA  . PRO B 2 107 ? 1.822   -7.657  -11.944 1.00 44.20 ? 107 PRO B CA  1 
ATOM   1433 C C   . PRO B 2 107 ? 1.905   -9.137  -11.571 1.00 44.20 ? 107 PRO B C   1 
ATOM   1434 O O   . PRO B 2 107 ? 2.930   -9.782  -11.800 1.00 44.20 ? 107 PRO B O   1 
ATOM   1435 C CB  . PRO B 2 107 ? 2.671   -6.846  -10.982 1.00 42.80 ? 107 PRO B CB  1 
ATOM   1436 C CG  . PRO B 2 107 ? 1.732   -6.718  -9.810  1.00 42.80 ? 107 PRO B CG  1 
ATOM   1437 C CD  . PRO B 2 107 ? 0.438   -6.320  -10.479 1.00 42.80 ? 107 PRO B CD  1 
ATOM   1438 N N   . LEU B 2 108 ? 0.859   -9.655  -10.940 1.00 39.40 ? 108 LEU B N   1 
ATOM   1439 C CA  . LEU B 2 108 ? 0.841   -11.043 -10.526 1.00 39.40 ? 108 LEU B CA  1 
ATOM   1440 C C   . LEU B 2 108 ? 0.518   -11.894 -11.742 1.00 39.40 ? 108 LEU B C   1 
ATOM   1441 O O   . LEU B 2 108 ? -0.633  -12.255 -11.941 1.00 39.40 ? 108 LEU B O   1 
ATOM   1442 C CB  . LEU B 2 108 ? -0.242  -11.236 -9.482  1.00 28.90 ? 108 LEU B CB  1 
ATOM   1443 C CG  . LEU B 2 108 ? -0.288  -10.117 -8.456  1.00 28.90 ? 108 LEU B CG  1 
ATOM   1444 C CD1 . LEU B 2 108 ? -1.454  -10.317 -7.481  1.00 28.90 ? 108 LEU B CD1 1 
ATOM   1445 C CD2 . LEU B 2 108 ? 1.048   -10.067 -7.740  1.00 28.90 ? 108 LEU B CD2 1 
ATOM   1446 N N   . THR B 2 109 ? 1.510   -12.207 -12.569 1.00 42.90 ? 109 THR B N   1 
ATOM   1447 C CA  . THR B 2 109 ? 1.240   -13.008 -13.760 1.00 42.90 ? 109 THR B CA  1 
ATOM   1448 C C   . THR B 2 109 ? 2.471   -13.612 -14.484 1.00 42.90 ? 109 THR B C   1 
ATOM   1449 O O   . THR B 2 109 ? 3.561   -13.015 -14.523 1.00 42.90 ? 109 THR B O   1 
ATOM   1450 C CB  . THR B 2 109 ? 0.380   -12.181 -14.748 1.00 43.10 ? 109 THR B CB  1 
ATOM   1451 O OG1 . THR B 2 109 ? 0.058   -12.977 -15.892 1.00 43.10 ? 109 THR B OG1 1 
ATOM   1452 C CG2 . THR B 2 109 ? 1.117   -10.897 -15.171 1.00 43.10 ? 109 THR B CG2 1 
ATOM   1453 N N   . CYS B 2 110 ? 2.310   -14.837 -14.982 1.00 50.00 ? 110 CYS B N   1 
ATOM   1454 C CA  . CYS B 2 110 ? 3.389   -15.507 -15.705 1.00 50.00 ? 110 CYS B CA  1 
ATOM   1455 C C   . CYS B 2 110 ? 3.469   -14.822 -17.075 1.00 50.00 ? 110 CYS B C   1 
ATOM   1456 O O   . CYS B 2 110 ? 2.514   -14.165 -17.495 1.00 50.00 ? 110 CYS B O   1 
ATOM   1457 C CB  . CYS B 2 110 ? 3.088   -17.003 -15.899 1.00 37.50 ? 110 CYS B CB  1 
ATOM   1458 S SG  . CYS B 2 110 ? 3.328   -18.118 -14.470 1.00 37.50 ? 110 CYS B SG  1 
ATOM   1459 N N   . ASP B 2 111 ? 4.580   -15.035 -17.781 1.00 50.00 ? 111 ASP B N   1 
ATOM   1460 C CA  . ASP B 2 111 ? 4.817   -14.449 -19.105 1.00 50.00 ? 111 ASP B CA  1 
ATOM   1461 C C   . ASP B 2 111 ? 4.976   -12.929 -18.958 1.00 50.00 ? 111 ASP B C   1 
ATOM   1462 O O   . ASP B 2 111 ? 6.131   -12.520 -18.650 1.00 50.00 ? 111 ASP B O   1 
ATOM   1463 C CB  . ASP B 2 111 ? 3.695   -14.814 -20.101 1.00 63.20 ? 111 ASP B CB  1 
ATOM   1464 C CG  . ASP B 2 111 ? 4.021   -14.406 -21.543 1.00 63.20 ? 111 ASP B CG  1 
ATOM   1465 O OD1 . ASP B 2 111 ? 5.049   -14.884 -22.093 1.00 63.20 ? 111 ASP B OD1 1 
ATOM   1466 O OD2 . ASP B 2 111 ? 3.226   -13.635 -22.140 1.00 63.20 ? 111 ASP B OD2 1 
HETATM 1467 C C1  . NAG C 3 .   ? -10.835 27.094  4.036   1.00 31.90 ? 1   NAG C C1  1 
HETATM 1468 C C2  . NAG C 3 .   ? -11.244 28.547  4.243   1.00 31.90 ? 1   NAG C C2  1 
HETATM 1469 C C3  . NAG C 3 .   ? -12.749 28.611  4.413   1.00 31.90 ? 1   NAG C C3  1 
HETATM 1470 C C4  . NAG C 3 .   ? -13.488 27.903  3.266   1.00 31.90 ? 1   NAG C C4  1 
HETATM 1471 C C5  . NAG C 3 .   ? -12.883 26.533  2.963   1.00 31.90 ? 1   NAG C C5  1 
HETATM 1472 C C6  . NAG C 3 .   ? -13.421 25.884  1.700   1.00 31.90 ? 1   NAG C C6  1 
HETATM 1473 C C7  . NAG C 3 .   ? -9.956  30.280  5.323   1.00 31.90 ? 1   NAG C C7  1 
HETATM 1474 C C8  . NAG C 3 .   ? -9.341  30.817  6.605   1.00 31.90 ? 1   NAG C C8  1 
HETATM 1475 N N2  . NAG C 3 .   ? -10.609 29.122  5.416   1.00 31.90 ? 1   NAG C N2  1 
HETATM 1476 O O3  . NAG C 3 .   ? -13.161 29.971  4.484   1.00 31.90 ? 1   NAG C O3  1 
HETATM 1477 O O4  . NAG C 3 .   ? -14.840 27.703  3.690   1.00 31.90 ? 1   NAG C O4  1 
HETATM 1478 O O5  . NAG C 3 .   ? -11.446 26.619  2.835   1.00 31.90 ? 1   NAG C O5  1 
HETATM 1479 O O6  . NAG C 3 .   ? -13.792 26.843  0.713   1.00 31.90 ? 1   NAG C O6  1 
HETATM 1480 O O7  . NAG C 3 .   ? -9.812  30.878  4.252   1.00 31.90 ? 1   NAG C O7  1 
HETATM 1481 C C1  . NAG C 3 .   ? -15.844 27.613  2.751   1.00 53.60 ? 2   NAG C C1  1 
HETATM 1482 C C2  . NAG C 3 .   ? -16.474 26.195  2.833   1.00 53.60 ? 2   NAG C C2  1 
HETATM 1483 C C3  . NAG C 3 .   ? -17.872 26.280  3.476   1.00 53.60 ? 2   NAG C C3  1 
HETATM 1484 C C4  . NAG C 3 .   ? -18.772 27.253  2.685   1.00 53.60 ? 2   NAG C C4  1 
HETATM 1485 C C5  . NAG C 3 .   ? -18.031 28.560  2.358   1.00 53.60 ? 2   NAG C C5  1 
HETATM 1486 C C6  . NAG C 3 .   ? -18.850 29.773  2.759   1.00 53.60 ? 2   NAG C C6  1 
HETATM 1487 C C7  . NAG C 3 .   ? -17.059 24.361  1.305   1.00 53.60 ? 2   NAG C C7  1 
HETATM 1488 C C8  . NAG C 3 .   ? -17.037 23.859  -0.129  1.00 53.60 ? 2   NAG C C8  1 
HETATM 1489 N N2  . NAG C 3 .   ? -16.535 25.579  1.506   1.00 53.60 ? 2   NAG C N2  1 
HETATM 1490 O O3  . NAG C 3 .   ? -17.763 26.710  4.830   1.00 53.60 ? 2   NAG C O3  1 
HETATM 1491 O O4  . NAG C 3 .   ? -19.206 26.644  1.471   1.00 53.60 ? 2   NAG C O4  1 
HETATM 1492 O O5  . NAG C 3 .   ? -16.795 28.639  3.094   1.00 53.60 ? 2   NAG C O5  1 
HETATM 1493 O O6  . NAG C 3 .   ? -19.080 29.801  4.164   1.00 53.60 ? 2   NAG C O6  1 
HETATM 1494 O O7  . NAG C 3 .   ? -17.566 23.674  2.203   1.00 53.60 ? 2   NAG C O7  1 
HETATM 1495 C C1  . NAG D 3 .   ? 10.226  -10.644 3.705   1.00 34.10 ? 1   NAG D C1  1 
HETATM 1496 C C2  . NAG D 3 .   ? 9.328   -11.694 4.353   1.00 34.10 ? 1   NAG D C2  1 
HETATM 1497 C C3  . NAG D 3 .   ? 9.321   -11.546 5.866   1.00 34.10 ? 1   NAG D C3  1 
HETATM 1498 C C4  . NAG D 3 .   ? 10.727  -11.360 6.409   1.00 34.10 ? 1   NAG D C4  1 
HETATM 1499 C C5  . NAG D 3 .   ? 11.493  -10.303 5.650   1.00 34.10 ? 1   NAG D C5  1 
HETATM 1500 C C6  . NAG D 3 .   ? 12.929  -10.188 6.140   1.00 34.10 ? 1   NAG D C6  1 
HETATM 1501 C C7  . NAG D 3 .   ? 7.510   -12.157 2.816   1.00 34.10 ? 1   NAG D C7  1 
HETATM 1502 C C8  . NAG D 3 .   ? 6.078   -11.840 2.436   1.00 34.10 ? 1   NAG D C8  1 
HETATM 1503 N N2  . NAG D 3 .   ? 7.973   -11.505 3.877   1.00 34.10 ? 1   NAG D N2  1 
HETATM 1504 O O3  . NAG D 3 .   ? 8.745   -12.714 6.438   1.00 34.10 ? 1   NAG D O3  1 
HETATM 1505 O O4  . NAG D 3 .   ? 10.673  -10.983 7.789   1.00 34.10 ? 1   NAG D O4  1 
HETATM 1506 O O5  . NAG D 3 .   ? 11.529  -10.654 4.266   1.00 34.10 ? 1   NAG D O5  1 
HETATM 1507 O O6  . NAG D 3 .   ? 13.507  -11.471 6.371   1.00 34.10 ? 1   NAG D O6  1 
HETATM 1508 O O7  . NAG D 3 .   ? 8.170   -12.960 2.176   1.00 34.10 ? 1   NAG D O7  1 
HETATM 1509 C C1  . NAG D 3 .   ? 11.142  -11.968 8.628   1.00 68.70 ? 2   NAG D C1  1 
HETATM 1510 C C2  . NAG D 3 .   ? 11.146  -11.492 10.081  1.00 68.70 ? 2   NAG D C2  1 
HETATM 1511 C C3  . NAG D 3 .   ? 11.538  -12.655 10.999  1.00 68.70 ? 2   NAG D C3  1 
HETATM 1512 C C4  . NAG D 3 .   ? 10.700  -13.925 10.694  1.00 68.70 ? 2   NAG D C4  1 
HETATM 1513 C C5  . NAG D 3 .   ? 10.733  -14.228 9.185   1.00 68.70 ? 2   NAG D C5  1 
HETATM 1514 C C6  . NAG D 3 .   ? 9.886   -15.403 8.723   1.00 68.70 ? 2   NAG D C6  1 
HETATM 1515 C C7  . NAG D 3 .   ? 11.815  -9.173  9.907   1.00 68.70 ? 2   NAG D C7  1 
HETATM 1516 C C8  . NAG D 3 .   ? 12.913  -8.142  10.133  1.00 68.70 ? 2   NAG D C8  1 
HETATM 1517 N N2  . NAG D 3 .   ? 12.111  -10.420 10.255  1.00 68.70 ? 2   NAG D N2  1 
HETATM 1518 O O3  . NAG D 3 .   ? 11.374  -12.264 12.361  1.00 68.70 ? 2   NAG D O3  1 
HETATM 1519 O O4  . NAG D 3 .   ? 11.221  -15.037 11.423  1.00 68.70 ? 2   NAG D O4  1 
HETATM 1520 O O5  . NAG D 3 .   ? 10.270  -13.084 8.460   1.00 68.70 ? 2   NAG D O5  1 
HETATM 1521 O O6  . NAG D 3 .   ? 9.919   -15.522 7.307   1.00 68.70 ? 2   NAG D O6  1 
HETATM 1522 O O7  . NAG D 3 .   ? 10.723  -8.848  9.445   1.00 68.70 ? 2   NAG D O7  1 
HETATM 1523 C C1  . NAG E 4 .   ? -9.908  -15.969 0.058   1.00 55.80 ? 146 NAG B C1  1 
HETATM 1524 C C2  . NAG E 4 .   ? -10.836 -15.367 -1.027  1.00 55.80 ? 146 NAG B C2  1 
HETATM 1525 C C3  . NAG E 4 .   ? -11.987 -16.340 -1.334  1.00 55.80 ? 146 NAG B C3  1 
HETATM 1526 C C4  . NAG E 4 .   ? -11.620 -17.745 -0.864  1.00 55.80 ? 146 NAG B C4  1 
HETATM 1527 C C5  . NAG E 4 .   ? -11.477 -17.729 0.663   1.00 55.80 ? 146 NAG B C5  1 
HETATM 1528 C C6  . NAG E 4 .   ? -10.819 -18.988 1.200   1.00 55.80 ? 146 NAG B C6  1 
HETATM 1529 C C7  . NAG E 4 .   ? -11.548 -13.074 -1.360  1.00 55.80 ? 146 NAG B C7  1 
HETATM 1530 C C8  . NAG E 4 .   ? -12.146 -11.824 -0.731  1.00 55.80 ? 146 NAG B C8  1 
HETATM 1531 N N2  . NAG E 4 .   ? -11.384 -14.111 -0.541  1.00 55.80 ? 146 NAG B N2  1 
HETATM 1532 O O3  . NAG E 4 .   ? -12.269 -16.352 -2.723  1.00 55.80 ? 146 NAG B O3  1 
HETATM 1533 O O4  . NAG E 4 .   ? -12.629 -18.669 -1.258  1.00 55.80 ? 146 NAG B O4  1 
HETATM 1534 O O5  . NAG E 4 .   ? -10.688 -16.588 1.110   1.00 55.80 ? 146 NAG B O5  1 
HETATM 1535 O O6  . NAG E 4 .   ? -11.599 -20.141 0.913   1.00 55.80 ? 146 NAG B O6  1 
HETATM 1536 O O7  . NAG E 4 .   ? -11.221 -13.092 -2.547  1.00 55.80 ? 146 NAG B O7  1 
HETATM 1537 C C1  . NAG F 4 .   ? -5.389  -20.509 -1.059  1.00 70.00 ? 147 NAG B C1  1 
HETATM 1538 C C2  . NAG F 4 .   ? -6.549  -20.584 -0.046  1.00 70.00 ? 147 NAG B C2  1 
HETATM 1539 C C3  . NAG F 4 .   ? -7.199  -21.973 -0.147  1.00 70.00 ? 147 NAG B C3  1 
HETATM 1540 C C4  . NAG F 4 .   ? -6.134  -23.029 -0.475  1.00 70.00 ? 147 NAG B C4  1 
HETATM 1541 C C5  . NAG F 4 .   ? -4.739  -22.586 0.023   1.00 70.00 ? 147 NAG B C5  1 
HETATM 1542 C C6  . NAG F 4 .   ? -3.653  -23.624 -0.223  1.00 70.00 ? 147 NAG B C6  1 
HETATM 1543 C C7  . NAG F 4 .   ? -6.753  -19.803 2.265   1.00 70.00 ? 147 NAG B C7  1 
HETATM 1544 C C8  . NAG F 4 .   ? -6.086  -19.687 3.639   1.00 70.00 ? 147 NAG B C8  1 
HETATM 1545 N N2  . NAG F 4 .   ? -6.027  -20.386 1.305   1.00 70.00 ? 147 NAG B N2  1 
HETATM 1546 O O3  . NAG F 4 .   ? -8.202  -21.979 -1.155  1.00 70.00 ? 147 NAG B O3  1 
HETATM 1547 O O4  . NAG F 4 .   ? -6.499  -24.262 0.131   1.00 70.00 ? 147 NAG B O4  1 
HETATM 1548 O O5  . NAG F 4 .   ? -4.303  -21.363 -0.638  1.00 70.00 ? 147 NAG B O5  1 
HETATM 1549 O O6  . NAG F 4 .   ? -3.942  -24.850 0.435   1.00 70.00 ? 147 NAG B O6  1 
HETATM 1550 O O7  . NAG F 4 .   ? -7.866  -19.312 2.061   1.00 70.00 ? 147 NAG B O7  1 
# 
